data_6K7O
#
_entry.id   6K7O
#
_cell.length_a   187.276
_cell.length_b   187.276
_cell.length_c   183.819
_cell.angle_alpha   90.00
_cell.angle_beta   90.00
_cell.angle_gamma   120.00
#
_symmetry.space_group_name_H-M   'P 62'
#
loop_
_entity.id
_entity.type
_entity.pdbx_description
1 polymer 'Leukocyte immunoglobulin-like receptor subfamily B member 4'
2 polymer 'h128-3 Fab heavy chain'
3 polymer 'h128-3 Fab light chain'
#
loop_
_entity_poly.entity_id
_entity_poly.type
_entity_poly.pdbx_seq_one_letter_code
_entity_poly.pdbx_strand_id
1 'polypeptide(L)'
;GPLPKPTLWAEPGSVISWGNSVTIWCQGTLEAREYRLDKEESPAPWDRQNPLEPKNKARFSIPSMTEDYAGRYRCYYRSP
VGWSQPSDPLELVMT
;
A,P,R,Q
2 'polypeptide(L)'
;EVQLLESGGGLVQPGGSLRLSCAASGIDFSNHYYMYWVRQAPGKGLEWIGSIFSGDSASTYYADSAKGRFTISRDNSKNT
LYLQMNSLRAEDTAVYYCARGMSTNDWASDLWGQGTLVTVSSASTKGPSVFPLAPSSKSTSGGTAALGCLVKDYFPEPVT
VSWNSGALTSGVHTFPAVLQSSGLYSLSSVVTVPSSSLGTQTYICNVNHKPSNTKVDKKVEPKSCDKT
;
B,D,F,H
3 'polypeptide(L)'
;DIQMTQSPSSLSASVGDRVTITCQASESINSIYLAWYQQKPGKAPKLLIYRASTLASGVPSRFSGSGSGTDFTLTISSLQ
PEDFATYYCQQSYDWGDVENTFGGGTKVEIKRTVAAPSVFIFPPSDEQLKSGTASVVCLLNNFYPREAKVQWKVDNALQS
GNSQESVTEQDSKDSTYSLSSTLTLSKADYEKHKVYACEVTHQGLSSPVTKSFNRGEC
;
C,E,G,L
#
# COMPACT_ATOMS: atom_id res chain seq x y z
N PRO A 2 -0.15 -34.95 -2.32
CA PRO A 2 -1.40 -35.51 -2.85
C PRO A 2 -2.03 -34.67 -3.97
N LEU A 3 -2.26 -33.37 -3.67
CA LEU A 3 -2.79 -32.40 -4.62
C LEU A 3 -4.15 -32.82 -5.16
N PRO A 4 -5.20 -32.76 -4.33
CA PRO A 4 -6.53 -33.19 -4.78
C PRO A 4 -6.93 -32.52 -6.08
N LYS A 5 -7.53 -33.31 -6.99
CA LYS A 5 -7.83 -32.81 -8.32
C LYS A 5 -9.07 -31.89 -8.29
N PRO A 6 -9.10 -30.89 -9.17
CA PRO A 6 -10.15 -29.87 -9.11
C PRO A 6 -11.49 -30.37 -9.62
N THR A 7 -12.55 -29.67 -9.19
CA THR A 7 -13.91 -29.92 -9.65
C THR A 7 -14.28 -28.84 -10.67
N LEU A 8 -14.70 -29.28 -11.86
CA LEU A 8 -14.94 -28.37 -12.98
C LEU A 8 -16.39 -28.50 -13.43
N TRP A 9 -17.09 -27.36 -13.49
CA TRP A 9 -18.48 -27.35 -13.92
C TRP A 9 -18.79 -26.01 -14.57
N ALA A 10 -19.90 -25.98 -15.31
CA ALA A 10 -20.36 -24.79 -16.01
C ALA A 10 -21.72 -24.36 -15.48
N GLU A 11 -22.05 -23.08 -15.67
CA GLU A 11 -23.34 -22.54 -15.28
C GLU A 11 -23.84 -21.64 -16.40
N PRO A 12 -25.15 -21.64 -16.68
CA PRO A 12 -26.19 -22.41 -15.99
C PRO A 12 -26.11 -23.91 -16.26
N GLY A 13 -25.58 -24.27 -17.43
CA GLY A 13 -25.45 -25.66 -17.79
C GLY A 13 -24.35 -25.86 -18.80
N SER A 14 -24.03 -27.14 -19.06
CA SER A 14 -22.99 -27.49 -20.01
C SER A 14 -23.46 -27.44 -21.45
N VAL A 15 -24.77 -27.37 -21.69
CA VAL A 15 -25.34 -27.24 -23.02
C VAL A 15 -25.99 -25.86 -23.12
N ILE A 16 -25.48 -25.03 -24.05
CA ILE A 16 -25.84 -23.61 -24.11
C ILE A 16 -26.14 -23.26 -25.56
N SER A 17 -27.28 -22.60 -25.79
CA SER A 17 -27.63 -22.14 -27.13
C SER A 17 -26.66 -21.05 -27.59
N TRP A 18 -26.80 -20.68 -28.87
CA TRP A 18 -25.91 -19.67 -29.45
C TRP A 18 -26.27 -18.29 -28.94
N GLY A 19 -25.25 -17.53 -28.53
CA GLY A 19 -25.41 -16.16 -28.10
C GLY A 19 -25.65 -15.96 -26.62
N ASN A 20 -25.93 -17.03 -25.87
CA ASN A 20 -26.20 -16.93 -24.45
C ASN A 20 -24.90 -16.97 -23.65
N SER A 21 -25.03 -16.80 -22.33
CA SER A 21 -23.89 -16.71 -21.43
C SER A 21 -23.69 -18.03 -20.70
N VAL A 22 -22.44 -18.45 -20.57
CA VAL A 22 -22.05 -19.62 -19.78
C VAL A 22 -20.83 -19.25 -18.95
N THR A 23 -20.78 -19.74 -17.72
CA THR A 23 -19.69 -19.45 -16.79
C THR A 23 -19.09 -20.78 -16.35
N ILE A 24 -17.85 -21.03 -16.77
CA ILE A 24 -17.14 -22.25 -16.38
C ILE A 24 -16.44 -22.01 -15.05
N TRP A 25 -16.78 -22.81 -14.05
CA TRP A 25 -16.23 -22.68 -12.70
C TRP A 25 -15.26 -23.82 -12.41
N CYS A 26 -14.13 -23.48 -11.79
CA CYS A 26 -13.16 -24.48 -11.36
C CYS A 26 -12.83 -24.26 -9.90
N GLN A 27 -12.82 -25.34 -9.13
CA GLN A 27 -12.60 -25.28 -7.69
C GLN A 27 -11.32 -26.03 -7.35
N GLY A 28 -10.42 -25.37 -6.59
CA GLY A 28 -9.19 -25.99 -6.15
C GLY A 28 -9.03 -26.02 -4.65
N THR A 29 -7.85 -25.67 -4.15
CA THR A 29 -7.61 -25.53 -2.72
C THR A 29 -7.37 -24.07 -2.38
N LEU A 30 -7.44 -23.75 -1.08
CA LEU A 30 -7.23 -22.37 -0.64
C LEU A 30 -5.83 -21.86 -0.92
N GLU A 31 -4.89 -22.74 -1.25
CA GLU A 31 -3.51 -22.37 -1.52
C GLU A 31 -3.22 -22.20 -3.01
N ALA A 32 -4.27 -22.16 -3.84
CA ALA A 32 -4.06 -22.07 -5.28
C ALA A 32 -3.36 -20.77 -5.66
N ARG A 33 -2.32 -20.89 -6.48
CA ARG A 33 -1.60 -19.72 -6.96
C ARG A 33 -2.26 -19.13 -8.20
N GLU A 34 -2.65 -19.98 -9.15
CA GLU A 34 -3.42 -19.55 -10.31
C GLU A 34 -4.05 -20.77 -10.94
N TYR A 35 -5.01 -20.52 -11.83
CA TYR A 35 -5.78 -21.56 -12.50
C TYR A 35 -5.61 -21.44 -14.01
N ARG A 36 -5.75 -22.57 -14.70
CA ARG A 36 -5.73 -22.56 -16.15
C ARG A 36 -6.84 -23.47 -16.67
N LEU A 37 -7.21 -23.26 -17.93
CA LEU A 37 -8.28 -24.00 -18.59
C LEU A 37 -7.71 -24.56 -19.89
N ASP A 38 -7.73 -25.88 -20.02
CA ASP A 38 -7.17 -26.57 -21.19
C ASP A 38 -8.28 -27.20 -22.00
N LYS A 39 -8.26 -26.95 -23.32
CA LYS A 39 -9.27 -27.43 -24.25
C LYS A 39 -8.63 -28.36 -25.26
N GLU A 40 -9.30 -29.47 -25.55
CA GLU A 40 -8.78 -30.46 -26.48
C GLU A 40 -8.69 -29.91 -27.90
N GLU A 41 -7.67 -30.37 -28.62
CA GLU A 41 -7.35 -29.92 -29.97
C GLU A 41 -7.07 -28.43 -30.05
N SER A 42 -6.77 -27.80 -28.91
CA SER A 42 -6.37 -26.41 -28.85
C SER A 42 -5.02 -26.28 -28.16
N PRO A 43 -4.16 -25.38 -28.61
CA PRO A 43 -2.84 -25.24 -27.98
C PRO A 43 -2.96 -24.77 -26.52
N ALA A 44 -2.30 -25.51 -25.62
CA ALA A 44 -2.39 -25.22 -24.20
C ALA A 44 -1.58 -23.98 -23.85
N PRO A 45 -2.07 -23.14 -22.92
CA PRO A 45 -3.41 -23.30 -22.35
C PRO A 45 -4.45 -22.46 -23.07
N TRP A 46 -5.70 -22.93 -23.08
CA TRP A 46 -6.78 -22.17 -23.71
C TRP A 46 -7.00 -20.84 -22.98
N ASP A 47 -6.94 -20.86 -21.65
CA ASP A 47 -7.05 -19.66 -20.84
C ASP A 47 -6.49 -19.94 -19.45
N ARG A 48 -5.89 -18.93 -18.83
CA ARG A 48 -5.47 -19.00 -17.44
C ARG A 48 -5.97 -17.78 -16.69
N GLN A 49 -6.32 -17.98 -15.43
CA GLN A 49 -7.01 -16.97 -14.65
C GLN A 49 -6.45 -16.94 -13.22
N ASN A 50 -6.51 -15.77 -12.60
CA ASN A 50 -6.08 -15.62 -11.22
C ASN A 50 -7.16 -16.15 -10.28
N PRO A 51 -6.79 -16.53 -9.05
CA PRO A 51 -7.80 -17.01 -8.10
C PRO A 51 -8.72 -15.90 -7.66
N LEU A 52 -9.82 -16.29 -7.03
CA LEU A 52 -10.74 -15.36 -6.38
C LEU A 52 -10.33 -15.21 -4.92
N GLU A 53 -11.17 -14.58 -4.10
CA GLU A 53 -10.92 -14.51 -2.67
C GLU A 53 -12.11 -15.09 -1.93
N PRO A 54 -11.98 -16.26 -1.27
CA PRO A 54 -10.72 -17.01 -1.17
C PRO A 54 -10.30 -17.72 -2.46
N LYS A 55 -9.06 -18.22 -2.51
CA LYS A 55 -8.43 -18.88 -3.66
C LYS A 55 -9.06 -20.23 -3.99
N ASN A 56 -10.16 -20.57 -3.30
CA ASN A 56 -10.77 -21.89 -3.47
C ASN A 56 -11.21 -22.12 -4.91
N LYS A 57 -11.88 -21.17 -5.52
CA LYS A 57 -12.37 -21.36 -6.91
C LYS A 57 -11.97 -20.20 -7.80
N ALA A 58 -11.93 -20.46 -9.08
CA ALA A 58 -11.68 -19.48 -10.14
C ALA A 58 -12.88 -19.40 -11.07
N ARG A 59 -12.89 -18.37 -11.91
CA ARG A 59 -14.03 -18.09 -12.78
C ARG A 59 -13.56 -17.88 -14.22
N PHE A 60 -14.12 -18.68 -15.14
CA PHE A 60 -13.98 -18.46 -16.58
C PHE A 60 -15.37 -18.19 -17.13
N SER A 61 -15.54 -17.02 -17.77
CA SER A 61 -16.84 -16.58 -18.25
C SER A 61 -16.84 -16.46 -19.76
N ILE A 62 -17.98 -16.79 -20.37
CA ILE A 62 -18.20 -16.68 -21.80
C ILE A 62 -19.52 -15.92 -21.98
N PRO A 63 -19.48 -14.62 -22.30
CA PRO A 63 -20.74 -13.85 -22.32
C PRO A 63 -21.66 -14.23 -23.46
N SER A 64 -21.12 -14.54 -24.64
CA SER A 64 -21.90 -14.94 -25.80
C SER A 64 -21.33 -16.24 -26.34
N MET A 65 -21.97 -17.36 -26.00
CA MET A 65 -21.49 -18.67 -26.43
C MET A 65 -21.51 -18.77 -27.95
N THR A 66 -20.37 -19.14 -28.53
CA THR A 66 -20.25 -19.38 -29.97
C THR A 66 -19.70 -20.79 -30.19
N GLU A 67 -19.57 -21.17 -31.46
CA GLU A 67 -19.07 -22.49 -31.79
C GLU A 67 -17.57 -22.63 -31.53
N ASP A 68 -16.86 -21.53 -31.28
CA ASP A 68 -15.46 -21.62 -30.90
C ASP A 68 -15.32 -22.22 -29.51
N TYR A 69 -16.22 -21.87 -28.59
CA TYR A 69 -16.16 -22.28 -27.19
C TYR A 69 -16.71 -23.69 -26.98
N ALA A 70 -17.05 -24.42 -28.04
CA ALA A 70 -17.61 -25.76 -27.92
C ALA A 70 -16.49 -26.78 -27.89
N GLY A 71 -16.58 -27.73 -26.96
CA GLY A 71 -15.60 -28.79 -26.85
C GLY A 71 -15.46 -29.22 -25.40
N ARG A 72 -14.35 -29.92 -25.12
CA ARG A 72 -14.05 -30.44 -23.79
C ARG A 72 -12.97 -29.60 -23.14
N TYR A 73 -13.25 -29.13 -21.92
CA TYR A 73 -12.30 -28.37 -21.12
C TYR A 73 -11.84 -29.20 -19.92
N ARG A 74 -10.60 -28.98 -19.51
CA ARG A 74 -10.10 -29.55 -18.26
C ARG A 74 -9.32 -28.48 -17.51
N CYS A 75 -9.64 -28.31 -16.24
CA CYS A 75 -9.04 -27.26 -15.43
C CYS A 75 -7.94 -27.84 -14.55
N TYR A 76 -6.80 -27.15 -14.52
CA TYR A 76 -5.72 -27.39 -13.58
C TYR A 76 -5.60 -26.18 -12.66
N TYR A 77 -5.05 -26.40 -11.47
CA TYR A 77 -4.70 -25.30 -10.57
C TYR A 77 -3.28 -25.50 -10.09
N ARG A 78 -2.60 -24.38 -9.86
CA ARG A 78 -1.19 -24.38 -9.46
C ARG A 78 -1.09 -24.22 -7.95
N SER A 79 -0.57 -25.25 -7.28
CA SER A 79 -0.23 -25.15 -5.87
C SER A 79 1.12 -24.47 -5.73
N PRO A 80 1.55 -24.15 -4.50
CA PRO A 80 2.92 -23.65 -4.33
C PRO A 80 4.00 -24.61 -4.79
N VAL A 81 3.67 -25.88 -5.00
CA VAL A 81 4.66 -26.88 -5.41
C VAL A 81 4.62 -27.15 -6.90
N GLY A 82 3.43 -27.27 -7.48
CA GLY A 82 3.33 -27.48 -8.91
C GLY A 82 1.90 -27.57 -9.36
N TRP A 83 1.72 -27.85 -10.66
CA TRP A 83 0.38 -28.03 -11.19
C TRP A 83 -0.22 -29.35 -10.71
N SER A 84 -1.53 -29.48 -10.87
CA SER A 84 -2.28 -30.60 -10.32
C SER A 84 -2.71 -31.55 -11.43
N GLN A 85 -3.26 -32.69 -11.02
CA GLN A 85 -3.89 -33.59 -11.97
C GLN A 85 -5.13 -32.92 -12.55
N PRO A 86 -5.41 -33.09 -13.84
CA PRO A 86 -6.52 -32.37 -14.46
C PRO A 86 -7.87 -32.77 -13.85
N SER A 87 -8.82 -31.86 -13.96
CA SER A 87 -10.18 -32.15 -13.51
C SER A 87 -10.82 -33.19 -14.43
N ASP A 88 -11.94 -33.73 -13.98
CA ASP A 88 -12.74 -34.57 -14.86
C ASP A 88 -13.28 -33.71 -16.00
N PRO A 89 -13.34 -34.25 -17.22
CA PRO A 89 -13.60 -33.39 -18.39
C PRO A 89 -14.98 -32.75 -18.33
N LEU A 90 -15.05 -31.54 -18.89
CA LEU A 90 -16.31 -30.81 -19.05
C LEU A 90 -16.51 -30.52 -20.53
N GLU A 91 -17.49 -31.18 -21.13
CA GLU A 91 -17.85 -30.92 -22.51
C GLU A 91 -18.87 -29.79 -22.57
N LEU A 92 -18.69 -28.90 -23.55
CA LEU A 92 -19.52 -27.71 -23.69
C LEU A 92 -20.19 -27.78 -25.06
N VAL A 93 -21.41 -28.32 -25.11
CA VAL A 93 -22.14 -28.53 -26.36
C VAL A 93 -23.00 -27.30 -26.62
N MET A 94 -23.01 -26.84 -27.86
CA MET A 94 -23.82 -25.70 -28.27
C MET A 94 -25.03 -26.17 -29.08
N THR A 95 -26.12 -25.41 -28.99
CA THR A 95 -27.36 -25.73 -29.69
C THR A 95 -27.90 -24.48 -30.39
N GLU B 1 37.64 7.71 -40.56
CA GLU B 1 36.74 8.74 -41.07
C GLU B 1 37.16 10.12 -40.57
N VAL B 2 36.25 10.77 -39.85
CA VAL B 2 36.56 12.02 -39.19
C VAL B 2 37.55 11.75 -38.05
N GLN B 3 38.23 12.81 -37.61
CA GLN B 3 39.19 12.65 -36.52
C GLN B 3 39.42 14.00 -35.83
N LEU B 4 39.56 13.96 -34.51
CA LEU B 4 39.78 15.16 -33.69
C LEU B 4 41.13 15.06 -33.01
N LEU B 5 42.05 15.94 -33.38
CA LEU B 5 43.40 15.96 -32.82
C LEU B 5 43.56 17.17 -31.91
N GLU B 6 44.16 16.97 -30.75
CA GLU B 6 44.34 18.01 -29.77
C GLU B 6 45.81 18.29 -29.52
N SER B 7 46.12 19.54 -29.22
CA SER B 7 47.48 19.96 -28.93
C SER B 7 47.45 21.17 -28.02
N GLY B 8 48.63 21.58 -27.58
CA GLY B 8 48.76 22.74 -26.71
C GLY B 8 48.87 22.45 -25.23
N GLY B 9 48.94 21.17 -24.83
CA GLY B 9 49.01 20.85 -23.42
C GLY B 9 50.43 20.83 -22.88
N GLY B 10 50.53 20.91 -21.56
CA GLY B 10 51.83 20.83 -20.91
C GLY B 10 51.82 21.51 -19.54
N LEU B 11 53.02 21.89 -19.10
CA LEU B 11 53.16 22.62 -17.84
C LEU B 11 52.90 24.10 -18.05
N VAL B 12 52.35 24.73 -17.02
CA VAL B 12 52.06 26.17 -17.04
C VAL B 12 51.96 26.65 -15.60
N GLN B 13 52.52 27.83 -15.35
CA GLN B 13 52.55 28.38 -14.00
C GLN B 13 51.17 28.93 -13.61
N PRO B 14 50.83 28.88 -12.32
CA PRO B 14 49.56 29.48 -11.88
C PRO B 14 49.50 30.95 -12.24
N GLY B 15 48.27 31.44 -12.45
CA GLY B 15 48.07 32.79 -12.93
C GLY B 15 48.36 33.01 -14.40
N GLY B 16 48.90 32.00 -15.10
CA GLY B 16 49.26 32.15 -16.49
C GLY B 16 48.13 31.76 -17.43
N SER B 17 48.43 31.79 -18.72
CA SER B 17 47.47 31.51 -19.76
C SER B 17 47.95 30.37 -20.64
N LEU B 18 46.98 29.61 -21.16
CA LEU B 18 47.27 28.51 -22.07
C LEU B 18 46.17 28.45 -23.11
N ARG B 19 46.52 27.98 -24.30
CA ARG B 19 45.57 27.84 -25.39
C ARG B 19 45.65 26.42 -25.93
N LEU B 20 44.59 25.64 -25.72
CA LEU B 20 44.50 24.33 -26.34
C LEU B 20 44.05 24.47 -27.79
N SER B 21 44.37 23.45 -28.58
CA SER B 21 43.99 23.41 -29.99
C SER B 21 43.31 22.09 -30.29
N CYS B 22 42.24 22.14 -31.09
CA CYS B 22 41.53 20.95 -31.54
C CYS B 22 41.31 21.08 -33.04
N ALA B 23 42.16 20.40 -33.81
CA ALA B 23 42.08 20.40 -35.27
C ALA B 23 41.29 19.18 -35.73
N ALA B 24 40.32 19.41 -36.60
CA ALA B 24 39.49 18.34 -37.14
C ALA B 24 40.01 17.93 -38.51
N SER B 25 40.61 16.73 -38.56
CA SER B 25 40.97 16.09 -39.81
C SER B 25 39.87 15.12 -40.20
N GLY B 26 39.79 14.80 -41.49
CA GLY B 26 38.76 13.92 -41.98
C GLY B 26 37.56 14.70 -42.48
N ILE B 27 36.53 13.94 -42.89
CA ILE B 27 35.29 14.54 -43.36
C ILE B 27 34.75 15.41 -42.24
N ASP B 28 34.76 16.73 -42.41
CA ASP B 28 34.26 17.62 -41.37
C ASP B 28 32.83 18.06 -41.65
N PHE B 29 32.59 18.70 -42.79
CA PHE B 29 31.21 19.01 -43.12
C PHE B 29 30.53 17.75 -43.63
N SER B 30 29.95 17.00 -42.70
CA SER B 30 28.90 16.05 -43.01
C SER B 30 27.57 16.51 -42.41
N ASN B 31 27.56 17.63 -41.70
CA ASN B 31 26.37 18.14 -41.02
C ASN B 31 26.69 19.53 -40.46
N HIS B 32 25.74 20.08 -39.71
CA HIS B 32 25.99 21.17 -38.76
C HIS B 32 26.38 20.56 -37.43
N TYR B 33 27.37 21.15 -36.76
CA TYR B 33 27.92 20.50 -35.58
C TYR B 33 28.38 21.52 -34.57
N TYR B 34 28.39 21.10 -33.31
CA TYR B 34 29.05 21.83 -32.23
C TYR B 34 30.41 21.19 -31.94
N MET B 35 31.33 22.01 -31.46
CA MET B 35 32.61 21.53 -30.93
C MET B 35 32.59 21.80 -29.44
N TYR B 36 32.56 20.74 -28.63
CA TYR B 36 32.56 20.88 -27.18
C TYR B 36 33.97 20.85 -26.63
N TRP B 37 34.18 21.56 -25.52
CA TRP B 37 35.40 21.43 -24.72
C TRP B 37 35.02 20.89 -23.35
N VAL B 38 35.51 19.68 -23.04
CA VAL B 38 35.20 19.00 -21.80
C VAL B 38 36.50 18.68 -21.08
N ARG B 39 36.50 18.79 -19.76
CA ARG B 39 37.66 18.46 -18.96
C ARG B 39 37.28 17.51 -17.83
N GLN B 40 38.28 16.81 -17.31
CA GLN B 40 38.09 15.84 -16.23
C GLN B 40 39.28 15.97 -15.28
N ALA B 41 39.04 16.56 -14.11
CA ALA B 41 40.06 16.64 -13.09
C ALA B 41 40.37 15.26 -12.53
N PRO B 42 41.58 15.04 -12.02
CA PRO B 42 41.99 13.68 -11.59
C PRO B 42 41.00 13.03 -10.62
N GLY B 43 40.50 11.85 -10.99
CA GLY B 43 39.50 11.16 -10.19
C GLY B 43 38.16 11.83 -10.10
N LYS B 44 37.94 12.94 -10.81
CA LYS B 44 36.72 13.71 -10.74
C LYS B 44 35.86 13.43 -11.99
N GLY B 45 34.66 14.02 -12.02
CA GLY B 45 33.74 13.81 -13.12
C GLY B 45 33.99 14.72 -14.31
N LEU B 46 33.27 14.43 -15.39
CA LEU B 46 33.37 15.23 -16.60
C LEU B 46 32.79 16.62 -16.36
N GLU B 47 33.56 17.65 -16.69
CA GLU B 47 33.11 19.02 -16.58
C GLU B 47 33.01 19.62 -17.98
N TRP B 48 31.89 20.30 -18.24
CA TRP B 48 31.62 20.93 -19.52
C TRP B 48 32.11 22.38 -19.49
N ILE B 49 33.05 22.71 -20.38
CA ILE B 49 33.58 24.06 -20.44
C ILE B 49 32.78 24.94 -21.38
N GLY B 50 32.48 24.46 -22.57
CA GLY B 50 31.69 25.22 -23.52
C GLY B 50 31.64 24.55 -24.86
N SER B 51 30.85 25.15 -25.74
CA SER B 51 30.68 24.65 -27.11
C SER B 51 30.71 25.83 -28.08
N ILE B 52 30.97 25.53 -29.35
CA ILE B 52 30.91 26.52 -30.41
C ILE B 52 30.20 25.91 -31.62
N PHE B 53 29.32 26.69 -32.25
CA PHE B 53 28.54 26.22 -33.38
C PHE B 53 29.35 26.35 -34.67
N SER B 54 29.06 25.46 -35.62
CA SER B 54 29.76 25.47 -36.90
C SER B 54 29.28 26.56 -37.84
N GLY B 55 28.06 27.06 -37.65
CA GLY B 55 27.52 28.09 -38.51
C GLY B 55 28.34 29.36 -38.49
N ASP B 56 28.03 30.24 -39.44
CA ASP B 56 28.73 31.51 -39.59
C ASP B 56 28.45 32.48 -38.45
N SER B 57 27.47 32.18 -37.59
CA SER B 57 27.27 32.99 -36.38
C SER B 57 28.37 32.75 -35.36
N ALA B 58 28.99 31.57 -35.39
CA ALA B 58 30.05 31.19 -34.44
C ALA B 58 29.59 31.38 -32.99
N SER B 59 28.36 30.95 -32.71
CA SER B 59 27.79 31.09 -31.38
C SER B 59 28.59 30.26 -30.38
N THR B 60 28.91 30.87 -29.24
CA THR B 60 29.68 30.21 -28.19
C THR B 60 28.92 30.26 -26.88
N TYR B 61 28.87 29.13 -26.17
CA TYR B 61 28.22 29.03 -24.87
C TYR B 61 29.24 28.53 -23.86
N TYR B 62 29.07 28.94 -22.60
CA TYR B 62 30.04 28.59 -21.56
C TYR B 62 29.31 28.17 -20.29
N ALA B 63 29.97 27.31 -19.52
CA ALA B 63 29.51 27.06 -18.17
C ALA B 63 29.85 28.26 -17.28
N ASP B 64 29.07 28.42 -16.21
CA ASP B 64 29.28 29.54 -15.30
C ASP B 64 30.67 29.51 -14.70
N SER B 65 31.20 28.31 -14.41
CA SER B 65 32.56 28.20 -13.90
C SER B 65 33.57 28.80 -14.86
N ALA B 66 33.30 28.76 -16.16
CA ALA B 66 34.26 29.17 -17.18
C ALA B 66 34.00 30.56 -17.75
N LYS B 67 32.84 31.16 -17.48
CA LYS B 67 32.55 32.49 -18.02
C LYS B 67 33.54 33.51 -17.45
N GLY B 68 34.18 34.26 -18.36
CA GLY B 68 35.11 35.29 -17.99
C GLY B 68 36.56 34.84 -17.93
N ARG B 69 36.80 33.55 -17.77
CA ARG B 69 38.15 33.01 -17.77
C ARG B 69 38.51 32.31 -19.07
N PHE B 70 37.56 31.60 -19.67
CA PHE B 70 37.80 30.78 -20.85
C PHE B 70 37.16 31.43 -22.07
N THR B 71 37.78 31.22 -23.23
CA THR B 71 37.27 31.75 -24.49
C THR B 71 37.46 30.69 -25.56
N ILE B 72 36.41 30.48 -26.36
CA ILE B 72 36.45 29.53 -27.47
C ILE B 72 36.37 30.32 -28.76
N SER B 73 37.42 30.23 -29.56
CA SER B 73 37.50 30.92 -30.85
C SER B 73 37.62 29.87 -31.96
N ARG B 74 37.82 30.36 -33.17
CA ARG B 74 37.92 29.49 -34.34
C ARG B 74 38.84 30.13 -35.37
N ASP B 75 39.60 29.30 -36.07
CA ASP B 75 40.44 29.72 -37.19
C ASP B 75 39.98 28.92 -38.41
N ASN B 76 38.99 29.45 -39.13
CA ASN B 76 38.52 28.77 -40.34
C ASN B 76 39.62 28.70 -41.39
N SER B 77 40.61 29.59 -41.33
CA SER B 77 41.76 29.50 -42.22
C SER B 77 42.47 28.16 -42.08
N LYS B 78 42.70 27.72 -40.85
CA LYS B 78 43.34 26.44 -40.57
C LYS B 78 42.35 25.35 -40.19
N ASN B 79 41.05 25.67 -40.11
CA ASN B 79 40.02 24.71 -39.70
C ASN B 79 40.32 24.12 -38.32
N THR B 80 40.46 25.00 -37.33
CA THR B 80 40.93 24.64 -35.99
C THR B 80 40.13 25.41 -34.94
N LEU B 81 39.83 24.75 -33.84
CA LEU B 81 39.21 25.38 -32.68
C LEU B 81 40.26 25.64 -31.60
N TYR B 82 40.10 26.75 -30.88
CA TYR B 82 41.01 27.11 -29.79
C TYR B 82 40.24 27.21 -28.49
N LEU B 83 40.94 26.98 -27.39
CA LEU B 83 40.40 27.18 -26.05
C LEU B 83 41.41 28.00 -25.26
N GLN B 84 41.14 29.29 -25.12
CA GLN B 84 42.00 30.19 -24.35
C GLN B 84 41.62 30.11 -22.88
N MET B 85 42.57 29.70 -22.05
CA MET B 85 42.38 29.64 -20.61
C MET B 85 43.20 30.73 -19.95
N ASN B 86 42.60 31.45 -19.02
CA ASN B 86 43.24 32.58 -18.36
C ASN B 86 43.18 32.41 -16.85
N SER B 87 44.07 33.10 -16.16
CA SER B 87 44.13 33.08 -14.70
C SER B 87 44.12 31.65 -14.16
N LEU B 88 44.92 30.79 -14.79
CA LEU B 88 44.93 29.37 -14.44
C LEU B 88 45.34 29.16 -13.00
N ARG B 89 44.73 28.15 -12.37
CA ARG B 89 44.99 27.80 -10.99
C ARG B 89 45.22 26.29 -10.91
N ALA B 90 45.62 25.83 -9.72
CA ALA B 90 45.95 24.41 -9.55
C ALA B 90 44.74 23.52 -9.84
N GLU B 91 43.55 23.96 -9.43
CA GLU B 91 42.35 23.16 -9.62
C GLU B 91 41.96 23.06 -11.09
N ASP B 92 42.58 23.84 -11.96
CA ASP B 92 42.34 23.73 -13.38
C ASP B 92 43.17 22.63 -14.04
N THR B 93 44.04 21.97 -13.27
CA THR B 93 44.78 20.82 -13.77
C THR B 93 43.81 19.69 -14.11
N ALA B 94 43.72 19.32 -15.38
CA ALA B 94 42.79 18.29 -15.81
C ALA B 94 43.17 17.83 -17.22
N VAL B 95 42.51 16.76 -17.65
CA VAL B 95 42.60 16.28 -19.03
C VAL B 95 41.49 16.92 -19.84
N TYR B 96 41.87 17.57 -20.94
CA TYR B 96 40.95 18.36 -21.75
C TYR B 96 40.62 17.63 -23.05
N TYR B 97 39.33 17.46 -23.32
CA TYR B 97 38.84 16.83 -24.53
C TYR B 97 38.19 17.87 -25.44
N CYS B 98 38.07 17.53 -26.72
CA CYS B 98 37.14 18.19 -27.61
C CYS B 98 36.26 17.13 -28.25
N ALA B 99 34.99 17.45 -28.41
CA ALA B 99 34.02 16.51 -28.96
C ALA B 99 33.20 17.21 -30.03
N ARG B 100 32.61 16.40 -30.91
CA ARG B 100 31.76 16.90 -31.99
C ARG B 100 30.36 16.34 -31.79
N GLY B 101 29.37 17.24 -31.82
CA GLY B 101 27.98 16.84 -31.78
C GLY B 101 27.23 17.33 -33.00
N MET B 102 26.71 16.41 -33.80
CA MET B 102 26.04 16.77 -35.04
C MET B 102 24.54 16.98 -34.81
N SER B 103 23.94 17.77 -35.69
CA SER B 103 22.51 18.05 -35.56
C SER B 103 21.68 16.79 -35.77
N THR B 104 22.13 15.90 -36.66
CA THR B 104 21.35 14.69 -36.94
C THR B 104 21.36 13.72 -35.77
N ASN B 105 22.33 13.84 -34.86
CA ASN B 105 22.32 13.10 -33.61
C ASN B 105 21.88 13.98 -32.43
N ASP B 106 21.14 15.05 -32.72
CA ASP B 106 20.62 15.97 -31.70
C ASP B 106 21.72 16.45 -30.76
N TRP B 107 22.86 16.81 -31.37
CA TRP B 107 24.02 17.41 -30.72
C TRP B 107 24.76 16.46 -29.79
N ALA B 108 24.42 15.18 -29.80
CA ALA B 108 25.11 14.22 -28.96
C ALA B 108 26.55 14.02 -29.44
N SER B 109 27.50 14.09 -28.50
CA SER B 109 28.91 14.01 -28.84
C SER B 109 29.27 12.57 -29.19
N ASP B 110 29.40 12.29 -30.49
CA ASP B 110 29.79 10.96 -30.95
C ASP B 110 31.28 10.83 -31.25
N LEU B 111 31.98 11.94 -31.50
CA LEU B 111 33.41 11.93 -31.78
C LEU B 111 34.15 12.67 -30.67
N TRP B 112 35.15 12.01 -30.10
CA TRP B 112 35.99 12.59 -29.06
C TRP B 112 37.46 12.49 -29.46
N GLY B 113 38.28 13.38 -28.90
CA GLY B 113 39.71 13.29 -29.06
C GLY B 113 40.34 12.36 -28.04
N GLN B 114 41.67 12.29 -28.09
CA GLN B 114 42.41 11.53 -27.09
C GLN B 114 42.39 12.23 -25.74
N GLY B 115 42.33 13.57 -25.75
CA GLY B 115 42.46 14.33 -24.54
C GLY B 115 43.92 14.59 -24.20
N THR B 116 44.26 15.85 -23.92
CA THR B 116 45.61 16.25 -23.55
C THR B 116 45.60 16.87 -22.16
N LEU B 117 46.66 16.62 -21.40
CA LEU B 117 46.74 17.06 -20.01
C LEU B 117 47.33 18.47 -19.90
N VAL B 118 46.75 19.27 -19.02
CA VAL B 118 47.29 20.60 -18.68
C VAL B 118 47.56 20.59 -17.18
N THR B 119 48.83 20.57 -16.81
CA THR B 119 49.25 20.60 -15.41
C THR B 119 49.64 22.03 -15.03
N VAL B 120 48.99 22.55 -13.99
CA VAL B 120 49.22 23.92 -13.53
C VAL B 120 50.01 23.83 -12.23
N SER B 121 51.33 23.94 -12.33
CA SER B 121 52.19 23.88 -11.15
C SER B 121 53.41 24.75 -11.40
N SER B 122 53.96 25.29 -10.31
CA SER B 122 55.23 26.01 -10.36
C SER B 122 56.41 25.05 -10.21
N ALA B 123 56.40 24.00 -11.02
CA ALA B 123 57.44 22.99 -11.00
C ALA B 123 57.89 22.69 -12.42
N SER B 124 59.12 22.24 -12.56
CA SER B 124 59.71 21.98 -13.87
C SER B 124 59.56 20.52 -14.26
N THR B 125 59.88 20.23 -15.52
CA THR B 125 59.89 18.86 -16.00
C THR B 125 61.11 18.13 -15.44
N LYS B 126 60.94 16.84 -15.17
CA LYS B 126 62.05 15.97 -14.76
C LYS B 126 61.82 14.60 -15.36
N GLY B 127 62.78 14.11 -16.15
CA GLY B 127 62.69 12.81 -16.73
C GLY B 127 62.79 11.72 -15.69
N PRO B 128 62.14 10.59 -15.93
CA PRO B 128 62.15 9.49 -14.95
C PRO B 128 63.44 8.69 -14.98
N SER B 129 63.67 7.98 -13.88
CA SER B 129 64.66 6.92 -13.82
C SER B 129 63.93 5.59 -13.89
N VAL B 130 64.36 4.72 -14.81
CA VAL B 130 63.72 3.42 -15.00
C VAL B 130 64.60 2.36 -14.34
N PHE B 131 64.09 1.76 -13.24
CA PHE B 131 64.81 0.72 -12.53
C PHE B 131 64.12 -0.61 -12.69
N PRO B 132 64.86 -1.70 -12.94
CA PRO B 132 64.21 -2.99 -13.18
C PRO B 132 63.80 -3.68 -11.87
N LEU B 133 62.65 -4.34 -11.93
CA LEU B 133 62.18 -5.21 -10.86
C LEU B 133 62.52 -6.63 -11.29
N ALA B 134 63.67 -7.12 -10.85
CA ALA B 134 64.18 -8.41 -11.32
C ALA B 134 63.46 -9.55 -10.61
N PRO B 135 62.97 -10.56 -11.34
CA PRO B 135 62.29 -11.70 -10.69
C PRO B 135 63.30 -12.62 -10.03
N SER B 136 63.04 -12.93 -8.76
CA SER B 136 63.92 -13.83 -8.01
C SER B 136 63.46 -15.27 -8.17
N SER B 137 64.40 -16.20 -7.96
CA SER B 137 64.07 -17.62 -7.90
C SER B 137 63.10 -17.93 -6.76
N LYS B 138 63.02 -17.05 -5.77
CA LYS B 138 62.00 -17.11 -4.73
C LYS B 138 60.75 -16.31 -5.08
N SER B 139 60.86 -15.36 -6.01
CA SER B 139 59.69 -14.75 -6.66
C SER B 139 59.11 -15.64 -7.75
N THR B 140 59.71 -16.81 -8.00
CA THR B 140 59.12 -17.82 -8.89
C THR B 140 58.00 -18.51 -8.11
N SER B 141 56.86 -17.81 -8.02
CA SER B 141 55.72 -18.27 -7.23
C SER B 141 55.04 -19.42 -7.97
N GLY B 142 55.68 -20.58 -7.93
CA GLY B 142 55.14 -21.79 -8.54
C GLY B 142 55.35 -21.88 -10.04
N GLY B 143 54.25 -21.88 -10.79
CA GLY B 143 54.31 -22.01 -12.23
C GLY B 143 54.57 -20.73 -13.00
N THR B 144 54.50 -19.58 -12.34
CA THR B 144 54.75 -18.29 -12.98
C THR B 144 55.61 -17.42 -12.08
N ALA B 145 56.43 -16.58 -12.71
CA ALA B 145 57.25 -15.59 -12.02
C ALA B 145 56.80 -14.19 -12.42
N ALA B 146 56.95 -13.24 -11.51
CA ALA B 146 56.53 -11.86 -11.74
C ALA B 146 57.77 -10.98 -11.87
N LEU B 147 57.77 -10.12 -12.89
CA LEU B 147 58.81 -9.13 -13.10
C LEU B 147 58.18 -7.84 -13.58
N GLY B 148 58.94 -6.76 -13.46
CA GLY B 148 58.39 -5.47 -13.85
C GLY B 148 59.47 -4.41 -13.91
N CYS B 149 59.03 -3.19 -14.19
CA CYS B 149 59.90 -2.03 -14.24
C CYS B 149 59.37 -0.97 -13.29
N LEU B 150 60.28 -0.30 -12.59
CA LEU B 150 59.95 0.79 -11.68
C LEU B 150 60.35 2.10 -12.33
N VAL B 151 59.37 2.86 -12.79
CA VAL B 151 59.58 4.20 -13.34
C VAL B 151 59.46 5.20 -12.20
N LYS B 152 60.56 5.89 -11.88
CA LYS B 152 60.64 6.69 -10.66
C LYS B 152 61.12 8.10 -10.93
N ASP B 153 60.63 9.05 -10.12
CA ASP B 153 61.07 10.45 -10.09
C ASP B 153 60.88 11.12 -11.46
N TYR B 154 59.61 11.27 -11.83
CA TYR B 154 59.25 12.00 -13.05
C TYR B 154 58.13 12.99 -12.78
N PHE B 155 58.10 14.02 -13.62
CA PHE B 155 57.10 15.08 -13.57
C PHE B 155 57.20 15.88 -14.87
N PRO B 156 56.08 16.26 -15.49
CA PRO B 156 54.72 15.93 -15.07
C PRO B 156 54.27 14.61 -15.63
N GLU B 157 52.96 14.40 -15.67
CA GLU B 157 52.39 13.22 -16.30
C GLU B 157 52.24 13.46 -17.80
N PRO B 158 52.03 12.39 -18.59
CA PRO B 158 52.01 10.96 -18.28
C PRO B 158 53.21 10.17 -18.82
N VAL B 159 53.23 8.85 -18.55
CA VAL B 159 54.17 7.93 -19.17
C VAL B 159 53.38 6.81 -19.82
N THR B 160 54.01 6.17 -20.81
CA THR B 160 53.45 5.02 -21.50
C THR B 160 54.47 3.89 -21.45
N VAL B 161 54.06 2.74 -20.92
CA VAL B 161 54.95 1.59 -20.76
C VAL B 161 54.36 0.41 -21.51
N SER B 162 55.07 -0.06 -22.53
CA SER B 162 54.77 -1.31 -23.20
C SER B 162 55.88 -2.31 -22.92
N TRP B 163 55.55 -3.60 -23.05
CA TRP B 163 56.49 -4.68 -22.77
C TRP B 163 56.86 -5.37 -24.08
N ASN B 164 58.15 -5.34 -24.40
CA ASN B 164 58.68 -5.87 -25.65
C ASN B 164 57.96 -5.26 -26.86
N SER B 165 57.86 -3.93 -26.85
CA SER B 165 57.44 -3.14 -27.99
C SER B 165 56.06 -3.53 -28.52
N GLY B 166 55.18 -3.97 -27.62
CA GLY B 166 53.82 -4.32 -27.98
C GLY B 166 53.56 -5.79 -28.23
N ALA B 167 54.59 -6.64 -28.18
CA ALA B 167 54.36 -8.07 -28.34
C ALA B 167 53.72 -8.67 -27.09
N LEU B 168 54.19 -8.27 -25.92
CA LEU B 168 53.68 -8.77 -24.64
C LEU B 168 52.64 -7.80 -24.10
N THR B 169 51.38 -8.23 -24.08
CA THR B 169 50.28 -7.39 -23.62
C THR B 169 49.50 -8.02 -22.46
N SER B 170 49.18 -9.31 -22.54
CA SER B 170 48.41 -9.95 -21.48
C SER B 170 49.28 -10.15 -20.23
N GLY B 171 48.62 -10.08 -19.08
CA GLY B 171 49.32 -10.12 -17.81
C GLY B 171 50.03 -8.85 -17.41
N VAL B 172 49.94 -7.79 -18.20
CA VAL B 172 50.61 -6.53 -17.90
C VAL B 172 49.67 -5.65 -17.08
N HIS B 173 50.15 -5.20 -15.92
CA HIS B 173 49.41 -4.28 -15.05
C HIS B 173 50.29 -3.06 -14.80
N THR B 174 50.08 -2.00 -15.59
CA THR B 174 50.78 -0.73 -15.40
C THR B 174 49.99 0.10 -14.40
N PHE B 175 50.58 0.33 -13.22
CA PHE B 175 49.84 0.91 -12.12
C PHE B 175 49.64 2.41 -12.32
N PRO B 176 48.56 2.97 -11.79
CA PRO B 176 48.38 4.42 -11.83
C PRO B 176 49.52 5.13 -11.12
N ALA B 177 49.93 6.27 -11.67
CA ALA B 177 50.97 7.06 -11.02
C ALA B 177 50.51 7.50 -9.64
N VAL B 178 51.43 7.45 -8.67
CA VAL B 178 51.20 7.96 -7.33
C VAL B 178 52.23 9.04 -7.06
N LEU B 179 51.78 10.20 -6.58
CA LEU B 179 52.66 11.32 -6.31
C LEU B 179 53.39 11.10 -4.99
N GLN B 180 54.72 11.17 -5.03
CA GLN B 180 55.55 10.98 -3.85
C GLN B 180 55.57 12.25 -3.00
N SER B 181 56.22 12.18 -1.84
CA SER B 181 56.31 13.34 -0.95
C SER B 181 57.17 14.45 -1.55
N SER B 182 58.07 14.13 -2.48
CA SER B 182 58.95 15.13 -3.08
C SER B 182 58.26 16.00 -4.11
N GLY B 183 57.10 15.60 -4.61
CA GLY B 183 56.44 16.28 -5.71
C GLY B 183 56.59 15.61 -7.06
N LEU B 184 57.23 14.45 -7.13
CA LEU B 184 57.42 13.71 -8.38
C LEU B 184 56.62 12.42 -8.35
N TYR B 185 56.25 11.94 -9.53
CA TYR B 185 55.45 10.73 -9.64
C TYR B 185 56.34 9.49 -9.66
N SER B 186 55.71 8.33 -9.47
CA SER B 186 56.39 7.04 -9.55
C SER B 186 55.34 5.96 -9.79
N LEU B 187 55.53 5.15 -10.83
CA LEU B 187 54.64 4.05 -11.11
C LEU B 187 55.47 2.81 -11.45
N SER B 188 54.83 1.66 -11.33
CA SER B 188 55.44 0.39 -11.68
C SER B 188 54.56 -0.31 -12.71
N SER B 189 55.20 -0.85 -13.74
CA SER B 189 54.53 -1.71 -14.71
C SER B 189 55.06 -3.13 -14.49
N VAL B 190 54.20 -4.02 -14.03
CA VAL B 190 54.59 -5.39 -13.74
C VAL B 190 53.95 -6.32 -14.76
N VAL B 191 54.45 -7.54 -14.82
CA VAL B 191 53.93 -8.54 -15.76
C VAL B 191 54.28 -9.91 -15.21
N THR B 192 53.32 -10.84 -15.28
CA THR B 192 53.50 -12.21 -14.84
C THR B 192 53.78 -13.10 -16.04
N VAL B 193 54.83 -13.91 -15.94
CA VAL B 193 55.28 -14.76 -17.04
C VAL B 193 55.62 -16.14 -16.47
N PRO B 194 55.63 -17.16 -17.34
CA PRO B 194 56.03 -18.51 -16.87
C PRO B 194 57.48 -18.55 -16.41
N SER B 195 57.74 -19.36 -15.38
CA SER B 195 59.10 -19.57 -14.91
C SER B 195 59.97 -20.22 -15.98
N SER B 196 59.35 -20.88 -16.96
CA SER B 196 60.11 -21.46 -18.07
C SER B 196 60.83 -20.38 -18.87
N SER B 197 60.09 -19.36 -19.30
CA SER B 197 60.62 -18.34 -20.22
C SER B 197 61.66 -17.43 -19.59
N LEU B 198 61.96 -17.58 -18.30
CA LEU B 198 63.00 -16.76 -17.69
C LEU B 198 64.37 -16.99 -18.32
N GLY B 199 64.52 -18.05 -19.12
CA GLY B 199 65.73 -18.27 -19.87
C GLY B 199 65.52 -18.26 -21.37
N THR B 200 64.29 -18.56 -21.81
CA THR B 200 63.98 -18.69 -23.23
C THR B 200 63.58 -17.36 -23.88
N GLN B 201 62.91 -16.48 -23.12
CA GLN B 201 62.37 -15.24 -23.67
C GLN B 201 62.99 -14.04 -22.98
N THR B 202 63.16 -12.96 -23.75
CA THR B 202 63.67 -11.69 -23.24
C THR B 202 62.52 -10.74 -22.93
N TYR B 203 62.73 -9.90 -21.92
CA TYR B 203 61.70 -8.98 -21.42
C TYR B 203 62.29 -7.58 -21.32
N ILE B 204 61.79 -6.66 -22.14
CA ILE B 204 62.20 -5.26 -22.15
C ILE B 204 60.95 -4.41 -21.98
N CYS B 205 60.98 -3.49 -21.00
CA CYS B 205 59.89 -2.53 -20.84
C CYS B 205 60.22 -1.25 -21.59
N ASN B 206 59.31 -0.83 -22.46
CA ASN B 206 59.49 0.36 -23.29
C ASN B 206 58.78 1.53 -22.62
N VAL B 207 59.57 2.43 -22.02
CA VAL B 207 59.03 3.57 -21.28
C VAL B 207 59.12 4.82 -22.15
N ASN B 208 58.14 5.71 -22.00
CA ASN B 208 58.03 6.89 -22.86
C ASN B 208 57.44 8.04 -22.05
N HIS B 209 58.27 9.03 -21.73
CA HIS B 209 57.84 10.21 -20.99
C HIS B 209 58.00 11.42 -21.91
N LYS B 210 56.98 11.70 -22.72
CA LYS B 210 57.09 12.74 -23.74
C LYS B 210 57.42 14.13 -23.19
N PRO B 211 56.93 14.56 -22.02
CA PRO B 211 57.30 15.91 -21.54
C PRO B 211 58.80 16.15 -21.44
N SER B 212 59.61 15.09 -21.36
CA SER B 212 61.06 15.23 -21.26
C SER B 212 61.79 14.61 -22.45
N ASN B 213 61.07 14.15 -23.47
CA ASN B 213 61.62 13.36 -24.57
C ASN B 213 62.35 12.12 -24.07
N THR B 214 62.04 11.65 -22.87
CA THR B 214 62.71 10.49 -22.31
C THR B 214 62.14 9.22 -22.92
N LYS B 215 63.02 8.31 -23.32
CA LYS B 215 62.62 7.02 -23.84
C LYS B 215 63.71 6.02 -23.45
N VAL B 216 63.33 5.03 -22.66
CA VAL B 216 64.28 4.05 -22.12
C VAL B 216 63.73 2.66 -22.37
N ASP B 217 64.59 1.76 -22.87
CA ASP B 217 64.28 0.35 -23.01
C ASP B 217 65.15 -0.41 -22.03
N LYS B 218 64.55 -0.85 -20.92
CA LYS B 218 65.25 -1.58 -19.88
C LYS B 218 65.00 -3.08 -20.06
N LYS B 219 66.09 -3.85 -20.13
CA LYS B 219 65.97 -5.29 -20.18
C LYS B 219 65.89 -5.84 -18.76
N VAL B 220 64.96 -6.77 -18.55
CA VAL B 220 64.75 -7.38 -17.24
C VAL B 220 65.37 -8.77 -17.26
N GLU B 221 66.45 -8.95 -16.50
CA GLU B 221 67.18 -10.20 -16.45
C GLU B 221 67.29 -10.67 -15.00
N PRO B 222 67.07 -11.96 -14.73
CA PRO B 222 67.16 -12.45 -13.35
C PRO B 222 68.52 -12.13 -12.73
N LYS B 223 68.49 -11.60 -11.51
CA LYS B 223 69.71 -11.17 -10.84
C LYS B 223 70.53 -12.37 -10.39
N SER B 224 71.76 -12.47 -10.91
CA SER B 224 72.68 -13.51 -10.47
C SER B 224 73.20 -13.21 -9.07
N CYS B 225 73.34 -14.24 -8.27
CA CYS B 225 73.78 -14.11 -6.88
C CYS B 225 74.30 -15.44 -6.33
N ASP C 1 20.31 27.15 -12.24
CA ASP C 1 20.67 26.52 -13.50
C ASP C 1 19.85 25.26 -13.72
N ILE C 2 20.43 24.30 -14.45
CA ILE C 2 19.87 22.97 -14.59
C ILE C 2 20.89 21.98 -14.03
N GLN C 3 20.59 21.41 -12.87
CA GLN C 3 21.45 20.42 -12.24
C GLN C 3 21.01 19.03 -12.71
N MET C 4 21.87 18.35 -13.46
CA MET C 4 21.62 16.97 -13.84
C MET C 4 22.15 16.06 -12.74
N THR C 5 21.25 15.31 -12.12
CA THR C 5 21.56 14.52 -10.93
C THR C 5 21.45 13.03 -11.27
N GLN C 6 22.54 12.29 -11.04
CA GLN C 6 22.57 10.85 -11.27
C GLN C 6 22.57 10.10 -9.93
N SER C 7 21.89 8.96 -9.91
CA SER C 7 21.94 8.06 -8.78
C SER C 7 21.85 6.64 -9.31
N PRO C 8 22.62 5.71 -8.73
CA PRO C 8 23.51 5.99 -7.60
C PRO C 8 24.85 6.59 -8.02
N SER C 9 25.64 7.06 -7.04
CA SER C 9 27.00 7.48 -7.34
C SER C 9 27.88 6.28 -7.70
N SER C 10 27.81 5.25 -6.87
CA SER C 10 28.47 3.98 -7.14
C SER C 10 27.47 2.85 -6.98
N LEU C 11 27.76 1.73 -7.63
CA LEU C 11 27.02 0.50 -7.40
C LEU C 11 27.94 -0.67 -7.66
N SER C 12 27.65 -1.79 -7.02
CA SER C 12 28.37 -3.04 -7.25
C SER C 12 27.32 -4.09 -7.62
N ALA C 13 27.37 -4.59 -8.86
CA ALA C 13 26.43 -5.58 -9.34
C ALA C 13 27.17 -6.78 -9.93
N SER C 14 26.58 -7.96 -9.79
CA SER C 14 27.18 -9.17 -10.30
C SER C 14 26.94 -9.32 -11.80
N VAL C 15 27.72 -10.19 -12.42
CA VAL C 15 27.58 -10.44 -13.86
C VAL C 15 26.25 -11.10 -14.13
N GLY C 16 25.60 -10.70 -15.22
CA GLY C 16 24.26 -11.14 -15.53
C GLY C 16 23.15 -10.32 -14.92
N ASP C 17 23.49 -9.34 -14.09
CA ASP C 17 22.49 -8.48 -13.45
C ASP C 17 21.93 -7.47 -14.43
N ARG C 18 20.75 -6.95 -14.08
CA ARG C 18 20.13 -5.83 -14.79
C ARG C 18 20.25 -4.60 -13.89
N VAL C 19 21.14 -3.67 -14.27
CA VAL C 19 21.37 -2.45 -13.49
C VAL C 19 20.65 -1.30 -14.16
N THR C 20 20.16 -0.36 -13.35
CA THR C 20 19.40 0.79 -13.81
C THR C 20 20.00 2.05 -13.19
N ILE C 21 20.45 2.96 -14.04
CA ILE C 21 20.99 4.26 -13.61
C ILE C 21 19.95 5.31 -13.92
N THR C 22 19.63 6.15 -12.93
CA THR C 22 18.63 7.19 -13.11
C THR C 22 19.31 8.55 -13.21
N CYS C 23 18.83 9.36 -14.15
CA CYS C 23 19.30 10.74 -14.34
C CYS C 23 18.11 11.65 -14.16
N GLN C 24 18.11 12.46 -13.10
CA GLN C 24 16.99 13.34 -12.80
C GLN C 24 17.41 14.79 -13.02
N ALA C 25 16.65 15.49 -13.85
CA ALA C 25 16.91 16.89 -14.17
C ALA C 25 16.19 17.81 -13.19
N SER C 26 16.81 18.96 -12.91
CA SER C 26 16.18 19.95 -12.04
C SER C 26 14.94 20.57 -12.67
N GLU C 27 14.83 20.54 -14.00
CA GLU C 27 13.61 20.97 -14.68
C GLU C 27 13.47 20.19 -15.98
N SER C 28 12.25 20.23 -16.53
CA SER C 28 11.95 19.43 -17.72
C SER C 28 12.88 19.80 -18.87
N ILE C 29 13.42 18.78 -19.52
CA ILE C 29 14.19 18.95 -20.75
C ILE C 29 13.55 18.08 -21.83
N ASN C 30 13.67 18.52 -23.09
CA ASN C 30 13.17 17.75 -24.21
C ASN C 30 13.91 16.43 -24.31
N SER C 31 13.16 15.33 -24.39
CA SER C 31 13.77 14.01 -24.30
C SER C 31 14.78 13.77 -25.41
N ILE C 32 14.62 14.44 -26.54
CA ILE C 32 15.53 14.21 -27.67
C ILE C 32 16.91 14.79 -27.45
N TYR C 33 17.10 15.60 -26.40
CA TYR C 33 18.40 16.18 -26.10
C TYR C 33 19.05 15.57 -24.86
N LEU C 34 18.78 14.28 -24.60
CA LEU C 34 19.36 13.56 -23.48
C LEU C 34 20.21 12.42 -24.00
N ALA C 35 21.48 12.39 -23.61
CA ALA C 35 22.41 11.38 -24.08
C ALA C 35 23.11 10.71 -22.91
N TRP C 36 23.60 9.49 -23.16
CA TRP C 36 24.31 8.69 -22.17
C TRP C 36 25.70 8.30 -22.68
N TYR C 37 26.70 8.47 -21.83
CA TYR C 37 28.08 8.20 -22.19
C TYR C 37 28.68 7.15 -21.26
N GLN C 38 29.57 6.35 -21.83
CA GLN C 38 30.38 5.39 -21.10
C GLN C 38 31.83 5.84 -21.13
N GLN C 39 32.51 5.77 -19.98
CA GLN C 39 33.91 6.16 -19.88
C GLN C 39 34.68 5.08 -19.12
N LYS C 40 35.32 4.19 -19.88
CA LYS C 40 36.21 3.21 -19.27
C LYS C 40 37.47 3.94 -18.77
N PRO C 41 38.13 3.39 -17.76
CA PRO C 41 39.31 4.08 -17.19
C PRO C 41 40.43 4.20 -18.21
N GLY C 42 40.95 5.42 -18.35
CA GLY C 42 42.04 5.67 -19.27
C GLY C 42 41.64 5.88 -20.71
N LYS C 43 40.35 6.01 -21.00
CA LYS C 43 39.89 6.29 -22.35
C LYS C 43 38.96 7.49 -22.34
N ALA C 44 38.81 8.11 -23.51
CA ALA C 44 37.87 9.20 -23.67
C ALA C 44 36.43 8.67 -23.55
N PRO C 45 35.48 9.54 -23.24
CA PRO C 45 34.08 9.10 -23.18
C PRO C 45 33.60 8.54 -24.52
N LYS C 46 32.59 7.69 -24.43
CA LYS C 46 31.99 7.01 -25.59
C LYS C 46 30.48 7.17 -25.53
N LEU C 47 29.86 7.37 -26.69
CA LEU C 47 28.43 7.62 -26.77
C LEU C 47 27.66 6.30 -26.81
N LEU C 48 26.78 6.10 -25.82
CA LEU C 48 25.89 4.94 -25.73
C LEU C 48 24.50 5.24 -26.27
N ILE C 49 23.85 6.29 -25.77
CA ILE C 49 22.46 6.58 -26.09
C ILE C 49 22.36 8.04 -26.47
N TYR C 50 21.49 8.36 -27.42
CA TYR C 50 21.06 9.72 -27.68
C TYR C 50 19.56 9.68 -27.95
N ARG C 51 18.92 10.85 -27.88
CA ARG C 51 17.46 10.95 -27.90
C ARG C 51 16.81 10.10 -26.82
N ALA C 52 17.55 9.83 -25.74
CA ALA C 52 17.06 9.20 -24.53
C ALA C 52 16.71 7.74 -24.74
N SER C 53 16.61 7.28 -25.98
CA SER C 53 16.39 5.85 -26.23
C SER C 53 17.13 5.27 -27.42
N THR C 54 17.81 6.06 -28.23
CA THR C 54 18.35 5.58 -29.50
C THR C 54 19.78 5.11 -29.31
N LEU C 55 20.01 3.82 -29.59
CA LEU C 55 21.33 3.24 -29.49
C LEU C 55 22.26 3.86 -30.55
N ALA C 56 23.49 4.15 -30.14
CA ALA C 56 24.50 4.63 -31.07
C ALA C 56 25.12 3.47 -31.82
N SER C 57 25.60 3.74 -33.03
CA SER C 57 26.19 2.69 -33.85
C SER C 57 27.40 2.08 -33.15
N GLY C 58 27.47 0.75 -33.18
CA GLY C 58 28.55 0.05 -32.52
C GLY C 58 28.38 -0.19 -31.04
N VAL C 59 27.20 0.07 -30.49
CA VAL C 59 26.92 -0.12 -29.08
C VAL C 59 26.11 -1.41 -28.92
N PRO C 60 26.45 -2.29 -27.99
CA PRO C 60 25.73 -3.57 -27.85
C PRO C 60 24.25 -3.36 -27.54
N SER C 61 23.47 -4.44 -27.71
CA SER C 61 22.04 -4.41 -27.47
C SER C 61 21.67 -4.43 -26.00
N ARG C 62 22.58 -4.90 -25.13
CA ARG C 62 22.28 -4.94 -23.70
C ARG C 62 22.01 -3.54 -23.12
N PHE C 63 22.41 -2.49 -23.83
CA PHE C 63 22.17 -1.13 -23.37
C PHE C 63 20.83 -0.62 -23.89
N SER C 64 20.07 0.03 -23.00
CA SER C 64 18.79 0.62 -23.36
C SER C 64 18.62 1.90 -22.58
N GLY C 65 17.87 2.83 -23.16
CA GLY C 65 17.53 4.07 -22.49
C GLY C 65 16.05 4.35 -22.60
N SER C 66 15.54 5.05 -21.58
CA SER C 66 14.16 5.53 -21.58
C SER C 66 14.09 6.80 -20.77
N GLY C 67 12.88 7.32 -20.62
CA GLY C 67 12.61 8.51 -19.82
C GLY C 67 11.96 9.61 -20.63
N SER C 68 11.55 10.64 -19.89
CA SER C 68 10.93 11.84 -20.44
C SER C 68 10.81 12.86 -19.32
N GLY C 69 10.72 14.13 -19.69
CA GLY C 69 10.58 15.16 -18.69
C GLY C 69 11.79 15.32 -17.79
N THR C 70 11.68 14.90 -16.53
CA THR C 70 12.76 15.07 -15.57
C THR C 70 13.49 13.78 -15.21
N ASP C 71 12.88 12.61 -15.43
CA ASP C 71 13.44 11.35 -14.98
C ASP C 71 13.82 10.48 -16.18
N PHE C 72 15.11 10.15 -16.28
CA PHE C 72 15.64 9.31 -17.35
C PHE C 72 16.42 8.15 -16.74
N THR C 73 16.36 6.99 -17.40
CA THR C 73 17.01 5.79 -16.89
C THR C 73 17.91 5.18 -17.95
N LEU C 74 19.08 4.71 -17.52
CA LEU C 74 19.96 3.89 -18.34
C LEU C 74 19.97 2.48 -17.75
N THR C 75 19.72 1.49 -18.59
CA THR C 75 19.59 0.10 -18.15
C THR C 75 20.54 -0.78 -18.94
N ILE C 76 21.25 -1.66 -18.23
CA ILE C 76 22.07 -2.72 -18.84
C ILE C 76 21.37 -4.04 -18.52
N SER C 77 20.86 -4.71 -19.55
CA SER C 77 19.99 -5.87 -19.34
C SER C 77 20.76 -7.08 -18.81
N SER C 78 22.01 -7.25 -19.25
CA SER C 78 22.84 -8.37 -18.79
C SER C 78 24.26 -7.83 -18.61
N LEU C 79 24.61 -7.50 -17.36
CA LEU C 79 25.90 -6.88 -17.09
C LEU C 79 27.05 -7.79 -17.50
N GLN C 80 28.10 -7.18 -18.04
CA GLN C 80 29.32 -7.88 -18.44
C GLN C 80 30.52 -7.27 -17.73
N PRO C 81 31.57 -8.05 -17.48
CA PRO C 81 32.72 -7.50 -16.76
C PRO C 81 33.38 -6.33 -17.46
N GLU C 82 33.32 -6.27 -18.79
CA GLU C 82 33.88 -5.14 -19.52
C GLU C 82 33.02 -3.89 -19.38
N ASP C 83 31.76 -4.04 -18.97
CA ASP C 83 30.88 -2.90 -18.74
C ASP C 83 31.29 -2.06 -17.54
N PHE C 84 32.39 -2.42 -16.87
CA PHE C 84 32.92 -1.65 -15.76
C PHE C 84 33.40 -0.29 -16.24
N ALA C 85 32.71 0.77 -15.82
CA ALA C 85 33.01 2.14 -16.24
C ALA C 85 32.23 3.09 -15.33
N THR C 86 32.33 4.38 -15.61
CA THR C 86 31.48 5.38 -14.98
C THR C 86 30.63 6.02 -16.07
N TYR C 87 29.31 5.91 -15.92
CA TYR C 87 28.36 6.31 -16.94
C TYR C 87 27.82 7.70 -16.66
N TYR C 88 27.59 8.48 -17.71
CA TYR C 88 27.20 9.87 -17.59
C TYR C 88 25.97 10.16 -18.44
N CYS C 89 25.03 10.92 -17.88
CA CYS C 89 23.97 11.50 -18.67
C CYS C 89 24.31 12.96 -18.97
N GLN C 90 23.91 13.42 -20.15
CA GLN C 90 24.19 14.79 -20.55
C GLN C 90 22.96 15.35 -21.24
N GLN C 91 22.75 16.65 -21.07
CA GLN C 91 21.65 17.37 -21.72
C GLN C 91 22.20 18.44 -22.65
N SER C 92 21.61 18.54 -23.83
CA SER C 92 21.94 19.58 -24.79
C SER C 92 20.68 20.37 -25.15
N TYR C 93 19.92 20.76 -24.12
CA TYR C 93 18.66 21.50 -24.26
C TYR C 93 18.79 22.95 -23.82
N ASP C 94 19.34 23.21 -22.63
CA ASP C 94 19.54 24.56 -22.13
C ASP C 94 20.99 24.74 -21.70
N TRP C 95 21.68 25.67 -22.36
CA TRP C 95 22.99 26.19 -21.98
C TRP C 95 22.76 27.63 -21.52
N GLY C 96 23.82 28.39 -21.33
CA GLY C 96 23.55 29.75 -20.92
C GLY C 96 23.10 29.84 -19.48
N ASP C 97 24.06 29.84 -18.56
CA ASP C 97 23.84 29.73 -17.11
C ASP C 97 23.43 28.32 -16.72
N VAL C 98 24.23 27.35 -17.16
CA VAL C 98 24.21 26.00 -16.63
C VAL C 98 25.62 25.69 -16.16
N GLU C 99 25.75 25.22 -14.92
CA GLU C 99 27.08 25.01 -14.37
C GLU C 99 27.75 23.76 -14.97
N ASN C 100 26.95 22.80 -15.43
CA ASN C 100 27.47 21.61 -16.07
C ASN C 100 26.36 20.90 -16.85
N THR C 101 26.61 20.51 -18.09
CA THR C 101 25.62 19.73 -18.81
C THR C 101 25.66 18.25 -18.44
N PHE C 102 26.76 17.78 -17.87
CA PHE C 102 26.90 16.38 -17.48
C PHE C 102 26.35 16.14 -16.08
N GLY C 103 25.85 14.92 -15.85
CA GLY C 103 25.54 14.48 -14.51
C GLY C 103 26.81 14.15 -13.74
N GLY C 104 26.64 13.88 -12.44
CA GLY C 104 27.77 13.58 -11.60
C GLY C 104 28.47 12.27 -11.92
N GLY C 105 27.86 11.43 -12.74
CA GLY C 105 28.45 10.14 -13.06
C GLY C 105 28.02 9.05 -12.10
N THR C 106 28.02 7.82 -12.60
CA THR C 106 27.63 6.64 -11.85
C THR C 106 28.70 5.58 -12.04
N LYS C 107 29.51 5.34 -11.01
CA LYS C 107 30.57 4.34 -11.11
C LYS C 107 29.99 2.94 -10.92
N VAL C 108 30.14 2.09 -11.92
CA VAL C 108 29.67 0.70 -11.87
C VAL C 108 30.86 -0.20 -11.63
N GLU C 109 30.82 -0.95 -10.53
CA GLU C 109 31.85 -1.92 -10.18
C GLU C 109 31.26 -3.33 -10.23
N ILE C 110 32.09 -4.31 -10.59
CA ILE C 110 31.64 -5.67 -10.84
C ILE C 110 31.84 -6.49 -9.57
N LYS C 111 30.74 -7.04 -9.05
CA LYS C 111 30.83 -7.96 -7.92
C LYS C 111 31.24 -9.34 -8.43
N ARG C 112 32.01 -10.05 -7.60
CA ARG C 112 32.74 -11.22 -8.04
C ARG C 112 33.05 -12.10 -6.83
N THR C 113 33.38 -13.36 -7.11
CA THR C 113 33.84 -14.24 -6.03
C THR C 113 35.16 -13.73 -5.46
N VAL C 114 35.37 -13.99 -4.18
CA VAL C 114 36.61 -13.57 -3.53
C VAL C 114 37.79 -14.25 -4.22
N ALA C 115 38.87 -13.49 -4.39
CA ALA C 115 40.12 -14.00 -4.97
C ALA C 115 41.28 -13.54 -4.10
N ALA C 116 42.12 -14.50 -3.66
CA ALA C 116 43.27 -14.17 -2.83
C ALA C 116 44.39 -13.60 -3.69
N PRO C 117 45.16 -12.65 -3.17
CA PRO C 117 46.23 -12.05 -3.96
C PRO C 117 47.46 -12.94 -4.07
N SER C 118 48.00 -13.03 -5.28
CA SER C 118 49.34 -13.60 -5.47
C SER C 118 50.37 -12.55 -5.08
N VAL C 119 51.18 -12.84 -4.07
CA VAL C 119 52.09 -11.85 -3.49
C VAL C 119 53.50 -12.08 -4.02
N PHE C 120 54.16 -10.98 -4.40
CA PHE C 120 55.54 -10.99 -4.85
C PHE C 120 56.28 -9.85 -4.16
N ILE C 121 57.61 -9.95 -4.13
CA ILE C 121 58.44 -8.91 -3.54
C ILE C 121 59.67 -8.72 -4.41
N PHE C 122 60.12 -7.47 -4.53
CA PHE C 122 61.22 -7.12 -5.42
C PHE C 122 62.25 -6.33 -4.61
N PRO C 123 63.52 -6.75 -4.61
CA PRO C 123 64.57 -5.96 -3.94
C PRO C 123 64.94 -4.76 -4.78
N PRO C 124 65.65 -3.79 -4.21
CA PRO C 124 66.17 -2.68 -5.02
C PRO C 124 67.07 -3.18 -6.14
N SER C 125 67.21 -2.35 -7.17
CA SER C 125 68.16 -2.61 -8.23
C SER C 125 69.54 -2.08 -7.83
N ASP C 126 70.58 -2.78 -8.28
CA ASP C 126 71.93 -2.28 -8.04
C ASP C 126 72.15 -0.93 -8.71
N GLU C 127 71.39 -0.65 -9.78
CA GLU C 127 71.38 0.70 -10.35
C GLU C 127 70.88 1.72 -9.33
N GLN C 128 69.67 1.49 -8.79
CA GLN C 128 69.02 2.51 -7.97
C GLN C 128 69.84 2.84 -6.74
N LEU C 129 70.50 1.84 -6.13
CA LEU C 129 71.31 2.11 -4.94
C LEU C 129 72.53 2.98 -5.26
N LYS C 130 72.89 3.13 -6.54
CA LYS C 130 73.95 4.05 -6.91
C LYS C 130 73.57 5.50 -6.67
N SER C 131 72.27 5.79 -6.48
CA SER C 131 71.78 7.15 -6.30
C SER C 131 71.39 7.47 -4.86
N GLY C 132 71.64 6.55 -3.92
CA GLY C 132 71.37 6.80 -2.53
C GLY C 132 69.95 6.55 -2.07
N THR C 133 69.13 5.88 -2.88
CA THR C 133 67.75 5.61 -2.54
C THR C 133 67.46 4.13 -2.78
N ALA C 134 66.67 3.54 -1.88
CA ALA C 134 66.30 2.13 -1.95
C ALA C 134 64.79 2.00 -1.98
N SER C 135 64.26 1.38 -3.04
CA SER C 135 62.82 1.19 -3.21
C SER C 135 62.51 -0.30 -3.20
N VAL C 136 61.84 -0.75 -2.14
CA VAL C 136 61.35 -2.12 -2.04
C VAL C 136 59.89 -2.14 -2.49
N VAL C 137 59.57 -3.02 -3.43
CA VAL C 137 58.25 -3.10 -4.05
C VAL C 137 57.61 -4.42 -3.67
N CYS C 138 56.35 -4.37 -3.25
CA CYS C 138 55.54 -5.54 -2.97
C CYS C 138 54.32 -5.51 -3.88
N LEU C 139 54.06 -6.62 -4.59
CA LEU C 139 53.02 -6.67 -5.60
C LEU C 139 51.96 -7.69 -5.21
N LEU C 140 50.69 -7.24 -5.23
CA LEU C 140 49.53 -8.09 -5.06
C LEU C 140 48.80 -8.15 -6.39
N ASN C 141 48.56 -9.37 -6.89
CA ASN C 141 48.16 -9.55 -8.28
C ASN C 141 46.84 -10.29 -8.37
N ASN C 142 45.90 -9.71 -9.12
CA ASN C 142 44.64 -10.36 -9.52
C ASN C 142 43.84 -10.87 -8.32
N PHE C 143 43.41 -9.94 -7.47
CA PHE C 143 42.60 -10.25 -6.30
C PHE C 143 41.30 -9.48 -6.31
N TYR C 144 40.40 -9.88 -5.39
CA TYR C 144 39.09 -9.27 -5.19
C TYR C 144 38.58 -9.77 -3.85
N PRO C 145 38.00 -8.92 -2.99
CA PRO C 145 37.72 -7.47 -3.13
C PRO C 145 38.97 -6.58 -3.10
N ARG C 146 38.73 -5.26 -3.17
CA ARG C 146 39.80 -4.28 -3.27
C ARG C 146 40.46 -3.99 -1.93
N GLU C 147 39.69 -4.03 -0.84
CA GLU C 147 40.22 -3.68 0.48
C GLU C 147 41.23 -4.73 0.93
N ALA C 148 42.50 -4.33 1.01
CA ALA C 148 43.57 -5.22 1.44
C ALA C 148 44.48 -4.48 2.40
N LYS C 149 45.29 -5.25 3.13
CA LYS C 149 46.19 -4.71 4.14
C LYS C 149 47.60 -5.18 3.81
N VAL C 150 48.48 -4.23 3.49
CA VAL C 150 49.87 -4.53 3.15
C VAL C 150 50.74 -3.82 4.17
N GLN C 151 51.43 -4.59 5.01
CA GLN C 151 52.27 -4.06 6.08
C GLN C 151 53.73 -4.37 5.80
N TRP C 152 54.59 -3.40 6.10
CA TRP C 152 56.04 -3.52 5.89
C TRP C 152 56.74 -3.77 7.23
N LYS C 153 57.62 -4.78 7.24
CA LYS C 153 58.40 -5.12 8.43
C LYS C 153 59.86 -5.19 8.05
N VAL C 154 60.68 -4.37 8.69
CA VAL C 154 62.13 -4.34 8.46
C VAL C 154 62.81 -4.84 9.73
N ASP C 155 63.55 -5.94 9.61
CA ASP C 155 64.14 -6.62 10.77
C ASP C 155 63.06 -6.94 11.80
N ASN C 156 61.89 -7.33 11.31
CA ASN C 156 60.69 -7.58 12.12
C ASN C 156 60.25 -6.33 12.89
N ALA C 157 60.67 -5.15 12.46
CA ALA C 157 60.16 -3.89 13.00
C ALA C 157 59.17 -3.29 12.03
N LEU C 158 57.97 -3.01 12.53
CA LEU C 158 56.87 -2.41 11.72
C LEU C 158 57.30 -1.01 11.27
N GLN C 159 56.96 -0.63 10.05
CA GLN C 159 57.31 0.67 9.50
C GLN C 159 56.06 1.50 9.22
N SER C 160 56.20 2.82 9.31
CA SER C 160 55.08 3.73 9.10
C SER C 160 55.58 5.04 8.49
N GLY C 161 54.81 5.57 7.55
CA GLY C 161 55.12 6.84 6.91
C GLY C 161 56.08 6.78 5.74
N ASN C 162 56.35 5.59 5.20
CA ASN C 162 57.34 5.45 4.14
C ASN C 162 56.88 4.54 3.01
N SER C 163 55.59 4.22 2.94
CA SER C 163 55.07 3.34 1.90
C SER C 163 53.93 4.05 1.18
N GLN C 164 53.78 3.74 -0.11
CA GLN C 164 52.75 4.33 -0.94
C GLN C 164 52.15 3.25 -1.82
N GLU C 165 50.84 3.04 -1.72
CA GLU C 165 50.14 2.01 -2.47
C GLU C 165 49.51 2.61 -3.73
N SER C 166 49.34 1.76 -4.74
CA SER C 166 48.62 2.13 -5.95
C SER C 166 47.85 0.90 -6.41
N VAL C 167 46.58 1.08 -6.74
CA VAL C 167 45.68 0.00 -7.12
C VAL C 167 45.27 0.16 -8.56
N THR C 168 45.29 -0.94 -9.31
CA THR C 168 44.79 -0.89 -10.69
C THR C 168 43.28 -0.76 -10.68
N GLU C 169 42.74 -0.25 -11.79
CA GLU C 169 41.31 -0.31 -11.95
C GLU C 169 40.87 -1.76 -12.19
N GLN C 170 39.58 -2.02 -11.94
CA GLN C 170 39.05 -3.36 -12.09
C GLN C 170 39.27 -3.87 -13.51
N ASP C 171 39.84 -5.06 -13.63
CA ASP C 171 40.14 -5.62 -14.95
C ASP C 171 38.86 -5.94 -15.70
N SER C 172 38.82 -5.57 -16.98
CA SER C 172 37.62 -5.72 -17.80
C SER C 172 37.37 -7.15 -18.25
N LYS C 173 38.15 -8.12 -17.80
CA LYS C 173 37.97 -9.52 -18.19
C LYS C 173 37.67 -10.43 -17.02
N ASP C 174 38.44 -10.37 -15.94
CA ASP C 174 38.23 -11.21 -14.76
C ASP C 174 37.75 -10.44 -13.55
N SER C 175 37.52 -9.13 -13.67
CA SER C 175 36.97 -8.29 -12.59
C SER C 175 37.83 -8.37 -11.33
N THR C 176 39.14 -8.28 -11.50
CA THR C 176 40.08 -8.38 -10.40
C THR C 176 40.87 -7.09 -10.24
N TYR C 177 41.60 -6.99 -9.13
CA TYR C 177 42.42 -5.83 -8.82
C TYR C 177 43.88 -6.25 -8.69
N SER C 178 44.77 -5.28 -8.78
CA SER C 178 46.19 -5.49 -8.52
C SER C 178 46.70 -4.31 -7.72
N LEU C 179 47.62 -4.59 -6.79
CA LEU C 179 48.12 -3.58 -5.87
C LEU C 179 49.63 -3.63 -5.83
N SER C 180 50.25 -2.48 -5.56
CA SER C 180 51.70 -2.37 -5.50
C SER C 180 52.07 -1.42 -4.37
N SER C 181 52.69 -1.95 -3.31
CA SER C 181 53.18 -1.14 -2.21
C SER C 181 54.67 -0.92 -2.39
N THR C 182 55.10 0.33 -2.26
CA THR C 182 56.49 0.72 -2.53
C THR C 182 57.11 1.28 -1.25
N LEU C 183 58.04 0.51 -0.67
CA LEU C 183 58.77 0.93 0.52
C LEU C 183 60.05 1.65 0.11
N THR C 184 60.20 2.90 0.54
CA THR C 184 61.33 3.74 0.15
C THR C 184 62.14 4.10 1.37
N LEU C 185 63.45 3.82 1.32
CA LEU C 185 64.37 4.10 2.39
C LEU C 185 65.61 4.81 1.83
N SER C 186 66.35 5.47 2.71
CA SER C 186 67.67 5.95 2.35
C SER C 186 68.61 4.76 2.16
N LYS C 187 69.58 4.91 1.25
CA LYS C 187 70.52 3.82 0.99
C LYS C 187 71.28 3.43 2.25
N ALA C 188 71.46 4.37 3.17
CA ALA C 188 72.04 4.06 4.47
C ALA C 188 71.23 2.99 5.19
N ASP C 189 69.94 3.27 5.44
CA ASP C 189 69.11 2.35 6.21
C ASP C 189 68.82 1.05 5.47
N TYR C 190 69.05 0.98 4.16
CA TYR C 190 68.81 -0.28 3.45
C TYR C 190 69.91 -1.29 3.74
N GLU C 191 71.18 -0.89 3.56
CA GLU C 191 72.30 -1.77 3.87
C GLU C 191 72.53 -1.90 5.37
N LYS C 192 71.75 -1.20 6.20
CA LYS C 192 71.86 -1.20 7.65
C LYS C 192 71.03 -2.32 8.30
N HIS C 193 70.13 -2.96 7.55
CA HIS C 193 69.37 -4.12 8.02
C HIS C 193 69.43 -5.20 6.94
N LYS C 194 68.95 -6.41 7.28
CA LYS C 194 69.19 -7.57 6.43
C LYS C 194 67.95 -8.36 6.02
N VAL C 195 66.79 -8.14 6.62
CA VAL C 195 65.57 -8.85 6.24
C VAL C 195 64.41 -7.85 6.11
N TYR C 196 63.76 -7.88 4.95
CA TYR C 196 62.61 -7.02 4.66
C TYR C 196 61.41 -7.89 4.31
N ALA C 197 60.33 -7.74 5.05
CA ALA C 197 59.15 -8.57 4.92
C ALA C 197 57.95 -7.74 4.50
N CYS C 198 57.13 -8.31 3.61
CA CYS C 198 55.87 -7.72 3.18
C CYS C 198 54.74 -8.62 3.68
N GLU C 199 53.93 -8.11 4.60
CA GLU C 199 52.82 -8.88 5.17
C GLU C 199 51.50 -8.41 4.56
N VAL C 200 50.77 -9.34 3.96
CA VAL C 200 49.55 -9.04 3.23
C VAL C 200 48.36 -9.68 3.96
N THR C 201 47.38 -8.86 4.33
CA THR C 201 46.15 -9.32 4.96
C THR C 201 44.99 -9.05 4.01
N HIS C 202 44.23 -10.10 3.66
CA HIS C 202 43.15 -9.97 2.71
C HIS C 202 42.07 -11.00 3.03
N GLN C 203 40.85 -10.72 2.58
CA GLN C 203 39.72 -11.58 2.89
C GLN C 203 39.91 -12.99 2.34
N GLY C 204 40.47 -13.11 1.13
CA GLY C 204 40.70 -14.39 0.51
C GLY C 204 41.83 -15.20 1.10
N LEU C 205 42.51 -14.68 2.11
CA LEU C 205 43.59 -15.38 2.78
C LEU C 205 43.11 -15.92 4.11
N SER C 206 43.44 -17.19 4.39
CA SER C 206 43.09 -17.76 5.69
C SER C 206 43.79 -17.04 6.84
N SER C 207 45.02 -16.61 6.62
CA SER C 207 45.79 -15.87 7.61
C SER C 207 46.79 -14.98 6.85
N PRO C 208 47.24 -13.90 7.51
CA PRO C 208 48.15 -12.96 6.81
C PRO C 208 49.38 -13.65 6.22
N VAL C 209 49.57 -13.47 4.91
CA VAL C 209 50.74 -13.99 4.20
C VAL C 209 51.87 -12.98 4.30
N THR C 210 53.06 -13.45 4.66
CA THR C 210 54.24 -12.61 4.77
C THR C 210 55.28 -13.07 3.75
N LYS C 211 55.72 -12.16 2.90
CA LYS C 211 56.78 -12.41 1.93
C LYS C 211 58.00 -11.58 2.28
N SER C 212 59.15 -12.23 2.42
CA SER C 212 60.37 -11.57 2.84
C SER C 212 61.52 -12.02 1.97
N PHE C 213 62.54 -11.17 1.92
CA PHE C 213 63.80 -11.47 1.27
C PHE C 213 64.94 -11.05 2.18
N ASN C 214 65.99 -11.85 2.23
CA ASN C 214 67.17 -11.51 3.02
C ASN C 214 68.12 -10.67 2.17
N ARG C 215 68.61 -9.57 2.74
CA ARG C 215 69.37 -8.60 1.95
C ARG C 215 70.65 -9.19 1.42
N GLY C 216 70.88 -9.03 0.11
CA GLY C 216 72.09 -9.53 -0.51
C GLY C 216 72.03 -10.99 -0.89
N GLU C 217 71.93 -11.86 0.11
CA GLU C 217 71.87 -13.29 -0.13
C GLU C 217 70.56 -13.66 -0.84
N CYS C 218 70.55 -14.85 -1.42
CA CYS C 218 69.49 -15.27 -2.31
C CYS C 218 69.10 -16.74 -2.11
N GLU D 1 3.85 -3.20 22.01
CA GLU D 1 4.47 -2.94 23.32
C GLU D 1 3.42 -2.67 24.38
N VAL D 2 3.62 -1.57 25.11
CA VAL D 2 2.62 -1.13 26.08
C VAL D 2 1.38 -0.61 25.35
N GLN D 3 0.29 -0.49 26.10
CA GLN D 3 -0.98 -0.06 25.53
C GLN D 3 -1.81 0.63 26.61
N LEU D 4 -2.57 1.65 26.21
CA LEU D 4 -3.51 2.33 27.09
C LEU D 4 -4.91 2.21 26.50
N LEU D 5 -5.84 1.67 27.28
CA LEU D 5 -7.22 1.47 26.85
C LEU D 5 -8.16 2.32 27.68
N GLU D 6 -9.05 3.05 27.01
CA GLU D 6 -10.00 3.93 27.66
C GLU D 6 -11.42 3.39 27.52
N SER D 7 -12.25 3.72 28.51
CA SER D 7 -13.61 3.21 28.56
C SER D 7 -14.44 4.18 29.40
N GLY D 8 -15.74 3.87 29.49
CA GLY D 8 -16.66 4.69 30.26
C GLY D 8 -17.37 5.76 29.48
N GLY D 9 -16.95 6.05 28.25
CA GLY D 9 -17.55 7.11 27.47
C GLY D 9 -18.95 6.73 27.00
N GLY D 10 -19.58 7.68 26.32
CA GLY D 10 -20.87 7.48 25.72
C GLY D 10 -21.76 8.69 25.93
N LEU D 11 -23.06 8.45 25.75
CA LEU D 11 -24.05 9.50 25.98
C LEU D 11 -24.23 9.77 27.47
N VAL D 12 -24.41 11.05 27.81
CA VAL D 12 -24.70 11.46 29.17
C VAL D 12 -25.56 12.72 29.11
N GLN D 13 -26.45 12.86 30.09
CA GLN D 13 -27.35 13.99 30.11
C GLN D 13 -26.63 15.23 30.68
N PRO D 14 -27.06 16.42 30.28
CA PRO D 14 -26.52 17.63 30.92
C PRO D 14 -26.65 17.56 32.43
N GLY D 15 -25.68 18.16 33.12
CA GLY D 15 -25.61 18.03 34.55
C GLY D 15 -25.29 16.63 35.04
N GLY D 16 -24.96 15.72 34.14
CA GLY D 16 -24.66 14.36 34.53
C GLY D 16 -23.21 14.17 34.95
N SER D 17 -22.94 12.99 35.52
CA SER D 17 -21.62 12.64 36.00
C SER D 17 -21.17 11.35 35.33
N LEU D 18 -19.89 11.30 34.95
CA LEU D 18 -19.33 10.18 34.21
C LEU D 18 -17.94 9.89 34.74
N ARG D 19 -17.50 8.64 34.60
CA ARG D 19 -16.18 8.22 35.06
C ARG D 19 -15.49 7.43 33.94
N LEU D 20 -14.55 8.07 33.26
CA LEU D 20 -13.75 7.39 32.26
C LEU D 20 -12.59 6.66 32.90
N SER D 21 -12.22 5.52 32.31
CA SER D 21 -11.15 4.68 32.81
C SER D 21 -10.01 4.62 31.79
N CYS D 22 -8.80 4.44 32.30
CA CYS D 22 -7.60 4.24 31.49
C CYS D 22 -6.86 3.04 32.05
N ALA D 23 -6.84 1.95 31.29
CA ALA D 23 -6.24 0.70 31.75
C ALA D 23 -4.78 0.64 31.35
N ALA D 24 -3.90 0.63 32.34
CA ALA D 24 -2.46 0.48 32.09
C ALA D 24 -2.17 -0.99 31.82
N SER D 25 -2.13 -1.36 30.54
CA SER D 25 -1.84 -2.71 30.11
C SER D 25 -0.38 -2.80 29.71
N GLY D 26 0.25 -3.92 30.02
CA GLY D 26 1.67 -4.03 29.65
C GLY D 26 2.58 -3.38 30.67
N ILE D 27 3.80 -3.91 30.74
CA ILE D 27 4.75 -3.48 31.77
C ILE D 27 5.15 -2.03 31.55
N ASP D 28 4.87 -1.19 32.55
CA ASP D 28 5.42 0.15 32.67
C ASP D 28 6.20 0.33 33.95
N PHE D 29 5.72 -0.28 35.04
CA PHE D 29 6.08 0.12 36.39
C PHE D 29 7.49 -0.33 36.75
N SER D 30 8.46 0.43 36.26
CA SER D 30 9.82 0.42 36.75
C SER D 30 10.39 1.83 36.74
N ASN D 31 9.59 2.82 36.36
CA ASN D 31 10.01 4.19 36.10
C ASN D 31 9.13 5.15 36.87
N HIS D 32 9.25 6.45 36.57
CA HIS D 32 8.35 7.45 37.10
C HIS D 32 7.70 8.16 35.92
N TYR D 33 6.38 8.33 35.99
CA TYR D 33 5.68 8.88 34.83
C TYR D 33 4.43 9.63 35.28
N TYR D 34 3.88 10.41 34.36
CA TYR D 34 2.59 11.05 34.53
C TYR D 34 1.55 10.38 33.64
N MET D 35 0.30 10.42 34.09
CA MET D 35 -0.84 9.99 33.31
C MET D 35 -1.64 11.24 32.97
N TYR D 36 -1.66 11.63 31.70
CA TYR D 36 -2.38 12.82 31.29
C TYR D 36 -3.79 12.46 30.85
N TRP D 37 -4.71 13.40 31.07
CA TRP D 37 -6.05 13.36 30.49
C TRP D 37 -6.16 14.54 29.54
N VAL D 38 -6.41 14.24 28.26
CA VAL D 38 -6.52 15.26 27.22
C VAL D 38 -7.81 15.01 26.46
N ARG D 39 -8.48 16.09 26.06
CA ARG D 39 -9.70 15.99 25.27
C ARG D 39 -9.57 16.82 24.00
N GLN D 40 -10.34 16.44 22.97
CA GLN D 40 -10.36 17.17 21.70
C GLN D 40 -11.82 17.32 21.29
N ALA D 41 -12.37 18.52 21.48
CA ALA D 41 -13.70 18.81 20.99
C ALA D 41 -13.70 18.77 19.47
N PRO D 42 -14.83 18.43 18.84
CA PRO D 42 -14.86 18.30 17.38
C PRO D 42 -14.45 19.60 16.68
N GLY D 43 -13.50 19.47 15.75
CA GLY D 43 -13.01 20.63 15.03
C GLY D 43 -12.20 21.61 15.86
N LYS D 44 -11.89 21.28 17.11
CA LYS D 44 -11.13 22.13 18.00
C LYS D 44 -9.76 21.52 18.28
N GLY D 45 -8.99 22.14 19.17
CA GLY D 45 -7.67 21.68 19.49
C GLY D 45 -7.61 20.80 20.74
N LEU D 46 -6.41 20.29 21.00
CA LEU D 46 -6.18 19.49 22.19
C LEU D 46 -6.27 20.38 23.43
N GLU D 47 -7.01 19.90 24.44
CA GLU D 47 -7.12 20.59 25.72
C GLU D 47 -6.62 19.67 26.81
N TRP D 48 -5.67 20.17 27.60
CA TRP D 48 -5.15 19.43 28.74
C TRP D 48 -6.12 19.52 29.90
N ILE D 49 -6.56 18.36 30.41
CA ILE D 49 -7.49 18.31 31.53
C ILE D 49 -6.70 18.24 32.83
N GLY D 50 -5.86 17.22 32.96
CA GLY D 50 -5.06 17.08 34.16
C GLY D 50 -4.06 15.95 34.04
N SER D 51 -3.31 15.74 35.12
CA SER D 51 -2.32 14.68 35.19
C SER D 51 -2.27 14.12 36.60
N ILE D 52 -1.63 12.96 36.75
CA ILE D 52 -1.41 12.34 38.07
C ILE D 52 -0.03 11.67 38.06
N PHE D 53 0.75 11.93 39.09
CA PHE D 53 2.10 11.36 39.18
C PHE D 53 2.06 9.92 39.66
N SER D 54 3.00 9.11 39.15
CA SER D 54 3.00 7.68 39.43
C SER D 54 3.53 7.35 40.82
N GLY D 55 4.34 8.22 41.42
CA GLY D 55 4.93 7.93 42.71
C GLY D 55 3.89 7.83 43.82
N ASP D 56 4.38 7.48 45.01
CA ASP D 56 3.49 7.28 46.16
C ASP D 56 2.77 8.55 46.56
N SER D 57 3.30 9.73 46.20
CA SER D 57 2.64 10.97 46.58
C SER D 57 1.31 11.15 45.88
N ALA D 58 1.13 10.52 44.71
CA ALA D 58 -0.11 10.62 43.94
C ALA D 58 -0.50 12.08 43.69
N SER D 59 0.50 12.91 43.37
CA SER D 59 0.26 14.31 43.09
C SER D 59 -0.66 14.45 41.88
N THR D 60 -1.64 15.34 41.99
CA THR D 60 -2.57 15.57 40.89
C THR D 60 -2.53 17.04 40.50
N TYR D 61 -2.68 17.31 39.21
CA TYR D 61 -2.65 18.64 38.64
C TYR D 61 -3.82 18.79 37.68
N TYR D 62 -4.41 19.99 37.61
CA TYR D 62 -5.59 20.22 36.80
C TYR D 62 -5.45 21.54 36.04
N ALA D 63 -6.02 21.58 34.85
CA ALA D 63 -6.25 22.86 34.19
C ALA D 63 -7.28 23.66 34.98
N ASP D 64 -7.07 24.97 35.05
CA ASP D 64 -7.96 25.82 35.84
C ASP D 64 -9.40 25.74 35.34
N SER D 65 -9.60 25.49 34.04
CA SER D 65 -10.94 25.21 33.54
C SER D 65 -11.53 24.00 34.26
N ALA D 66 -10.69 23.03 34.62
CA ALA D 66 -11.13 21.77 35.20
C ALA D 66 -11.00 21.72 36.72
N LYS D 67 -10.32 22.69 37.35
CA LYS D 67 -10.21 22.67 38.80
C LYS D 67 -11.58 22.76 39.44
N GLY D 68 -11.83 21.88 40.42
CA GLY D 68 -13.07 21.87 41.15
C GLY D 68 -14.18 21.04 40.52
N ARG D 69 -14.21 20.96 39.19
CA ARG D 69 -15.25 20.18 38.53
C ARG D 69 -14.82 18.75 38.21
N PHE D 70 -13.54 18.53 37.93
CA PHE D 70 -13.00 17.22 37.59
C PHE D 70 -12.16 16.68 38.75
N THR D 71 -11.96 15.37 38.76
CA THR D 71 -11.14 14.72 39.77
C THR D 71 -10.48 13.50 39.16
N ILE D 72 -9.16 13.41 39.31
CA ILE D 72 -8.37 12.30 38.78
C ILE D 72 -7.94 11.42 39.94
N SER D 73 -8.13 10.11 39.79
CA SER D 73 -7.84 9.17 40.85
C SER D 73 -7.11 7.97 40.26
N ARG D 74 -6.52 7.17 41.14
CA ARG D 74 -5.83 5.95 40.74
C ARG D 74 -6.15 4.85 41.74
N ASP D 75 -6.58 3.70 41.24
CA ASP D 75 -6.85 2.53 42.07
C ASP D 75 -5.79 1.47 41.73
N ASN D 76 -4.77 1.35 42.58
CA ASN D 76 -3.76 0.32 42.39
C ASN D 76 -4.32 -1.08 42.60
N SER D 77 -5.53 -1.22 43.15
CA SER D 77 -6.18 -2.53 43.23
C SER D 77 -6.36 -3.12 41.85
N LYS D 78 -6.88 -2.32 40.91
CA LYS D 78 -7.12 -2.76 39.54
C LYS D 78 -6.10 -2.23 38.55
N ASN D 79 -5.13 -1.42 39.01
CA ASN D 79 -4.09 -0.84 38.14
C ASN D 79 -4.73 -0.03 37.00
N THR D 80 -5.48 0.99 37.39
CA THR D 80 -6.32 1.74 36.46
C THR D 80 -6.38 3.20 36.88
N LEU D 81 -6.44 4.09 35.90
CA LEU D 81 -6.61 5.52 36.14
C LEU D 81 -8.06 5.91 35.87
N TYR D 82 -8.54 6.90 36.61
CA TYR D 82 -9.92 7.35 36.50
C TYR D 82 -9.98 8.85 36.25
N LEU D 83 -11.02 9.27 35.54
CA LEU D 83 -11.34 10.68 35.37
C LEU D 83 -12.81 10.88 35.71
N GLN D 84 -13.06 11.47 36.89
CA GLN D 84 -14.41 11.76 37.33
C GLN D 84 -14.83 13.11 36.77
N MET D 85 -15.88 13.11 35.95
CA MET D 85 -16.40 14.30 35.31
C MET D 85 -17.78 14.61 35.89
N ASN D 86 -17.88 15.73 36.61
CA ASN D 86 -19.11 16.09 37.29
C ASN D 86 -19.72 17.34 36.68
N SER D 87 -21.04 17.49 36.86
CA SER D 87 -21.79 18.66 36.38
C SER D 87 -21.50 18.94 34.90
N LEU D 88 -21.59 17.89 34.09
CA LEU D 88 -21.18 17.98 32.70
C LEU D 88 -22.03 18.97 31.93
N ARG D 89 -21.39 19.74 31.05
CA ARG D 89 -22.06 20.64 30.14
C ARG D 89 -21.96 20.09 28.72
N ALA D 90 -22.72 20.70 27.81
CA ALA D 90 -22.65 20.28 26.42
C ALA D 90 -21.27 20.56 25.81
N GLU D 91 -20.59 21.59 26.31
CA GLU D 91 -19.26 21.93 25.81
C GLU D 91 -18.21 20.89 26.18
N ASP D 92 -18.58 19.88 26.97
CA ASP D 92 -17.68 18.79 27.31
C ASP D 92 -17.78 17.62 26.34
N THR D 93 -18.63 17.72 25.32
CA THR D 93 -18.72 16.70 24.28
C THR D 93 -17.40 16.66 23.50
N ALA D 94 -16.62 15.62 23.69
CA ALA D 94 -15.30 15.52 23.06
C ALA D 94 -14.78 14.10 23.17
N VAL D 95 -13.70 13.83 22.43
CA VAL D 95 -12.92 12.61 22.61
C VAL D 95 -11.93 12.86 23.75
N TYR D 96 -11.83 11.89 24.66
CA TYR D 96 -10.97 12.01 25.84
C TYR D 96 -9.87 10.96 25.75
N TYR D 97 -8.62 11.40 25.81
CA TYR D 97 -7.45 10.53 25.74
C TYR D 97 -6.79 10.42 27.11
N CYS D 98 -6.01 9.35 27.28
CA CYS D 98 -5.06 9.27 28.39
C CYS D 98 -3.68 9.00 27.82
N ALA D 99 -2.67 9.64 28.38
CA ALA D 99 -1.33 9.56 27.84
C ALA D 99 -0.33 9.39 28.98
N ARG D 100 0.82 8.80 28.64
CA ARG D 100 1.90 8.58 29.60
C ARG D 100 3.10 9.46 29.27
N GLY D 101 3.60 10.16 30.28
CA GLY D 101 4.80 10.96 30.14
C GLY D 101 5.88 10.55 31.12
N MET D 102 6.97 9.98 30.63
CA MET D 102 7.98 9.40 31.49
C MET D 102 9.05 10.40 31.87
N SER D 103 9.66 10.18 33.04
CA SER D 103 10.72 11.06 33.51
C SER D 103 11.87 11.15 32.52
N THR D 104 12.21 10.04 31.86
CA THR D 104 13.37 10.01 30.98
C THR D 104 13.15 10.83 29.71
N ASN D 105 11.89 11.03 29.30
CA ASN D 105 11.57 11.90 28.18
C ASN D 105 11.15 13.29 28.64
N ASP D 106 11.46 13.64 29.88
CA ASP D 106 11.06 14.89 30.50
C ASP D 106 9.56 15.14 30.31
N TRP D 107 8.78 14.11 30.63
CA TRP D 107 7.32 14.13 30.79
C TRP D 107 6.57 14.30 29.47
N ALA D 108 7.25 14.27 28.33
CA ALA D 108 6.56 14.27 27.06
C ALA D 108 5.79 12.96 26.88
N SER D 109 4.70 13.03 26.12
CA SER D 109 3.75 11.93 26.01
C SER D 109 4.08 11.09 24.79
N ASP D 110 4.76 9.96 25.01
CA ASP D 110 5.04 9.01 23.95
C ASP D 110 3.93 7.98 23.75
N LEU D 111 3.21 7.65 24.82
CA LEU D 111 2.10 6.70 24.77
C LEU D 111 0.77 7.43 24.86
N TRP D 112 -0.14 7.10 23.94
CA TRP D 112 -1.48 7.66 23.93
C TRP D 112 -2.51 6.54 23.86
N GLY D 113 -3.64 6.77 24.52
CA GLY D 113 -4.79 5.92 24.33
C GLY D 113 -5.38 6.13 22.95
N GLN D 114 -6.39 5.32 22.64
CA GLN D 114 -7.12 5.46 21.39
C GLN D 114 -8.26 6.45 21.48
N GLY D 115 -8.68 6.81 22.69
CA GLY D 115 -9.74 7.77 22.88
C GLY D 115 -11.10 7.13 23.07
N THR D 116 -11.92 7.72 23.95
CA THR D 116 -13.33 7.38 24.06
C THR D 116 -14.15 8.66 23.92
N LEU D 117 -15.28 8.56 23.24
CA LEU D 117 -16.11 9.73 22.96
C LEU D 117 -17.16 9.92 24.04
N VAL D 118 -17.37 11.17 24.45
CA VAL D 118 -18.38 11.53 25.44
C VAL D 118 -19.30 12.55 24.81
N THR D 119 -20.57 12.20 24.67
CA THR D 119 -21.58 13.08 24.07
C THR D 119 -22.53 13.55 25.16
N VAL D 120 -22.64 14.86 25.32
CA VAL D 120 -23.51 15.48 26.33
C VAL D 120 -24.67 16.10 25.58
N SER D 121 -25.83 15.45 25.66
CA SER D 121 -27.03 15.91 24.98
C SER D 121 -28.24 15.27 25.65
N SER D 122 -29.33 16.03 25.76
CA SER D 122 -30.58 15.49 26.26
C SER D 122 -31.26 14.56 25.27
N ALA D 123 -30.72 14.40 24.07
CA ALA D 123 -31.30 13.50 23.08
C ALA D 123 -31.15 12.04 23.51
N SER D 124 -31.84 11.15 22.79
CA SER D 124 -31.94 9.75 23.17
C SER D 124 -31.26 8.87 22.13
N THR D 125 -30.79 7.70 22.59
CA THR D 125 -30.02 6.80 21.74
C THR D 125 -30.87 6.29 20.57
N LYS D 126 -30.29 6.33 19.38
CA LYS D 126 -30.99 6.03 18.13
C LYS D 126 -30.07 5.23 17.22
N GLY D 127 -30.56 4.11 16.71
CA GLY D 127 -29.80 3.27 15.82
C GLY D 127 -29.90 3.72 14.37
N PRO D 128 -28.91 3.36 13.56
CA PRO D 128 -28.92 3.75 12.15
C PRO D 128 -29.74 2.81 11.28
N SER D 129 -30.05 3.30 10.08
CA SER D 129 -30.61 2.48 9.01
C SER D 129 -29.68 2.57 7.81
N VAL D 130 -29.07 1.44 7.44
CA VAL D 130 -28.04 1.40 6.40
C VAL D 130 -28.70 1.13 5.05
N PHE D 131 -28.52 2.05 4.11
CA PHE D 131 -29.11 1.96 2.78
C PHE D 131 -28.01 1.89 1.71
N PRO D 132 -28.17 1.04 0.69
CA PRO D 132 -27.11 0.89 -0.30
C PRO D 132 -27.13 2.00 -1.36
N LEU D 133 -25.95 2.53 -1.64
CA LEU D 133 -25.74 3.46 -2.75
C LEU D 133 -25.20 2.62 -3.91
N ALA D 134 -26.11 2.15 -4.76
CA ALA D 134 -25.80 1.12 -5.74
C ALA D 134 -25.15 1.73 -6.98
N PRO D 135 -24.19 1.04 -7.59
CA PRO D 135 -23.57 1.56 -8.82
C PRO D 135 -24.45 1.30 -10.03
N SER D 136 -24.70 2.35 -10.80
CA SER D 136 -25.39 2.21 -12.07
C SER D 136 -24.39 1.92 -13.19
N SER D 137 -24.92 1.53 -14.35
CA SER D 137 -24.09 1.45 -15.55
C SER D 137 -23.78 2.83 -16.13
N LYS D 138 -24.33 3.89 -15.55
CA LYS D 138 -24.17 5.26 -16.02
C LYS D 138 -23.13 6.04 -15.22
N SER D 139 -23.18 5.98 -13.89
CA SER D 139 -22.26 6.75 -13.05
C SER D 139 -20.82 6.28 -13.17
N THR D 140 -20.54 5.18 -13.86
CA THR D 140 -19.18 4.66 -13.97
C THR D 140 -18.34 5.65 -14.78
N SER D 141 -17.51 6.43 -14.09
CA SER D 141 -16.66 7.42 -14.76
C SER D 141 -15.49 6.72 -15.45
N GLY D 142 -15.68 6.31 -16.70
CA GLY D 142 -14.65 5.60 -17.42
C GLY D 142 -14.79 4.11 -17.23
N GLY D 143 -13.69 3.45 -16.86
CA GLY D 143 -13.71 2.04 -16.53
C GLY D 143 -13.96 1.72 -15.08
N THR D 144 -14.06 2.75 -14.24
CA THR D 144 -14.26 2.58 -12.80
C THR D 144 -15.67 3.01 -12.41
N ALA D 145 -16.26 2.27 -11.46
CA ALA D 145 -17.60 2.56 -10.96
C ALA D 145 -17.54 2.79 -9.45
N ALA D 146 -18.47 3.59 -8.96
CA ALA D 146 -18.52 3.96 -7.55
C ALA D 146 -19.77 3.40 -6.91
N LEU D 147 -19.62 2.84 -5.71
CA LEU D 147 -20.72 2.33 -4.91
C LEU D 147 -20.44 2.62 -3.45
N GLY D 148 -21.49 2.57 -2.64
CA GLY D 148 -21.29 2.84 -1.23
C GLY D 148 -22.50 2.51 -0.40
N CYS D 149 -22.41 2.85 0.88
CA CYS D 149 -23.48 2.64 1.85
C CYS D 149 -23.87 3.97 2.47
N LEU D 150 -25.14 4.09 2.83
CA LEU D 150 -25.66 5.28 3.49
C LEU D 150 -26.04 4.92 4.92
N VAL D 151 -25.21 5.35 5.88
CA VAL D 151 -25.56 5.25 7.29
C VAL D 151 -26.33 6.52 7.67
N LYS D 152 -27.59 6.35 8.06
CA LYS D 152 -28.50 7.48 8.20
C LYS D 152 -29.30 7.38 9.49
N ASP D 153 -29.55 8.55 10.08
CA ASP D 153 -30.46 8.69 11.23
C ASP D 153 -30.01 7.84 12.41
N TYR D 154 -28.84 8.20 12.96
CA TYR D 154 -28.33 7.57 14.16
C TYR D 154 -27.94 8.65 15.17
N PHE D 155 -27.89 8.26 16.45
CA PHE D 155 -27.47 9.15 17.54
C PHE D 155 -27.20 8.32 18.78
N PRO D 156 -26.07 8.55 19.48
CA PRO D 156 -25.03 9.50 19.11
C PRO D 156 -23.94 8.88 18.27
N GLU D 157 -22.80 9.56 18.21
CA GLU D 157 -21.62 9.04 17.54
C GLU D 157 -20.89 8.05 18.43
N PRO D 158 -19.99 7.21 17.87
CA PRO D 158 -19.64 7.08 16.46
C PRO D 158 -20.18 5.83 15.77
N VAL D 159 -20.02 5.74 14.44
CA VAL D 159 -20.20 4.49 13.72
C VAL D 159 -18.87 4.13 13.07
N THR D 160 -18.62 2.83 12.95
CA THR D 160 -17.47 2.31 12.24
C THR D 160 -17.97 1.61 10.99
N VAL D 161 -17.36 1.95 9.84
CA VAL D 161 -17.77 1.39 8.55
C VAL D 161 -16.56 0.73 7.92
N SER D 162 -16.53 -0.60 7.94
CA SER D 162 -15.57 -1.38 7.16
C SER D 162 -16.26 -1.93 5.92
N TRP D 163 -15.44 -2.33 4.95
CA TRP D 163 -15.92 -2.87 3.68
C TRP D 163 -15.35 -4.27 3.50
N ASN D 164 -16.25 -5.25 3.32
CA ASN D 164 -15.88 -6.66 3.20
C ASN D 164 -15.03 -7.10 4.39
N SER D 165 -15.55 -6.86 5.59
CA SER D 165 -14.92 -7.23 6.86
C SER D 165 -13.56 -6.56 7.07
N GLY D 166 -13.27 -5.49 6.33
CA GLY D 166 -12.00 -4.81 6.45
C GLY D 166 -10.92 -5.24 5.47
N ALA D 167 -11.24 -6.12 4.52
CA ALA D 167 -10.26 -6.53 3.52
C ALA D 167 -10.16 -5.57 2.36
N LEU D 168 -11.16 -4.72 2.14
CA LEU D 168 -11.20 -3.77 1.04
C LEU D 168 -10.96 -2.36 1.59
N THR D 169 -9.83 -1.76 1.23
CA THR D 169 -9.39 -0.49 1.81
C THR D 169 -9.17 0.62 0.80
N SER D 170 -8.70 0.30 -0.40
CA SER D 170 -8.44 1.33 -1.41
C SER D 170 -9.74 1.83 -2.00
N GLY D 171 -9.84 3.15 -2.16
CA GLY D 171 -11.04 3.77 -2.66
C GLY D 171 -12.11 4.06 -1.63
N VAL D 172 -11.92 3.64 -0.38
CA VAL D 172 -12.93 3.87 0.66
C VAL D 172 -12.85 5.33 1.09
N HIS D 173 -13.99 6.02 1.07
CA HIS D 173 -14.11 7.40 1.54
C HIS D 173 -15.29 7.46 2.50
N THR D 174 -15.04 7.16 3.77
CA THR D 174 -16.08 7.33 4.79
C THR D 174 -16.11 8.80 5.18
N PHE D 175 -17.26 9.46 4.97
CA PHE D 175 -17.35 10.89 5.17
C PHE D 175 -17.66 11.21 6.63
N PRO D 176 -17.19 12.36 7.13
CA PRO D 176 -17.54 12.77 8.48
C PRO D 176 -19.04 12.95 8.62
N ALA D 177 -19.56 12.58 9.79
CA ALA D 177 -20.99 12.73 10.04
C ALA D 177 -21.40 14.19 9.98
N VAL D 178 -22.63 14.43 9.54
CA VAL D 178 -23.26 15.73 9.60
C VAL D 178 -24.51 15.63 10.45
N LEU D 179 -24.73 16.63 11.30
CA LEU D 179 -25.90 16.64 12.16
C LEU D 179 -27.09 17.12 11.34
N GLN D 180 -27.99 16.19 10.98
CA GLN D 180 -29.16 16.54 10.20
C GLN D 180 -30.10 17.43 11.02
N SER D 181 -30.97 18.15 10.31
CA SER D 181 -31.91 19.06 10.95
C SER D 181 -32.85 18.35 11.91
N SER D 182 -32.91 17.01 11.88
CA SER D 182 -33.72 16.22 12.80
C SER D 182 -33.01 15.93 14.12
N GLY D 183 -31.83 16.50 14.35
CA GLY D 183 -31.04 16.15 15.52
C GLY D 183 -30.35 14.80 15.44
N LEU D 184 -30.39 14.14 14.30
CA LEU D 184 -29.74 12.85 14.07
C LEU D 184 -28.59 13.02 13.09
N TYR D 185 -27.64 12.10 13.14
CA TYR D 185 -26.47 12.14 12.27
C TYR D 185 -26.67 11.27 11.04
N SER D 186 -25.89 11.57 10.00
CA SER D 186 -25.97 10.83 8.73
C SER D 186 -24.64 10.98 8.00
N LEU D 187 -24.06 9.85 7.58
CA LEU D 187 -22.82 9.84 6.82
C LEU D 187 -22.93 8.87 5.65
N SER D 188 -21.97 8.97 4.74
CA SER D 188 -21.89 8.10 3.58
C SER D 188 -20.49 7.50 3.51
N SER D 189 -20.44 6.20 3.21
CA SER D 189 -19.17 5.54 2.91
C SER D 189 -19.25 5.00 1.49
N VAL D 190 -18.33 5.45 0.64
CA VAL D 190 -18.31 5.07 -0.77
C VAL D 190 -17.00 4.36 -1.05
N VAL D 191 -16.93 3.75 -2.24
CA VAL D 191 -15.72 3.05 -2.68
C VAL D 191 -15.72 3.08 -4.20
N THR D 192 -14.52 3.21 -4.78
CA THR D 192 -14.34 3.21 -6.23
C THR D 192 -13.73 1.88 -6.64
N VAL D 193 -14.39 1.18 -7.56
CA VAL D 193 -13.99 -0.15 -8.00
C VAL D 193 -14.12 -0.24 -9.51
N PRO D 194 -13.39 -1.17 -10.14
CA PRO D 194 -13.55 -1.38 -11.58
C PRO D 194 -14.97 -1.81 -11.92
N SER D 195 -15.49 -1.27 -13.05
CA SER D 195 -16.78 -1.74 -13.55
C SER D 195 -16.74 -3.20 -13.96
N SER D 196 -15.55 -3.74 -14.24
CA SER D 196 -15.34 -5.15 -14.56
C SER D 196 -15.53 -6.07 -13.36
N SER D 197 -15.88 -5.54 -12.19
CA SER D 197 -16.10 -6.35 -10.99
C SER D 197 -17.52 -6.27 -10.46
N LEU D 198 -18.37 -5.38 -10.98
CA LEU D 198 -19.73 -5.25 -10.46
C LEU D 198 -20.52 -6.55 -10.62
N GLY D 199 -20.46 -7.17 -11.79
CA GLY D 199 -21.14 -8.43 -12.00
C GLY D 199 -20.37 -9.65 -11.51
N THR D 200 -19.12 -9.46 -11.07
CA THR D 200 -18.30 -10.57 -10.61
C THR D 200 -18.04 -10.55 -9.11
N GLN D 201 -17.93 -9.38 -8.49
CA GLN D 201 -17.52 -9.28 -7.10
C GLN D 201 -18.70 -8.88 -6.20
N THR D 202 -18.60 -9.28 -4.94
CA THR D 202 -19.61 -9.01 -3.92
C THR D 202 -19.05 -7.98 -2.92
N TYR D 203 -19.74 -6.86 -2.77
CA TYR D 203 -19.29 -5.78 -1.91
C TYR D 203 -20.25 -5.63 -0.74
N ILE D 204 -19.73 -5.82 0.47
CA ILE D 204 -20.52 -5.82 1.69
C ILE D 204 -19.91 -4.78 2.64
N CYS D 205 -20.68 -3.76 2.99
CA CYS D 205 -20.23 -2.77 3.95
C CYS D 205 -20.63 -3.21 5.35
N ASN D 206 -19.70 -3.11 6.29
CA ASN D 206 -19.89 -3.57 7.66
C ASN D 206 -20.08 -2.35 8.54
N VAL D 207 -21.31 -2.11 8.99
CA VAL D 207 -21.63 -0.98 9.85
C VAL D 207 -21.71 -1.46 11.29
N ASN D 208 -21.19 -0.64 12.21
CA ASN D 208 -21.15 -0.96 13.64
C ASN D 208 -21.48 0.31 14.42
N HIS D 209 -22.59 0.30 15.14
CA HIS D 209 -23.02 1.40 16.01
C HIS D 209 -23.11 0.85 17.44
N LYS D 210 -21.99 0.91 18.16
CA LYS D 210 -21.94 0.36 19.51
C LYS D 210 -22.90 1.01 20.51
N PRO D 211 -23.31 2.28 20.36
CA PRO D 211 -24.37 2.77 21.27
C PRO D 211 -25.67 1.98 21.20
N SER D 212 -26.27 1.86 20.01
CA SER D 212 -27.51 1.12 19.83
C SER D 212 -27.28 -0.36 19.55
N ASN D 213 -26.07 -0.86 19.77
CA ASN D 213 -25.70 -2.26 19.54
C ASN D 213 -25.98 -2.72 18.10
N THR D 214 -26.08 -1.77 17.17
CA THR D 214 -26.38 -2.08 15.78
C THR D 214 -25.12 -2.56 15.07
N LYS D 215 -25.14 -3.80 14.58
CA LYS D 215 -24.05 -4.34 13.77
C LYS D 215 -24.68 -4.89 12.49
N VAL D 216 -24.73 -4.06 11.45
CA VAL D 216 -25.39 -4.38 10.18
C VAL D 216 -24.31 -4.67 9.14
N ASP D 217 -24.57 -5.68 8.30
CA ASP D 217 -23.79 -5.95 7.09
C ASP D 217 -24.74 -5.81 5.90
N LYS D 218 -24.55 -4.76 5.11
CA LYS D 218 -25.40 -4.49 3.95
C LYS D 218 -24.68 -4.90 2.67
N LYS D 219 -25.37 -5.63 1.81
CA LYS D 219 -24.84 -6.06 0.54
C LYS D 219 -25.20 -5.04 -0.54
N VAL D 220 -24.18 -4.43 -1.13
CA VAL D 220 -24.39 -3.43 -2.17
C VAL D 220 -24.40 -4.15 -3.53
N GLU D 221 -25.59 -4.25 -4.13
CA GLU D 221 -25.82 -4.90 -5.41
C GLU D 221 -26.04 -3.85 -6.50
N PRO D 222 -25.56 -4.11 -7.72
CA PRO D 222 -25.84 -3.21 -8.84
C PRO D 222 -27.33 -2.91 -8.97
N LYS D 223 -27.70 -1.63 -8.83
CA LYS D 223 -29.10 -1.22 -8.87
C LYS D 223 -29.79 -1.80 -10.09
N SER D 224 -31.07 -2.15 -9.93
CA SER D 224 -31.80 -2.84 -10.99
C SER D 224 -32.01 -1.91 -12.17
N CYS D 225 -31.06 -1.93 -13.10
CA CYS D 225 -31.02 -1.01 -14.24
C CYS D 225 -30.38 -1.68 -15.45
N ASP E 1 -2.47 33.17 33.45
CA ASP E 1 -1.91 31.83 33.32
C ASP E 1 -0.71 31.83 32.39
N ILE E 2 -0.46 30.69 31.75
CA ILE E 2 0.63 30.55 30.78
C ILE E 2 0.02 30.14 29.45
N GLN E 3 0.16 31.00 28.45
CA GLN E 3 -0.45 30.76 27.14
C GLN E 3 0.62 30.34 26.14
N MET E 4 0.45 29.13 25.58
CA MET E 4 1.24 28.70 24.43
C MET E 4 0.50 29.13 23.17
N THR E 5 1.11 30.01 22.41
CA THR E 5 0.49 30.56 21.21
C THR E 5 1.26 30.08 19.99
N GLN E 6 0.57 29.41 19.08
CA GLN E 6 1.17 28.94 17.85
C GLN E 6 0.85 29.90 16.71
N SER E 7 1.70 29.86 15.69
CA SER E 7 1.57 30.72 14.52
C SER E 7 2.43 30.14 13.39
N PRO E 8 1.87 29.99 12.18
CA PRO E 8 0.48 30.33 11.85
C PRO E 8 -0.52 29.30 12.37
N SER E 9 -1.82 29.57 12.17
CA SER E 9 -2.86 28.60 12.47
C SER E 9 -3.13 27.66 11.31
N SER E 10 -2.94 28.14 10.08
CA SER E 10 -3.12 27.34 8.88
C SER E 10 -2.02 27.67 7.89
N LEU E 11 -1.68 26.70 7.05
CA LEU E 11 -0.74 26.95 5.96
C LEU E 11 -0.87 25.84 4.93
N SER E 12 -0.65 26.20 3.67
CA SER E 12 -0.61 25.25 2.56
C SER E 12 0.77 25.29 1.95
N ALA E 13 1.39 24.12 1.81
CA ALA E 13 2.73 24.01 1.24
C ALA E 13 2.76 22.92 0.19
N SER E 14 3.61 23.11 -0.81
CA SER E 14 3.81 22.10 -1.83
C SER E 14 4.76 21.02 -1.31
N VAL E 15 4.69 19.84 -1.92
CA VAL E 15 5.61 18.76 -1.55
C VAL E 15 7.03 19.18 -1.90
N GLY E 16 7.96 18.95 -0.98
CA GLY E 16 9.32 19.40 -1.11
C GLY E 16 9.60 20.74 -0.45
N ASP E 17 8.56 21.48 -0.08
CA ASP E 17 8.71 22.78 0.56
C ASP E 17 9.26 22.63 1.97
N ARG E 18 9.59 23.76 2.57
CA ARG E 18 10.15 23.83 3.92
C ARG E 18 9.20 24.66 4.79
N VAL E 19 8.35 23.99 5.59
CA VAL E 19 7.42 24.71 6.45
C VAL E 19 8.07 24.94 7.80
N THR E 20 7.79 26.09 8.41
CA THR E 20 8.38 26.48 9.68
C THR E 20 7.27 26.98 10.59
N ILE E 21 7.04 26.28 11.69
CA ILE E 21 5.93 26.55 12.61
C ILE E 21 6.49 27.08 13.92
N THR E 22 5.83 28.09 14.48
CA THR E 22 6.30 28.78 15.67
C THR E 22 5.39 28.55 16.86
N CYS E 23 5.99 28.49 18.05
CA CYS E 23 5.28 28.36 19.32
C CYS E 23 5.84 29.40 20.28
N GLN E 24 5.11 30.48 20.49
CA GLN E 24 5.53 31.53 21.41
C GLN E 24 4.84 31.35 22.76
N ALA E 25 5.63 31.28 23.83
CA ALA E 25 5.10 31.15 25.18
C ALA E 25 5.00 32.51 25.85
N SER E 26 3.94 32.70 26.64
CA SER E 26 3.71 33.98 27.31
C SER E 26 4.72 34.26 28.40
N GLU E 27 5.51 33.27 28.81
CA GLU E 27 6.62 33.46 29.74
C GLU E 27 7.66 32.38 29.49
N SER E 28 8.88 32.62 29.99
CA SER E 28 9.97 31.68 29.73
C SER E 28 9.65 30.31 30.30
N ILE E 29 9.82 29.29 29.48
CA ILE E 29 9.73 27.90 29.93
C ILE E 29 11.08 27.24 29.67
N ASN E 30 11.44 26.28 30.52
CA ASN E 30 12.66 25.51 30.33
C ASN E 30 12.53 24.64 29.08
N SER E 31 13.49 24.77 28.16
CA SER E 31 13.34 24.18 26.83
C SER E 31 13.20 22.65 26.90
N ILE E 32 13.76 22.03 27.94
CA ILE E 32 13.75 20.57 28.05
C ILE E 32 12.35 20.09 28.39
N TYR E 33 11.41 21.01 28.57
CA TYR E 33 10.02 20.68 28.84
C TYR E 33 9.12 21.22 27.74
N LEU E 34 9.60 21.26 26.52
CA LEU E 34 8.81 21.72 25.38
C LEU E 34 8.77 20.61 24.34
N ALA E 35 7.56 20.17 23.99
CA ALA E 35 7.39 19.06 23.06
C ALA E 35 6.49 19.47 21.90
N TRP E 36 6.65 18.77 20.78
CA TRP E 36 5.84 18.96 19.58
C TRP E 36 5.11 17.67 19.26
N TYR E 37 3.84 17.80 18.87
CA TYR E 37 2.99 16.65 18.60
C TYR E 37 2.40 16.74 17.19
N GLN E 38 2.18 15.58 16.60
CA GLN E 38 1.52 15.44 15.32
C GLN E 38 0.22 14.68 15.53
N GLN E 39 -0.89 15.23 15.04
CA GLN E 39 -2.17 14.55 15.11
C GLN E 39 -2.84 14.56 13.74
N LYS E 40 -2.86 13.39 13.09
CA LYS E 40 -3.60 13.24 11.84
C LYS E 40 -5.09 13.07 12.13
N PRO E 41 -5.94 13.45 11.20
CA PRO E 41 -7.39 13.29 11.42
C PRO E 41 -7.77 11.83 11.61
N GLY E 42 -8.54 11.56 12.65
CA GLY E 42 -8.95 10.21 12.96
C GLY E 42 -7.95 9.39 13.76
N LYS E 43 -6.94 10.02 14.36
CA LYS E 43 -5.94 9.32 15.14
C LYS E 43 -5.57 10.15 16.36
N ALA E 44 -5.01 9.47 17.36
CA ALA E 44 -4.48 10.15 18.52
C ALA E 44 -3.21 10.92 18.14
N PRO E 45 -2.79 11.87 18.98
CA PRO E 45 -1.54 12.58 18.70
C PRO E 45 -0.32 11.67 18.82
N LYS E 46 0.74 12.07 18.11
CA LYS E 46 2.01 11.36 18.10
C LYS E 46 3.12 12.31 18.54
N LEU E 47 4.00 11.84 19.42
CA LEU E 47 5.14 12.64 19.84
C LEU E 47 6.13 12.77 18.68
N LEU E 48 6.39 14.01 18.27
CA LEU E 48 7.42 14.32 17.27
C LEU E 48 8.75 14.67 17.93
N ILE E 49 8.74 15.68 18.79
CA ILE E 49 9.94 16.29 19.33
C ILE E 49 9.75 16.42 20.84
N TYR E 50 10.81 16.17 21.60
CA TYR E 50 10.83 16.44 23.03
C TYR E 50 12.14 17.13 23.36
N ARG E 51 12.17 17.79 24.52
CA ARG E 51 13.30 18.64 24.92
C ARG E 51 13.60 19.73 23.91
N ALA E 52 12.61 20.04 23.07
CA ALA E 52 12.61 21.12 22.09
C ALA E 52 13.49 20.84 20.88
N SER E 53 14.35 19.82 20.94
CA SER E 53 15.23 19.52 19.81
C SER E 53 15.42 18.04 19.51
N THR E 54 15.02 17.13 20.39
CA THR E 54 15.31 15.72 20.25
C THR E 54 14.15 15.01 19.56
N LEU E 55 14.47 14.21 18.54
CA LEU E 55 13.47 13.47 17.80
C LEU E 55 13.05 12.23 18.56
N ALA E 56 11.75 11.94 18.54
CA ALA E 56 11.26 10.70 19.11
C ALA E 56 11.58 9.53 18.19
N SER E 57 11.48 8.32 18.73
CA SER E 57 11.78 7.14 17.95
C SER E 57 10.81 7.00 16.78
N GLY E 58 11.34 6.71 15.60
CA GLY E 58 10.53 6.55 14.41
C GLY E 58 10.16 7.83 13.69
N VAL E 59 10.53 8.99 14.23
CA VAL E 59 10.22 10.27 13.58
C VAL E 59 11.22 10.52 12.48
N PRO E 60 10.79 10.87 11.26
CA PRO E 60 11.71 11.16 10.17
C PRO E 60 12.60 12.36 10.44
N SER E 61 13.75 12.39 9.74
CA SER E 61 14.74 13.46 9.94
C SER E 61 14.28 14.82 9.41
N ARG E 62 13.32 14.84 8.48
CA ARG E 62 12.83 16.12 7.98
C ARG E 62 12.25 16.99 9.10
N PHE E 63 11.84 16.41 10.22
CA PHE E 63 11.34 17.17 11.35
C PHE E 63 12.52 17.59 12.25
N SER E 64 12.55 18.86 12.62
CA SER E 64 13.60 19.36 13.51
C SER E 64 13.02 20.42 14.43
N GLY E 65 13.55 20.48 15.63
CA GLY E 65 13.10 21.45 16.62
C GLY E 65 14.24 22.35 17.07
N SER E 66 13.89 23.56 17.49
CA SER E 66 14.85 24.50 18.02
C SER E 66 14.13 25.44 18.97
N GLY E 67 14.90 26.29 19.65
CA GLY E 67 14.36 27.37 20.44
C GLY E 67 14.65 27.21 21.92
N SER E 68 14.36 28.29 22.65
CA SER E 68 14.61 28.39 24.07
C SER E 68 13.88 29.63 24.59
N GLY E 69 13.62 29.64 25.88
CA GLY E 69 12.97 30.80 26.46
C GLY E 69 11.49 30.91 26.14
N THR E 70 11.11 31.85 25.27
CA THR E 70 9.71 32.05 24.92
C THR E 70 9.37 31.72 23.47
N ASP E 71 10.36 31.61 22.60
CA ASP E 71 10.13 31.38 21.17
C ASP E 71 10.69 30.03 20.76
N PHE E 72 9.82 29.14 20.31
CA PHE E 72 10.20 27.83 19.81
C PHE E 72 9.72 27.67 18.37
N THR E 73 10.44 26.85 17.61
CA THR E 73 10.15 26.64 16.21
C THR E 73 10.20 25.15 15.87
N LEU E 74 9.23 24.71 15.07
CA LEU E 74 9.23 23.38 14.48
C LEU E 74 9.39 23.51 12.96
N THR E 75 10.32 22.76 12.39
CA THR E 75 10.63 22.82 10.96
C THR E 75 10.44 21.47 10.31
N ILE E 76 9.89 21.47 9.09
CA ILE E 76 9.83 20.30 8.23
C ILE E 76 10.68 20.64 7.00
N SER E 77 11.80 19.92 6.83
CA SER E 77 12.78 20.30 5.83
C SER E 77 12.27 20.10 4.40
N SER E 78 11.60 18.97 4.13
CA SER E 78 11.04 18.69 2.81
C SER E 78 9.68 18.04 3.00
N LEU E 79 8.62 18.84 2.95
CA LEU E 79 7.26 18.37 3.24
C LEU E 79 6.88 17.22 2.32
N GLN E 80 6.19 16.23 2.87
CA GLN E 80 5.70 15.07 2.14
C GLN E 80 4.19 14.96 2.28
N PRO E 81 3.50 14.32 1.32
CA PRO E 81 2.03 14.30 1.39
C PRO E 81 1.48 13.75 2.68
N GLU E 82 2.16 12.76 3.28
CA GLU E 82 1.70 12.16 4.52
C GLU E 82 1.91 13.05 5.74
N ASP E 83 2.61 14.17 5.57
CA ASP E 83 2.81 15.12 6.67
C ASP E 83 1.58 15.97 6.96
N PHE E 84 0.52 15.82 6.18
CA PHE E 84 -0.70 16.58 6.43
C PHE E 84 -1.26 16.22 7.79
N ALA E 85 -1.33 17.20 8.68
CA ALA E 85 -1.84 17.05 10.04
C ALA E 85 -1.87 18.45 10.67
N THR E 86 -2.32 18.51 11.91
CA THR E 86 -2.20 19.73 12.69
C THR E 86 -1.14 19.48 13.77
N TYR E 87 -0.25 20.44 13.97
CA TYR E 87 0.90 20.30 14.84
C TYR E 87 0.70 21.16 16.07
N TYR E 88 1.02 20.61 17.24
CA TYR E 88 0.86 21.27 18.52
C TYR E 88 2.19 21.37 19.25
N CYS E 89 2.35 22.42 20.03
CA CYS E 89 3.40 22.45 21.04
C CYS E 89 2.77 22.28 22.40
N GLN E 90 3.57 21.80 23.35
CA GLN E 90 3.10 21.59 24.71
C GLN E 90 4.25 21.81 25.67
N GLN E 91 3.93 22.33 26.85
CA GLN E 91 4.90 22.54 27.92
C GLN E 91 4.62 21.59 29.09
N SER E 92 5.70 21.17 29.75
CA SER E 92 5.62 20.35 30.95
C SER E 92 6.30 21.05 32.13
N TYR E 93 6.43 22.37 32.06
CA TYR E 93 7.22 23.18 32.99
C TYR E 93 6.41 23.67 34.18
N ASP E 94 5.30 24.37 33.90
CA ASP E 94 4.46 24.96 34.93
C ASP E 94 3.01 24.55 34.70
N TRP E 95 2.46 23.80 35.65
CA TRP E 95 1.04 23.54 35.82
C TRP E 95 0.57 24.36 37.01
N GLY E 96 -0.66 24.14 37.46
CA GLY E 96 -1.08 24.98 38.57
C GLY E 96 -1.41 26.39 38.13
N ASP E 97 -2.63 26.60 37.61
CA ASP E 97 -3.08 27.83 36.96
C ASP E 97 -2.53 27.97 35.55
N VAL E 98 -2.70 26.93 34.73
CA VAL E 98 -2.56 26.99 33.28
C VAL E 98 -3.87 26.51 32.67
N GLU E 99 -4.43 27.31 31.75
CA GLU E 99 -5.66 26.87 31.07
C GLU E 99 -5.40 25.70 30.14
N ASN E 100 -4.22 25.65 29.52
CA ASN E 100 -3.90 24.59 28.58
C ASN E 100 -2.38 24.53 28.41
N THR E 101 -1.81 23.34 28.61
CA THR E 101 -0.41 23.15 28.30
C THR E 101 -0.14 23.13 26.81
N PHE E 102 -1.17 23.01 25.98
CA PHE E 102 -1.04 22.88 24.53
C PHE E 102 -1.17 24.22 23.84
N GLY E 103 -0.72 24.27 22.58
CA GLY E 103 -0.98 25.40 21.72
C GLY E 103 -2.26 25.21 20.92
N GLY E 104 -2.64 26.27 20.21
CA GLY E 104 -3.85 26.20 19.41
C GLY E 104 -3.76 25.28 18.21
N GLY E 105 -2.55 24.94 17.79
CA GLY E 105 -2.33 24.07 16.66
C GLY E 105 -1.96 24.84 15.40
N THR E 106 -1.22 24.17 14.51
CA THR E 106 -0.92 24.66 13.17
C THR E 106 -1.26 23.56 12.16
N LYS E 107 -2.32 23.77 11.38
CA LYS E 107 -2.76 22.77 10.43
C LYS E 107 -2.00 22.93 9.11
N VAL E 108 -1.41 21.84 8.63
CA VAL E 108 -0.57 21.84 7.44
C VAL E 108 -1.32 21.17 6.31
N GLU E 109 -1.76 21.95 5.31
CA GLU E 109 -2.35 21.44 4.09
C GLU E 109 -1.29 21.38 2.99
N ILE E 110 -1.52 20.50 2.02
CA ILE E 110 -0.54 20.23 0.97
C ILE E 110 -1.01 20.91 -0.31
N LYS E 111 -0.17 21.76 -0.88
CA LYS E 111 -0.45 22.33 -2.19
C LYS E 111 -0.15 21.30 -3.28
N ARG E 112 -0.90 21.38 -4.37
CA ARG E 112 -0.94 20.32 -5.36
C ARG E 112 -1.44 20.89 -6.68
N THR E 113 -1.13 20.18 -7.76
CA THR E 113 -1.75 20.52 -9.04
C THR E 113 -3.26 20.40 -8.93
N VAL E 114 -3.97 21.20 -9.73
CA VAL E 114 -5.42 21.15 -9.71
C VAL E 114 -5.91 19.78 -10.19
N ALA E 115 -7.01 19.30 -9.61
CA ALA E 115 -7.58 18.00 -9.94
C ALA E 115 -9.07 18.15 -10.16
N ALA E 116 -9.56 17.72 -11.33
CA ALA E 116 -11.00 17.79 -11.59
C ALA E 116 -11.72 16.65 -10.88
N PRO E 117 -12.87 16.93 -10.26
CA PRO E 117 -13.61 15.86 -9.57
C PRO E 117 -14.33 14.95 -10.53
N SER E 118 -14.37 13.66 -10.19
CA SER E 118 -15.22 12.70 -10.88
C SER E 118 -16.57 12.68 -10.17
N VAL E 119 -17.60 13.16 -10.85
CA VAL E 119 -18.92 13.28 -10.25
C VAL E 119 -19.69 11.97 -10.46
N PHE E 120 -20.35 11.51 -9.40
CA PHE E 120 -21.29 10.40 -9.47
C PHE E 120 -22.57 10.84 -8.77
N ILE E 121 -23.68 10.21 -9.14
CA ILE E 121 -24.95 10.43 -8.47
C ILE E 121 -25.58 9.07 -8.18
N PHE E 122 -26.21 8.95 -7.01
CA PHE E 122 -26.72 7.68 -6.54
C PHE E 122 -28.23 7.74 -6.38
N PRO E 123 -29.00 6.98 -7.18
CA PRO E 123 -30.45 7.01 -7.04
C PRO E 123 -30.87 6.46 -5.70
N PRO E 124 -31.96 6.96 -5.12
CA PRO E 124 -32.42 6.45 -3.82
C PRO E 124 -32.71 4.96 -3.88
N SER E 125 -32.49 4.29 -2.76
CA SER E 125 -32.72 2.86 -2.67
C SER E 125 -34.20 2.57 -2.41
N ASP E 126 -34.65 1.39 -2.88
CA ASP E 126 -36.01 0.97 -2.60
C ASP E 126 -36.25 0.77 -1.12
N GLU E 127 -35.23 0.33 -0.38
CA GLU E 127 -35.37 0.13 1.06
C GLU E 127 -35.71 1.43 1.77
N GLN E 128 -35.19 2.56 1.28
CA GLN E 128 -35.41 3.84 1.94
C GLN E 128 -36.80 4.39 1.66
N LEU E 129 -37.31 4.19 0.43
CA LEU E 129 -38.63 4.70 0.08
C LEU E 129 -39.73 4.01 0.88
N LYS E 130 -39.47 2.78 1.34
CA LYS E 130 -40.41 2.12 2.26
C LYS E 130 -40.56 2.90 3.55
N SER E 131 -39.47 3.50 4.04
CA SER E 131 -39.52 4.23 5.30
C SER E 131 -40.26 5.55 5.19
N GLY E 132 -40.39 6.10 3.98
CA GLY E 132 -41.11 7.34 3.77
C GLY E 132 -40.27 8.57 3.49
N THR E 133 -38.96 8.41 3.28
CA THR E 133 -38.08 9.53 2.99
C THR E 133 -37.15 9.14 1.83
N ALA E 134 -36.59 10.14 1.18
CA ALA E 134 -35.72 9.94 0.02
C ALA E 134 -34.44 10.75 0.17
N SER E 135 -33.32 10.16 -0.21
CA SER E 135 -32.02 10.81 -0.15
C SER E 135 -31.29 10.59 -1.46
N VAL E 136 -30.96 11.68 -2.16
CA VAL E 136 -30.19 11.65 -3.40
C VAL E 136 -28.78 12.14 -3.08
N VAL E 137 -27.78 11.32 -3.43
CA VAL E 137 -26.40 11.54 -3.03
C VAL E 137 -25.57 11.84 -4.27
N CYS E 138 -24.84 12.95 -4.23
CA CYS E 138 -23.88 13.32 -5.26
C CYS E 138 -22.48 13.24 -4.68
N LEU E 139 -21.58 12.55 -5.40
CA LEU E 139 -20.24 12.25 -4.90
C LEU E 139 -19.20 12.91 -5.79
N LEU E 140 -18.45 13.85 -5.23
CA LEU E 140 -17.29 14.44 -5.88
C LEU E 140 -16.05 13.72 -5.34
N ASN E 141 -15.27 13.14 -6.24
CA ASN E 141 -14.26 12.15 -5.87
C ASN E 141 -12.89 12.58 -6.35
N ASN E 142 -11.94 12.65 -5.40
CA ASN E 142 -10.51 12.80 -5.67
C ASN E 142 -10.22 14.06 -6.49
N PHE E 143 -10.48 15.20 -5.87
CA PHE E 143 -10.28 16.51 -6.48
C PHE E 143 -9.48 17.42 -5.55
N TYR E 144 -8.88 18.45 -6.15
CA TYR E 144 -8.14 19.51 -5.48
C TYR E 144 -8.22 20.72 -6.40
N PRO E 145 -8.43 21.93 -5.86
CA PRO E 145 -8.54 22.33 -4.45
C PRO E 145 -9.85 21.91 -3.77
N ARG E 146 -9.94 22.20 -2.47
CA ARG E 146 -11.10 21.81 -1.67
C ARG E 146 -12.36 22.55 -2.10
N GLU E 147 -12.24 23.76 -2.63
CA GLU E 147 -13.41 24.58 -2.92
C GLU E 147 -14.10 24.07 -4.17
N ALA E 148 -15.31 23.53 -3.99
CA ALA E 148 -16.16 23.10 -5.08
C ALA E 148 -17.58 23.56 -4.79
N LYS E 149 -18.37 23.72 -5.85
CA LYS E 149 -19.72 24.27 -5.75
C LYS E 149 -20.69 23.25 -6.31
N VAL E 150 -21.69 22.87 -5.50
CA VAL E 150 -22.64 21.82 -5.87
C VAL E 150 -24.06 22.33 -5.66
N GLN E 151 -24.91 22.14 -6.67
CA GLN E 151 -26.29 22.59 -6.64
C GLN E 151 -27.23 21.46 -7.08
N TRP E 152 -28.33 21.33 -6.36
CA TRP E 152 -29.38 20.37 -6.68
C TRP E 152 -30.47 21.04 -7.50
N LYS E 153 -30.90 20.36 -8.58
CA LYS E 153 -31.96 20.86 -9.45
C LYS E 153 -32.99 19.75 -9.65
N VAL E 154 -34.20 19.95 -9.11
CA VAL E 154 -35.29 18.99 -9.21
C VAL E 154 -36.28 19.56 -10.23
N ASP E 155 -36.31 18.96 -11.42
CA ASP E 155 -37.02 19.52 -12.58
C ASP E 155 -36.53 20.94 -12.86
N ASN E 156 -35.21 21.09 -12.88
CA ASN E 156 -34.52 22.35 -13.15
C ASN E 156 -34.94 23.45 -12.17
N ALA E 157 -35.35 23.07 -10.97
CA ALA E 157 -35.67 23.99 -9.89
C ALA E 157 -34.61 23.90 -8.81
N LEU E 158 -34.07 25.05 -8.40
CA LEU E 158 -33.10 25.10 -7.33
C LEU E 158 -33.69 24.54 -6.04
N GLN E 159 -32.83 23.94 -5.23
CA GLN E 159 -33.20 23.48 -3.90
C GLN E 159 -32.46 24.29 -2.85
N SER E 160 -33.02 24.31 -1.63
CA SER E 160 -32.46 25.14 -0.57
C SER E 160 -32.93 24.61 0.77
N GLY E 161 -32.04 24.71 1.77
CA GLY E 161 -32.34 24.28 3.12
C GLY E 161 -32.57 22.79 3.29
N ASN E 162 -32.24 22.02 2.25
CA ASN E 162 -32.50 20.58 2.24
C ASN E 162 -31.28 19.74 1.89
N SER E 163 -30.15 20.36 1.57
CA SER E 163 -28.94 19.65 1.16
C SER E 163 -27.86 19.83 2.20
N GLN E 164 -27.02 18.80 2.35
CA GLN E 164 -25.95 18.81 3.34
C GLN E 164 -24.69 18.22 2.71
N GLU E 165 -23.58 18.97 2.81
CA GLU E 165 -22.30 18.53 2.28
C GLU E 165 -21.43 17.98 3.41
N SER E 166 -20.46 17.14 3.01
CA SER E 166 -19.49 16.56 3.92
C SER E 166 -18.22 16.27 3.13
N VAL E 167 -17.08 16.70 3.65
CA VAL E 167 -15.81 16.60 2.94
C VAL E 167 -14.88 15.67 3.70
N THR E 168 -14.09 14.89 2.96
CA THR E 168 -13.04 14.09 3.57
C THR E 168 -11.84 14.98 3.85
N GLU E 169 -11.02 14.57 4.83
CA GLU E 169 -9.76 15.27 5.02
C GLU E 169 -8.83 14.95 3.86
N GLN E 170 -7.78 15.77 3.73
CA GLN E 170 -6.86 15.64 2.62
C GLN E 170 -6.22 14.26 2.61
N ASP E 171 -6.19 13.62 1.45
CA ASP E 171 -5.68 12.26 1.36
C ASP E 171 -4.17 12.26 1.56
N SER E 172 -3.69 11.38 2.44
CA SER E 172 -2.27 11.32 2.76
C SER E 172 -1.42 10.75 1.63
N LYS E 173 -2.02 10.45 0.48
CA LYS E 173 -1.29 9.87 -0.65
C LYS E 173 -1.25 10.80 -1.85
N ASP E 174 -2.40 11.21 -2.38
CA ASP E 174 -2.46 12.10 -3.54
C ASP E 174 -2.94 13.50 -3.19
N SER E 175 -3.09 13.80 -1.91
CA SER E 175 -3.39 15.15 -1.43
C SER E 175 -4.70 15.69 -2.02
N THR E 176 -5.65 14.82 -2.32
CA THR E 176 -6.91 15.21 -2.93
C THR E 176 -8.03 15.23 -1.90
N TYR E 177 -9.21 15.66 -2.35
CA TYR E 177 -10.39 15.76 -1.49
C TYR E 177 -11.53 14.97 -2.12
N SER E 178 -12.55 14.70 -1.31
CA SER E 178 -13.79 14.10 -1.78
C SER E 178 -14.95 14.69 -1.01
N LEU E 179 -16.07 14.88 -1.70
CA LEU E 179 -17.23 15.58 -1.17
C LEU E 179 -18.49 14.80 -1.49
N SER E 180 -19.44 14.80 -0.56
CA SER E 180 -20.73 14.14 -0.72
C SER E 180 -21.84 15.12 -0.38
N SER E 181 -22.78 15.31 -1.30
CA SER E 181 -23.95 16.13 -1.06
C SER E 181 -25.16 15.22 -0.98
N THR E 182 -25.88 15.27 0.14
CA THR E 182 -27.06 14.44 0.39
C THR E 182 -28.30 15.31 0.36
N LEU E 183 -29.16 15.10 -0.64
CA LEU E 183 -30.42 15.79 -0.75
C LEU E 183 -31.48 15.09 0.11
N THR E 184 -32.18 15.87 0.93
CA THR E 184 -33.19 15.33 1.84
C THR E 184 -34.57 15.67 1.30
N LEU E 185 -35.24 14.69 0.70
CA LEU E 185 -36.57 14.84 0.14
C LEU E 185 -37.53 13.85 0.80
N SER E 186 -38.83 14.14 0.67
CA SER E 186 -39.85 13.22 1.13
C SER E 186 -40.12 12.16 0.07
N LYS E 187 -40.90 11.13 0.45
CA LYS E 187 -41.33 10.15 -0.54
C LYS E 187 -42.38 10.74 -1.48
N ALA E 188 -43.18 11.69 -0.99
CA ALA E 188 -44.21 12.30 -1.83
C ALA E 188 -43.59 13.09 -2.98
N ASP E 189 -42.76 14.09 -2.65
CA ASP E 189 -42.17 14.94 -3.67
C ASP E 189 -41.25 14.18 -4.61
N TYR E 190 -40.58 13.13 -4.10
CA TYR E 190 -39.71 12.34 -4.96
C TYR E 190 -40.51 11.68 -6.08
N GLU E 191 -41.75 11.27 -5.76
CA GLU E 191 -42.65 10.74 -6.78
C GLU E 191 -43.18 11.83 -7.70
N LYS E 192 -43.09 13.09 -7.30
CA LYS E 192 -43.72 14.17 -8.05
C LYS E 192 -42.91 14.59 -9.28
N HIS E 193 -41.58 14.44 -9.24
CA HIS E 193 -40.71 14.85 -10.33
C HIS E 193 -40.01 13.65 -10.92
N LYS E 194 -39.31 13.88 -12.05
CA LYS E 194 -38.73 12.78 -12.82
C LYS E 194 -37.22 12.90 -13.04
N VAL E 195 -36.66 14.10 -13.08
CA VAL E 195 -35.25 14.30 -13.35
C VAL E 195 -34.62 15.04 -12.17
N TYR E 196 -33.50 14.49 -11.68
CA TYR E 196 -32.71 15.12 -10.62
C TYR E 196 -31.27 15.23 -11.11
N ALA E 197 -30.75 16.46 -11.13
CA ALA E 197 -29.41 16.74 -11.61
C ALA E 197 -28.53 17.20 -10.45
N CYS E 198 -27.22 17.14 -10.68
CA CYS E 198 -26.23 17.59 -9.70
C CYS E 198 -25.26 18.51 -10.44
N GLU E 199 -25.42 19.82 -10.26
CA GLU E 199 -24.53 20.78 -10.90
C GLU E 199 -23.29 20.96 -10.06
N VAL E 200 -22.13 20.65 -10.65
CA VAL E 200 -20.84 20.72 -9.96
C VAL E 200 -19.98 21.78 -10.63
N THR E 201 -19.54 22.76 -9.86
CA THR E 201 -18.65 23.81 -10.33
C THR E 201 -17.29 23.66 -9.66
N HIS E 202 -16.23 23.60 -10.45
CA HIS E 202 -14.91 23.42 -9.87
C HIS E 202 -13.85 24.05 -10.75
N GLN E 203 -12.69 24.34 -10.14
CA GLN E 203 -11.58 24.98 -10.84
C GLN E 203 -10.96 24.05 -11.88
N GLY E 204 -10.96 22.74 -11.63
CA GLY E 204 -10.44 21.79 -12.60
C GLY E 204 -11.33 21.56 -13.79
N LEU E 205 -12.54 22.12 -13.78
CA LEU E 205 -13.53 21.93 -14.84
C LEU E 205 -13.67 23.21 -15.65
N SER E 206 -13.45 23.13 -16.96
CA SER E 206 -13.67 24.28 -17.82
C SER E 206 -15.15 24.68 -17.85
N SER E 207 -16.05 23.70 -17.96
CA SER E 207 -17.48 23.93 -17.94
C SER E 207 -18.12 23.13 -16.82
N PRO E 208 -19.03 23.75 -16.05
CA PRO E 208 -19.65 23.03 -14.92
C PRO E 208 -20.27 21.71 -15.36
N VAL E 209 -20.13 20.70 -14.52
CA VAL E 209 -20.62 19.36 -14.82
C VAL E 209 -21.95 19.15 -14.10
N THR E 210 -22.95 18.67 -14.83
CA THR E 210 -24.27 18.38 -14.29
C THR E 210 -24.54 16.88 -14.47
N LYS E 211 -24.62 16.16 -13.36
CA LYS E 211 -24.93 14.73 -13.38
C LYS E 211 -26.38 14.54 -12.98
N SER E 212 -27.15 13.93 -13.89
CA SER E 212 -28.58 13.74 -13.68
C SER E 212 -28.95 12.28 -13.94
N PHE E 213 -30.06 11.87 -13.32
CA PHE E 213 -30.63 10.55 -13.55
C PHE E 213 -32.14 10.68 -13.73
N ASN E 214 -32.68 9.93 -14.67
CA ASN E 214 -34.13 9.88 -14.87
C ASN E 214 -34.74 8.98 -13.80
N ARG E 215 -35.78 9.49 -13.12
CA ARG E 215 -36.42 8.71 -12.06
C ARG E 215 -36.96 7.40 -12.59
N GLY E 216 -36.63 6.31 -11.89
CA GLY E 216 -37.19 5.02 -12.22
C GLY E 216 -36.56 4.34 -13.42
N GLU E 217 -36.73 4.92 -14.61
CA GLU E 217 -36.29 4.25 -15.83
C GLU E 217 -34.76 4.23 -15.88
N CYS E 218 -34.19 3.03 -16.02
CA CYS E 218 -32.75 2.84 -15.97
C CYS E 218 -32.36 1.43 -16.38
N GLU F 1 -51.85 -36.38 -20.15
CA GLU F 1 -52.33 -35.96 -21.47
C GLU F 1 -51.35 -34.97 -22.10
N VAL F 2 -51.87 -33.79 -22.46
CA VAL F 2 -51.04 -32.72 -22.97
C VAL F 2 -50.25 -32.08 -21.83
N GLN F 3 -49.05 -31.62 -22.13
CA GLN F 3 -48.12 -31.17 -21.10
C GLN F 3 -47.38 -29.92 -21.57
N LEU F 4 -46.92 -29.14 -20.60
CA LEU F 4 -46.03 -28.01 -20.84
C LEU F 4 -44.83 -28.15 -19.92
N LEU F 5 -43.68 -28.51 -20.49
CA LEU F 5 -42.46 -28.75 -19.72
C LEU F 5 -41.47 -27.63 -19.99
N GLU F 6 -41.05 -26.94 -18.93
CA GLU F 6 -40.05 -25.88 -19.03
C GLU F 6 -38.66 -26.44 -18.85
N SER F 7 -37.68 -25.76 -19.46
CA SER F 7 -36.28 -26.14 -19.31
C SER F 7 -35.43 -24.92 -19.58
N GLY F 8 -34.12 -25.06 -19.32
CA GLY F 8 -33.17 -23.98 -19.50
C GLY F 8 -32.89 -23.15 -18.28
N GLY F 9 -33.45 -23.49 -17.12
CA GLY F 9 -33.15 -22.75 -15.91
C GLY F 9 -31.79 -23.08 -15.34
N GLY F 10 -31.33 -22.23 -14.45
CA GLY F 10 -30.03 -22.43 -13.81
C GLY F 10 -29.49 -21.14 -13.24
N LEU F 11 -28.18 -21.13 -13.04
CA LEU F 11 -27.47 -19.98 -12.47
C LEU F 11 -26.78 -19.20 -13.59
N VAL F 12 -27.05 -17.90 -13.66
CA VAL F 12 -26.56 -17.06 -14.75
C VAL F 12 -25.87 -15.83 -14.15
N GLN F 13 -24.76 -15.43 -14.77
CA GLN F 13 -24.03 -14.24 -14.32
C GLN F 13 -24.91 -13.00 -14.43
N PRO F 14 -24.78 -12.05 -13.51
CA PRO F 14 -25.51 -10.78 -13.67
C PRO F 14 -25.01 -10.03 -14.90
N GLY F 15 -25.96 -9.62 -15.73
CA GLY F 15 -25.63 -8.99 -17.00
C GLY F 15 -25.42 -9.94 -18.15
N GLY F 16 -25.73 -11.22 -17.98
CA GLY F 16 -25.60 -12.21 -19.03
C GLY F 16 -26.91 -12.47 -19.75
N SER F 17 -26.94 -13.59 -20.47
CA SER F 17 -28.10 -13.98 -21.27
C SER F 17 -28.50 -15.41 -20.94
N LEU F 18 -29.81 -15.64 -20.88
CA LEU F 18 -30.34 -16.97 -20.62
C LEU F 18 -31.58 -17.17 -21.48
N ARG F 19 -31.77 -18.40 -21.97
CA ARG F 19 -32.89 -18.72 -22.83
C ARG F 19 -33.67 -19.89 -22.23
N LEU F 20 -34.95 -19.67 -21.93
CA LEU F 20 -35.82 -20.71 -21.43
C LEU F 20 -36.58 -21.37 -22.56
N SER F 21 -36.91 -22.65 -22.37
CA SER F 21 -37.65 -23.42 -23.35
C SER F 21 -38.92 -23.97 -22.71
N CYS F 22 -40.00 -23.96 -23.48
CA CYS F 22 -41.25 -24.61 -23.11
C CYS F 22 -41.58 -25.61 -24.21
N ALA F 23 -41.45 -26.89 -23.90
CA ALA F 23 -41.68 -27.95 -24.87
C ALA F 23 -43.16 -28.32 -24.87
N ALA F 24 -43.82 -28.08 -26.00
CA ALA F 24 -45.25 -28.37 -26.16
C ALA F 24 -45.41 -29.88 -26.32
N SER F 25 -45.70 -30.56 -25.22
CA SER F 25 -45.84 -32.02 -25.18
C SER F 25 -47.32 -32.36 -25.11
N GLY F 26 -47.79 -33.14 -26.08
CA GLY F 26 -49.19 -33.50 -26.18
C GLY F 26 -49.86 -32.80 -27.34
N ILE F 27 -51.13 -33.15 -27.53
CA ILE F 27 -51.92 -32.57 -28.63
C ILE F 27 -52.06 -31.08 -28.38
N ASP F 28 -51.40 -30.27 -29.21
CA ASP F 28 -51.36 -28.83 -28.99
C ASP F 28 -52.47 -28.12 -29.75
N PHE F 29 -52.49 -28.24 -31.07
CA PHE F 29 -53.49 -27.52 -31.86
C PHE F 29 -54.82 -28.23 -31.70
N SER F 30 -55.59 -27.77 -30.71
CA SER F 30 -57.00 -28.05 -30.62
C SER F 30 -57.82 -26.77 -30.76
N ASN F 31 -57.16 -25.64 -30.96
CA ASN F 31 -57.77 -24.32 -31.07
C ASN F 31 -56.68 -23.35 -31.53
N HIS F 32 -56.99 -22.06 -31.51
CA HIS F 32 -55.97 -21.03 -31.52
C HIS F 32 -55.62 -20.66 -30.08
N TYR F 33 -54.34 -20.41 -29.82
CA TYR F 33 -53.90 -20.27 -28.45
C TYR F 33 -52.74 -19.28 -28.34
N TYR F 34 -52.66 -18.62 -27.19
CA TYR F 34 -51.49 -17.86 -26.79
C TYR F 34 -50.60 -18.70 -25.90
N MET F 35 -49.31 -18.40 -25.92
CA MET F 35 -48.34 -19.02 -25.02
C MET F 35 -47.78 -17.91 -24.14
N TYR F 36 -48.09 -17.96 -22.85
CA TYR F 36 -47.64 -16.94 -21.91
C TYR F 36 -46.34 -17.34 -21.23
N TRP F 37 -45.55 -16.34 -20.88
CA TRP F 37 -44.40 -16.49 -20.00
C TRP F 37 -44.70 -15.72 -18.72
N VAL F 38 -44.65 -16.40 -17.58
CA VAL F 38 -44.97 -15.82 -16.29
C VAL F 38 -43.87 -16.20 -15.30
N ARG F 39 -43.40 -15.21 -14.54
CA ARG F 39 -42.43 -15.44 -13.48
C ARG F 39 -43.05 -15.07 -12.13
N GLN F 40 -42.45 -15.61 -11.07
CA GLN F 40 -42.91 -15.31 -9.71
C GLN F 40 -41.69 -15.33 -8.79
N ALA F 41 -41.26 -14.15 -8.36
CA ALA F 41 -40.27 -14.08 -7.31
C ALA F 41 -40.84 -14.68 -6.02
N PRO F 42 -40.00 -15.27 -5.17
CA PRO F 42 -40.50 -15.89 -3.94
C PRO F 42 -41.21 -14.86 -3.06
N GLY F 43 -42.38 -15.24 -2.55
CA GLY F 43 -43.23 -14.33 -1.81
C GLY F 43 -43.88 -13.23 -2.62
N LYS F 44 -43.43 -12.98 -3.84
CA LYS F 44 -44.04 -12.01 -4.73
C LYS F 44 -45.18 -12.65 -5.52
N GLY F 45 -45.97 -11.81 -6.17
CA GLY F 45 -47.11 -12.27 -6.92
C GLY F 45 -46.73 -12.76 -8.31
N LEU F 46 -47.77 -13.07 -9.09
CA LEU F 46 -47.55 -13.49 -10.47
C LEU F 46 -47.21 -12.27 -11.34
N GLU F 47 -46.15 -12.41 -12.14
CA GLU F 47 -45.65 -11.33 -12.97
C GLU F 47 -45.70 -11.78 -14.43
N TRP F 48 -46.40 -11.01 -15.26
CA TRP F 48 -46.56 -11.32 -16.67
C TRP F 48 -45.42 -10.76 -17.48
N ILE F 49 -44.80 -11.61 -18.30
CA ILE F 49 -43.66 -11.20 -19.13
C ILE F 49 -44.15 -10.87 -20.54
N GLY F 50 -44.74 -11.86 -21.21
CA GLY F 50 -45.18 -11.66 -22.57
C GLY F 50 -45.94 -12.87 -23.08
N SER F 51 -46.43 -12.73 -24.31
CA SER F 51 -47.24 -13.77 -24.93
C SER F 51 -46.91 -13.84 -26.42
N ILE F 52 -47.14 -15.01 -27.01
CA ILE F 52 -46.95 -15.24 -28.44
C ILE F 52 -48.13 -16.05 -28.96
N PHE F 53 -48.51 -15.80 -30.20
CA PHE F 53 -49.71 -16.37 -30.80
C PHE F 53 -49.38 -17.61 -31.62
N SER F 54 -50.38 -18.47 -31.77
CA SER F 54 -50.22 -19.73 -32.50
C SER F 54 -50.36 -19.55 -34.01
N GLY F 55 -50.95 -18.46 -34.47
CA GLY F 55 -51.17 -18.25 -35.88
C GLY F 55 -49.89 -18.03 -36.66
N ASP F 56 -50.06 -17.81 -37.97
CA ASP F 56 -48.93 -17.58 -38.86
C ASP F 56 -48.28 -16.21 -38.63
N SER F 57 -49.02 -15.26 -38.06
CA SER F 57 -48.47 -13.93 -37.83
C SER F 57 -47.35 -13.93 -36.80
N ALA F 58 -47.39 -14.89 -35.85
CA ALA F 58 -46.41 -14.98 -34.77
C ALA F 58 -46.32 -13.68 -33.99
N SER F 59 -47.50 -13.14 -33.64
CA SER F 59 -47.56 -11.90 -32.88
C SER F 59 -46.96 -12.09 -31.49
N THR F 60 -46.18 -11.12 -31.05
CA THR F 60 -45.54 -11.15 -29.74
C THR F 60 -45.86 -9.85 -29.01
N TYR F 61 -46.46 -9.96 -27.84
CA TYR F 61 -46.74 -8.83 -26.97
C TYR F 61 -45.97 -9.02 -25.68
N TYR F 62 -45.19 -8.00 -25.30
CA TYR F 62 -44.38 -8.05 -24.09
C TYR F 62 -44.89 -7.02 -23.09
N ALA F 63 -44.65 -7.30 -21.81
CA ALA F 63 -44.97 -6.34 -20.76
C ALA F 63 -44.03 -5.14 -20.84
N ASP F 64 -44.35 -4.11 -20.04
CA ASP F 64 -43.57 -2.87 -20.05
C ASP F 64 -42.11 -3.13 -19.65
N SER F 65 -41.92 -3.74 -18.51
CA SER F 65 -40.62 -4.03 -18.05
C SER F 65 -39.83 -4.91 -18.98
N ALA F 66 -40.49 -5.65 -19.87
CA ALA F 66 -39.88 -6.69 -20.69
C ALA F 66 -39.44 -6.22 -22.06
N LYS F 67 -40.08 -5.20 -22.63
CA LYS F 67 -39.74 -4.75 -23.97
C LYS F 67 -38.30 -4.25 -24.01
N GLY F 68 -37.52 -4.79 -24.96
CA GLY F 68 -36.13 -4.40 -25.07
C GLY F 68 -35.17 -5.41 -24.47
N ARG F 69 -35.56 -6.02 -23.35
CA ARG F 69 -34.66 -7.00 -22.68
C ARG F 69 -35.15 -8.45 -22.86
N PHE F 70 -36.39 -8.66 -23.29
CA PHE F 70 -36.91 -10.02 -23.46
C PHE F 70 -37.37 -10.24 -24.89
N THR F 71 -37.29 -11.51 -25.32
CA THR F 71 -37.61 -11.90 -26.69
C THR F 71 -38.21 -13.30 -26.68
N ILE F 72 -39.40 -13.45 -27.26
CA ILE F 72 -40.09 -14.73 -27.36
C ILE F 72 -40.11 -15.13 -28.83
N SER F 73 -39.69 -16.37 -29.11
CA SER F 73 -39.67 -16.88 -30.47
C SER F 73 -40.19 -18.32 -30.44
N ARG F 74 -40.07 -18.99 -31.58
CA ARG F 74 -40.63 -20.33 -31.76
C ARG F 74 -39.84 -21.07 -32.82
N ASP F 75 -39.46 -22.30 -32.52
CA ASP F 75 -38.87 -23.20 -33.52
C ASP F 75 -39.99 -24.10 -34.00
N ASN F 76 -40.55 -23.78 -35.18
CA ASN F 76 -41.70 -24.51 -35.69
C ASN F 76 -41.41 -26.01 -35.81
N SER F 77 -40.15 -26.37 -36.03
CA SER F 77 -39.78 -27.77 -36.20
C SER F 77 -39.98 -28.57 -34.91
N LYS F 78 -39.53 -28.03 -33.79
CA LYS F 78 -39.57 -28.73 -32.50
C LYS F 78 -40.88 -28.52 -31.75
N ASN F 79 -41.74 -27.61 -32.21
CA ASN F 79 -42.94 -27.19 -31.48
C ASN F 79 -42.56 -26.76 -30.05
N THR F 80 -41.56 -25.88 -29.97
CA THR F 80 -41.01 -25.45 -28.70
C THR F 80 -40.93 -23.92 -28.68
N LEU F 81 -41.46 -23.31 -27.62
CA LEU F 81 -41.39 -21.88 -27.45
C LEU F 81 -40.13 -21.49 -26.69
N TYR F 82 -39.63 -20.30 -26.98
CA TYR F 82 -38.39 -19.81 -26.39
C TYR F 82 -38.64 -18.48 -25.68
N LEU F 83 -37.83 -18.21 -24.66
CA LEU F 83 -37.83 -16.93 -23.96
C LEU F 83 -36.39 -16.48 -23.77
N GLN F 84 -35.95 -15.52 -24.56
CA GLN F 84 -34.58 -15.01 -24.48
C GLN F 84 -34.53 -13.82 -23.55
N MET F 85 -33.82 -13.98 -22.44
CA MET F 85 -33.62 -12.94 -21.44
C MET F 85 -32.21 -12.39 -21.58
N ASN F 86 -32.10 -11.07 -21.74
CA ASN F 86 -30.82 -10.40 -21.93
C ASN F 86 -30.66 -9.30 -20.89
N SER F 87 -29.39 -8.89 -20.68
CA SER F 87 -29.03 -7.91 -19.65
C SER F 87 -29.67 -8.28 -18.31
N LEU F 88 -29.41 -9.51 -17.88
CA LEU F 88 -30.11 -10.08 -16.74
C LEU F 88 -29.72 -9.36 -15.45
N ARG F 89 -30.70 -8.76 -14.79
CA ARG F 89 -30.50 -8.16 -13.49
C ARG F 89 -30.59 -9.23 -12.40
N ALA F 90 -30.26 -8.84 -11.17
CA ALA F 90 -30.40 -9.75 -10.05
C ALA F 90 -31.85 -9.91 -9.64
N GLU F 91 -32.61 -8.82 -9.59
CA GLU F 91 -34.01 -8.94 -9.18
C GLU F 91 -34.88 -9.61 -10.24
N ASP F 92 -34.30 -10.03 -11.35
CA ASP F 92 -34.96 -10.94 -12.28
C ASP F 92 -35.03 -12.37 -11.75
N THR F 93 -34.37 -12.66 -10.62
CA THR F 93 -34.35 -14.00 -10.06
C THR F 93 -35.75 -14.41 -9.61
N ALA F 94 -36.33 -15.41 -10.27
CA ALA F 94 -37.70 -15.84 -9.99
C ALA F 94 -37.92 -17.21 -10.62
N VAL F 95 -39.11 -17.77 -10.37
CA VAL F 95 -39.57 -19.03 -10.97
C VAL F 95 -40.41 -18.70 -12.19
N TYR F 96 -40.06 -19.28 -13.33
CA TYR F 96 -40.65 -18.93 -14.62
C TYR F 96 -41.58 -20.05 -15.10
N TYR F 97 -42.78 -19.65 -15.52
CA TYR F 97 -43.79 -20.57 -16.04
C TYR F 97 -44.08 -20.27 -17.50
N CYS F 98 -44.51 -21.31 -18.24
CA CYS F 98 -45.12 -21.14 -19.56
C CYS F 98 -46.54 -21.67 -19.48
N ALA F 99 -47.51 -20.84 -19.88
CA ALA F 99 -48.92 -21.16 -19.77
C ALA F 99 -49.59 -21.06 -21.14
N ARG F 100 -50.69 -21.79 -21.31
CA ARG F 100 -51.39 -21.79 -22.61
C ARG F 100 -52.86 -21.38 -22.45
N GLY F 101 -53.28 -20.37 -23.19
CA GLY F 101 -54.65 -19.88 -23.20
C GLY F 101 -55.28 -19.98 -24.58
N MET F 102 -56.33 -20.79 -24.71
CA MET F 102 -56.95 -21.02 -26.00
C MET F 102 -58.02 -19.97 -26.27
N SER F 103 -58.52 -19.96 -27.52
CA SER F 103 -59.51 -18.97 -27.90
C SER F 103 -60.88 -19.26 -27.30
N THR F 104 -61.24 -20.54 -27.15
CA THR F 104 -62.55 -20.88 -26.60
C THR F 104 -62.65 -20.51 -25.12
N ASN F 105 -61.56 -20.67 -24.37
CA ASN F 105 -61.52 -20.18 -23.00
C ASN F 105 -61.31 -18.67 -22.92
N ASP F 106 -61.39 -17.97 -24.06
CA ASP F 106 -61.15 -16.53 -24.16
C ASP F 106 -59.79 -16.14 -23.58
N TRP F 107 -58.76 -16.86 -24.03
CA TRP F 107 -57.36 -16.62 -23.72
C TRP F 107 -57.02 -16.85 -22.25
N ALA F 108 -57.91 -17.45 -21.47
CA ALA F 108 -57.62 -17.75 -20.08
C ALA F 108 -56.65 -18.92 -20.00
N SER F 109 -55.64 -18.80 -19.15
CA SER F 109 -54.58 -19.81 -19.03
C SER F 109 -55.12 -21.01 -18.24
N ASP F 110 -55.27 -22.14 -18.92
CA ASP F 110 -55.69 -23.39 -18.29
C ASP F 110 -54.55 -24.38 -18.10
N LEU F 111 -53.64 -24.48 -19.06
CA LEU F 111 -52.46 -25.33 -18.95
C LEU F 111 -51.29 -24.50 -18.42
N TRP F 112 -50.65 -25.00 -17.36
CA TRP F 112 -49.46 -24.37 -16.82
C TRP F 112 -48.30 -25.36 -16.85
N GLY F 113 -47.09 -24.82 -16.78
CA GLY F 113 -45.90 -25.65 -16.63
C GLY F 113 -45.55 -25.88 -15.17
N GLN F 114 -44.62 -26.80 -14.95
CA GLN F 114 -44.09 -27.02 -13.62
C GLN F 114 -43.34 -25.79 -13.11
N GLY F 115 -42.82 -24.97 -14.02
CA GLY F 115 -42.00 -23.84 -13.66
C GLY F 115 -40.56 -24.25 -13.44
N THR F 116 -39.63 -23.46 -13.96
CA THR F 116 -38.20 -23.65 -13.70
C THR F 116 -37.66 -22.43 -12.96
N LEU F 117 -36.61 -22.65 -12.18
CA LEU F 117 -36.02 -21.60 -11.35
C LEU F 117 -34.80 -21.02 -12.06
N VAL F 118 -34.76 -19.69 -12.16
CA VAL F 118 -33.63 -18.97 -12.72
C VAL F 118 -33.11 -18.03 -11.65
N THR F 119 -31.85 -18.20 -11.26
CA THR F 119 -31.19 -17.39 -10.25
C THR F 119 -30.05 -16.62 -10.92
N VAL F 120 -30.12 -15.29 -10.86
CA VAL F 120 -29.09 -14.41 -11.42
C VAL F 120 -28.24 -13.90 -10.25
N SER F 121 -27.01 -14.38 -10.15
CA SER F 121 -26.15 -14.01 -9.04
C SER F 121 -24.69 -14.04 -9.45
N SER F 122 -23.90 -13.16 -8.84
CA SER F 122 -22.44 -13.15 -8.97
C SER F 122 -21.82 -14.13 -7.98
N ALA F 123 -22.32 -15.36 -8.02
CA ALA F 123 -21.96 -16.39 -7.05
C ALA F 123 -22.02 -17.75 -7.73
N SER F 124 -21.33 -18.72 -7.13
CA SER F 124 -21.27 -20.08 -7.67
C SER F 124 -22.15 -21.01 -6.86
N THR F 125 -22.41 -22.19 -7.44
CA THR F 125 -23.11 -23.23 -6.71
C THR F 125 -22.27 -23.67 -5.51
N LYS F 126 -22.89 -23.70 -4.34
CA LYS F 126 -22.16 -24.00 -3.10
C LYS F 126 -22.98 -24.95 -2.26
N GLY F 127 -22.36 -26.03 -1.80
CA GLY F 127 -23.01 -26.99 -0.95
C GLY F 127 -23.12 -26.48 0.48
N PRO F 128 -24.22 -26.83 1.15
CA PRO F 128 -24.45 -26.34 2.51
C PRO F 128 -23.60 -27.06 3.54
N SER F 129 -23.29 -26.33 4.61
CA SER F 129 -22.74 -26.91 5.83
C SER F 129 -23.90 -27.15 6.79
N VAL F 130 -24.04 -28.40 7.25
CA VAL F 130 -25.13 -28.77 8.14
C VAL F 130 -24.64 -28.68 9.57
N PHE F 131 -25.33 -27.87 10.39
CA PHE F 131 -24.88 -27.57 11.74
C PHE F 131 -25.94 -27.95 12.76
N PRO F 132 -25.60 -28.73 13.78
CA PRO F 132 -26.62 -29.25 14.70
C PRO F 132 -27.15 -28.18 15.65
N LEU F 133 -28.47 -28.10 15.75
CA LEU F 133 -29.15 -27.33 16.78
C LEU F 133 -29.43 -28.31 17.92
N ALA F 134 -28.50 -28.41 18.86
CA ALA F 134 -28.56 -29.47 19.86
C ALA F 134 -29.61 -29.15 20.92
N PRO F 135 -30.40 -30.14 21.35
CA PRO F 135 -31.37 -29.92 22.43
C PRO F 135 -30.68 -29.90 23.79
N SER F 136 -30.75 -28.76 24.47
CA SER F 136 -30.10 -28.62 25.76
C SER F 136 -31.06 -29.00 26.88
N SER F 137 -30.49 -29.19 28.08
CA SER F 137 -31.32 -29.38 29.27
C SER F 137 -32.07 -28.10 29.64
N LYS F 138 -31.55 -26.94 29.22
CA LYS F 138 -32.22 -25.66 29.46
C LYS F 138 -33.16 -25.28 28.32
N SER F 139 -32.86 -25.70 27.08
CA SER F 139 -33.79 -25.46 25.98
C SER F 139 -35.03 -26.33 26.10
N THR F 140 -34.91 -27.51 26.70
CA THR F 140 -36.04 -28.44 26.82
C THR F 140 -37.03 -27.93 27.85
N SER F 141 -37.95 -27.06 27.43
CA SER F 141 -38.96 -26.48 28.32
C SER F 141 -40.00 -27.55 28.63
N GLY F 142 -39.67 -28.40 29.60
CA GLY F 142 -40.53 -29.49 30.01
C GLY F 142 -40.03 -30.84 29.52
N GLY F 143 -40.95 -31.69 29.06
CA GLY F 143 -40.58 -32.96 28.49
C GLY F 143 -40.63 -32.94 26.99
N THR F 144 -41.11 -31.84 26.43
CA THR F 144 -41.11 -31.61 24.99
C THR F 144 -39.71 -31.13 24.58
N ALA F 145 -38.96 -31.98 23.88
CA ALA F 145 -37.58 -31.71 23.52
C ALA F 145 -37.51 -31.20 22.09
N ALA F 146 -36.95 -30.01 21.91
CA ALA F 146 -36.80 -29.40 20.59
C ALA F 146 -35.34 -29.50 20.16
N LEU F 147 -35.14 -29.92 18.91
CA LEU F 147 -33.80 -29.99 18.33
C LEU F 147 -33.93 -29.68 16.84
N GLY F 148 -32.81 -29.69 16.15
CA GLY F 148 -32.86 -29.51 14.71
C GLY F 148 -31.48 -29.38 14.10
N CYS F 149 -31.47 -29.10 12.80
CA CYS F 149 -30.27 -28.89 12.02
C CYS F 149 -30.29 -27.50 11.42
N LEU F 150 -29.12 -26.87 11.34
CA LEU F 150 -28.95 -25.60 10.66
C LEU F 150 -28.28 -25.84 9.32
N VAL F 151 -28.97 -25.47 8.25
CA VAL F 151 -28.44 -25.55 6.89
C VAL F 151 -27.97 -24.15 6.51
N LYS F 152 -26.66 -23.96 6.42
CA LYS F 152 -26.08 -22.64 6.24
C LYS F 152 -25.14 -22.61 5.05
N ASP F 153 -25.14 -21.47 4.33
CA ASP F 153 -24.19 -21.16 3.27
C ASP F 153 -24.28 -22.17 2.10
N TYR F 154 -25.46 -22.22 1.48
CA TYR F 154 -25.65 -22.97 0.25
C TYR F 154 -26.17 -22.06 -0.85
N PHE F 155 -25.96 -22.50 -2.10
CA PHE F 155 -26.40 -21.72 -3.25
C PHE F 155 -26.39 -22.63 -4.47
N PRO F 156 -27.41 -22.59 -5.33
CA PRO F 156 -28.63 -21.80 -5.13
C PRO F 156 -29.73 -22.60 -4.43
N GLU F 157 -30.96 -22.07 -4.47
CA GLU F 157 -32.12 -22.82 -4.02
C GLU F 157 -32.38 -24.00 -4.96
N PRO F 158 -33.11 -25.03 -4.51
CA PRO F 158 -33.57 -25.29 -3.13
C PRO F 158 -32.86 -26.46 -2.45
N VAL F 159 -33.16 -26.68 -1.17
CA VAL F 159 -32.61 -27.80 -0.42
C VAL F 159 -33.76 -28.69 0.05
N THR F 160 -33.43 -29.95 0.32
CA THR F 160 -34.36 -30.91 0.86
C THR F 160 -33.80 -31.47 2.17
N VAL F 161 -34.65 -31.59 3.18
CA VAL F 161 -34.26 -32.12 4.49
C VAL F 161 -35.29 -33.15 4.91
N SER F 162 -34.83 -34.39 5.13
CA SER F 162 -35.65 -35.44 5.69
C SER F 162 -35.09 -35.84 7.05
N TRP F 163 -35.98 -36.26 7.95
CA TRP F 163 -35.62 -36.54 9.34
C TRP F 163 -35.60 -38.05 9.56
N ASN F 164 -34.42 -38.56 9.92
CA ASN F 164 -34.20 -40.01 10.10
C ASN F 164 -34.70 -40.79 8.88
N SER F 165 -34.32 -40.30 7.70
CA SER F 165 -34.64 -40.96 6.43
C SER F 165 -36.15 -41.09 6.23
N GLY F 166 -36.89 -40.03 6.57
CA GLY F 166 -38.30 -39.95 6.27
C GLY F 166 -39.25 -40.55 7.29
N ALA F 167 -38.72 -41.08 8.40
CA ALA F 167 -39.57 -41.74 9.39
C ALA F 167 -40.32 -40.75 10.28
N LEU F 168 -39.94 -39.49 10.29
CA LEU F 168 -40.48 -38.51 11.22
C LEU F 168 -41.18 -37.38 10.45
N THR F 169 -42.39 -37.02 10.89
CA THR F 169 -43.10 -35.87 10.36
C THR F 169 -43.63 -34.99 11.49
N SER F 170 -43.86 -35.58 12.67
CA SER F 170 -44.41 -34.83 13.79
C SER F 170 -43.33 -33.95 14.42
N GLY F 171 -43.65 -32.67 14.62
CA GLY F 171 -42.69 -31.68 15.05
C GLY F 171 -41.85 -31.08 13.96
N VAL F 172 -41.79 -31.70 12.78
CA VAL F 172 -40.96 -31.22 11.69
C VAL F 172 -41.44 -29.85 11.23
N HIS F 173 -40.52 -28.89 11.16
CA HIS F 173 -40.81 -27.58 10.58
C HIS F 173 -39.51 -27.10 9.92
N THR F 174 -39.42 -27.32 8.61
CA THR F 174 -38.30 -26.82 7.82
C THR F 174 -38.67 -25.43 7.32
N PHE F 175 -38.04 -24.40 7.90
CA PHE F 175 -38.43 -23.03 7.63
C PHE F 175 -38.04 -22.62 6.21
N PRO F 176 -38.73 -21.63 5.65
CA PRO F 176 -38.30 -21.09 4.35
C PRO F 176 -36.87 -20.59 4.42
N ALA F 177 -36.15 -20.76 3.32
CA ALA F 177 -34.79 -20.26 3.24
C ALA F 177 -34.76 -18.74 3.41
N VAL F 178 -33.64 -18.23 3.89
CA VAL F 178 -33.41 -16.79 3.97
C VAL F 178 -32.16 -16.45 3.17
N LEU F 179 -32.16 -15.28 2.56
CA LEU F 179 -31.05 -14.83 1.72
C LEU F 179 -30.10 -14.03 2.61
N GLN F 180 -28.98 -14.65 2.99
CA GLN F 180 -28.03 -14.03 3.90
C GLN F 180 -27.37 -12.81 3.24
N SER F 181 -26.93 -11.87 4.09
CA SER F 181 -26.33 -10.63 3.61
C SER F 181 -25.09 -10.86 2.77
N SER F 182 -24.47 -12.03 2.89
CA SER F 182 -23.33 -12.39 2.04
C SER F 182 -23.74 -12.78 0.63
N GLY F 183 -25.04 -12.84 0.36
CA GLY F 183 -25.53 -13.30 -0.92
C GLY F 183 -25.79 -14.79 -1.02
N LEU F 184 -25.78 -15.51 0.09
CA LEU F 184 -26.03 -16.94 0.12
C LEU F 184 -27.31 -17.23 0.91
N TYR F 185 -27.74 -18.49 0.87
CA TYR F 185 -28.98 -18.91 1.51
C TYR F 185 -28.69 -19.69 2.79
N SER F 186 -29.70 -19.71 3.67
CA SER F 186 -29.61 -20.43 4.93
C SER F 186 -31.01 -20.68 5.46
N LEU F 187 -31.22 -21.86 6.06
CA LEU F 187 -32.45 -22.17 6.76
C LEU F 187 -32.17 -23.17 7.86
N SER F 188 -33.12 -23.28 8.79
CA SER F 188 -33.06 -24.26 9.86
C SER F 188 -34.16 -25.29 9.67
N SER F 189 -33.85 -26.54 9.99
CA SER F 189 -34.83 -27.62 10.07
C SER F 189 -34.86 -28.12 11.49
N VAL F 190 -36.04 -28.04 12.13
CA VAL F 190 -36.20 -28.37 13.54
C VAL F 190 -37.26 -29.46 13.69
N VAL F 191 -37.36 -30.00 14.90
CA VAL F 191 -38.38 -30.99 15.24
C VAL F 191 -38.58 -30.96 16.76
N THR F 192 -39.81 -31.22 17.19
CA THR F 192 -40.18 -31.25 18.60
C THR F 192 -40.61 -32.67 18.97
N VAL F 193 -39.92 -33.26 19.94
CA VAL F 193 -40.15 -34.64 20.36
C VAL F 193 -40.18 -34.70 21.88
N PRO F 194 -40.77 -35.75 22.45
CA PRO F 194 -40.70 -35.94 23.91
C PRO F 194 -39.29 -36.31 24.36
N SER F 195 -38.89 -35.77 25.52
CA SER F 195 -37.53 -35.99 26.01
C SER F 195 -37.25 -37.47 26.31
N SER F 196 -38.30 -38.27 26.57
CA SER F 196 -38.11 -39.71 26.71
C SER F 196 -37.56 -40.34 25.44
N SER F 197 -37.66 -39.65 24.31
CA SER F 197 -37.09 -40.09 23.05
C SER F 197 -35.68 -39.55 22.81
N LEU F 198 -35.16 -38.72 23.73
CA LEU F 198 -33.85 -38.11 23.50
C LEU F 198 -32.71 -39.12 23.68
N GLY F 199 -32.55 -39.61 24.91
CA GLY F 199 -31.46 -40.53 25.19
C GLY F 199 -31.64 -41.93 24.65
N THR F 200 -32.78 -42.21 24.03
CA THR F 200 -33.14 -43.55 23.57
C THR F 200 -33.00 -43.72 22.05
N GLN F 201 -33.45 -42.74 21.26
CA GLN F 201 -33.45 -42.83 19.81
C GLN F 201 -32.30 -42.03 19.22
N THR F 202 -31.99 -42.31 17.95
CA THR F 202 -31.06 -41.50 17.18
C THR F 202 -31.85 -40.59 16.25
N TYR F 203 -31.41 -39.34 16.13
CA TYR F 203 -32.07 -38.35 15.28
C TYR F 203 -31.03 -37.69 14.39
N ILE F 204 -31.18 -37.88 13.08
CA ILE F 204 -30.23 -37.39 12.07
C ILE F 204 -31.04 -36.70 10.97
N CYS F 205 -30.62 -35.49 10.59
CA CYS F 205 -31.24 -34.81 9.46
C CYS F 205 -30.52 -35.21 8.18
N ASN F 206 -31.32 -35.47 7.14
CA ASN F 206 -30.82 -35.83 5.83
C ASN F 206 -31.00 -34.63 4.91
N VAL F 207 -29.91 -33.92 4.62
CA VAL F 207 -29.94 -32.75 3.76
C VAL F 207 -29.45 -33.14 2.37
N ASN F 208 -30.18 -32.73 1.34
CA ASN F 208 -29.75 -32.95 -0.05
C ASN F 208 -29.93 -31.67 -0.84
N HIS F 209 -28.83 -31.14 -1.35
CA HIS F 209 -28.78 -29.93 -2.18
C HIS F 209 -28.43 -30.38 -3.60
N LYS F 210 -29.46 -30.69 -4.38
CA LYS F 210 -29.24 -31.26 -5.71
C LYS F 210 -28.46 -30.38 -6.67
N PRO F 211 -28.56 -29.05 -6.65
CA PRO F 211 -27.70 -28.24 -7.54
C PRO F 211 -26.22 -28.50 -7.37
N SER F 212 -25.78 -29.03 -6.23
CA SER F 212 -24.36 -29.29 -5.98
C SER F 212 -24.06 -30.77 -5.75
N ASN F 213 -25.02 -31.66 -5.99
CA ASN F 213 -24.88 -33.10 -5.73
C ASN F 213 -24.50 -33.37 -4.27
N THR F 214 -24.99 -32.54 -3.36
CA THR F 214 -24.63 -32.62 -1.95
C THR F 214 -25.74 -33.30 -1.17
N LYS F 215 -25.45 -34.48 -0.60
CA LYS F 215 -26.37 -35.22 0.26
C LYS F 215 -25.67 -35.47 1.58
N VAL F 216 -26.13 -34.82 2.64
CA VAL F 216 -25.49 -34.89 3.95
C VAL F 216 -26.50 -35.42 4.97
N ASP F 217 -26.04 -36.35 5.81
CA ASP F 217 -26.80 -36.86 6.95
C ASP F 217 -25.99 -36.53 8.19
N LYS F 218 -26.36 -35.46 8.91
CA LYS F 218 -25.61 -34.98 10.05
C LYS F 218 -26.26 -35.47 11.34
N LYS F 219 -25.49 -36.21 12.14
CA LYS F 219 -25.99 -36.77 13.38
C LYS F 219 -25.97 -35.70 14.48
N VAL F 220 -27.10 -35.55 15.17
CA VAL F 220 -27.26 -34.56 16.23
C VAL F 220 -27.42 -35.29 17.55
N GLU F 221 -26.64 -34.87 18.55
CA GLU F 221 -26.69 -35.42 19.91
C GLU F 221 -26.44 -34.28 20.88
N PRO F 222 -27.19 -34.20 21.98
CA PRO F 222 -26.99 -33.11 22.94
C PRO F 222 -25.57 -33.11 23.49
N LYS F 223 -25.12 -31.92 23.92
CA LYS F 223 -23.75 -31.76 24.40
C LYS F 223 -23.55 -32.51 25.72
N SER F 224 -22.61 -33.46 25.72
CA SER F 224 -22.24 -34.17 26.94
C SER F 224 -21.50 -33.21 27.86
N CYS F 225 -22.13 -32.83 28.96
CA CYS F 225 -21.57 -31.84 29.88
C CYS F 225 -22.20 -31.96 31.26
N ASP G 1 -50.69 2.36 -18.00
CA ASP G 1 -51.06 0.98 -18.34
C ASP G 1 -52.51 0.69 -17.99
N ILE G 2 -52.75 -0.52 -17.47
CA ILE G 2 -54.04 -0.91 -16.91
C ILE G 2 -53.73 -1.69 -15.63
N GLN G 3 -53.94 -1.07 -14.48
CA GLN G 3 -53.65 -1.71 -13.20
C GLN G 3 -54.87 -2.47 -12.70
N MET G 4 -54.64 -3.73 -12.30
CA MET G 4 -55.67 -4.56 -11.68
C MET G 4 -55.30 -4.76 -10.22
N THR G 5 -56.13 -4.23 -9.31
CA THR G 5 -55.81 -4.20 -7.89
C THR G 5 -56.82 -5.03 -7.10
N GLN G 6 -56.32 -5.98 -6.32
CA GLN G 6 -57.15 -6.85 -5.50
C GLN G 6 -57.26 -6.30 -4.09
N SER G 7 -58.43 -6.51 -3.48
CA SER G 7 -58.73 -6.01 -2.16
C SER G 7 -59.79 -6.91 -1.53
N PRO G 8 -59.55 -7.45 -0.31
CA PRO G 8 -58.31 -7.23 0.44
C PRO G 8 -57.16 -8.10 -0.06
N SER G 9 -55.92 -7.76 0.32
CA SER G 9 -54.77 -8.56 -0.05
C SER G 9 -54.62 -9.80 0.83
N SER G 10 -55.30 -9.83 1.97
CA SER G 10 -55.32 -10.99 2.86
C SER G 10 -56.60 -10.95 3.67
N LEU G 11 -56.98 -12.11 4.22
CA LEU G 11 -58.08 -12.16 5.16
C LEU G 11 -57.99 -13.43 5.99
N SER G 12 -58.34 -13.31 7.27
CA SER G 12 -58.45 -14.45 8.18
C SER G 12 -59.93 -14.81 8.28
N ALA G 13 -60.32 -15.89 7.62
CA ALA G 13 -61.71 -16.28 7.49
C ALA G 13 -61.93 -17.65 8.10
N SER G 14 -62.97 -17.76 8.93
CA SER G 14 -63.32 -19.05 9.52
C SER G 14 -63.90 -19.98 8.47
N VAL G 15 -63.71 -21.29 8.69
CA VAL G 15 -64.16 -22.29 7.73
C VAL G 15 -65.67 -22.22 7.57
N GLY G 16 -66.14 -22.21 6.33
CA GLY G 16 -67.55 -22.13 6.03
C GLY G 16 -68.09 -20.73 5.82
N ASP G 17 -67.33 -19.69 6.20
CA ASP G 17 -67.80 -18.33 6.06
C ASP G 17 -67.98 -17.97 4.59
N ARG G 18 -68.58 -16.80 4.37
CA ARG G 18 -68.80 -16.28 3.03
C ARG G 18 -67.74 -15.19 2.79
N VAL G 19 -66.74 -15.53 1.97
CA VAL G 19 -65.65 -14.61 1.65
C VAL G 19 -65.95 -13.95 0.31
N THR G 20 -65.43 -12.73 0.14
CA THR G 20 -65.63 -11.98 -1.10
C THR G 20 -64.28 -11.35 -1.47
N ILE G 21 -63.69 -11.81 -2.56
CA ILE G 21 -62.45 -11.26 -3.10
C ILE G 21 -62.80 -10.32 -4.24
N THR G 22 -62.37 -9.07 -4.15
CA THR G 22 -62.61 -8.08 -5.18
C THR G 22 -61.35 -7.88 -6.02
N CYS G 23 -61.55 -7.34 -7.22
CA CYS G 23 -60.44 -7.05 -8.13
C CYS G 23 -60.87 -5.85 -8.98
N GLN G 24 -60.36 -4.67 -8.64
CA GLN G 24 -60.71 -3.45 -9.35
C GLN G 24 -59.80 -3.27 -10.56
N ALA G 25 -60.30 -2.52 -11.54
CA ALA G 25 -59.58 -2.27 -12.78
C ALA G 25 -59.33 -0.78 -12.95
N SER G 26 -58.25 -0.45 -13.66
CA SER G 26 -57.93 0.94 -13.93
C SER G 26 -58.98 1.59 -14.82
N GLU G 27 -59.52 0.85 -15.78
CA GLU G 27 -60.46 1.41 -16.75
C GLU G 27 -61.29 0.28 -17.34
N SER G 28 -62.14 0.64 -18.31
CA SER G 28 -63.10 -0.30 -18.86
C SER G 28 -62.40 -1.46 -19.58
N ILE G 29 -62.68 -2.67 -19.12
CA ILE G 29 -62.22 -3.88 -19.79
C ILE G 29 -63.45 -4.74 -20.11
N ASN G 30 -63.35 -5.54 -21.16
CA ASN G 30 -64.45 -6.43 -21.52
C ASN G 30 -64.48 -7.62 -20.56
N SER G 31 -65.65 -7.87 -19.98
CA SER G 31 -65.78 -8.86 -18.92
C SER G 31 -65.40 -10.26 -19.38
N ILE G 32 -65.47 -10.55 -20.68
CA ILE G 32 -65.19 -11.91 -21.15
C ILE G 32 -63.71 -12.23 -21.09
N TYR G 33 -62.83 -11.22 -21.01
CA TYR G 33 -61.40 -11.41 -20.90
C TYR G 33 -60.89 -11.28 -19.47
N LEU G 34 -61.77 -11.33 -18.49
CA LEU G 34 -61.40 -11.28 -17.08
C LEU G 34 -61.48 -12.68 -16.50
N ALA G 35 -60.38 -13.16 -15.95
CA ALA G 35 -60.28 -14.52 -15.44
C ALA G 35 -59.80 -14.50 -13.99
N TRP G 36 -60.08 -15.60 -13.28
CA TRP G 36 -59.71 -15.74 -11.88
C TRP G 36 -58.86 -17.01 -11.72
N TYR G 37 -57.75 -16.88 -11.01
CA TYR G 37 -56.81 -17.98 -10.82
C TYR G 37 -56.67 -18.29 -9.34
N GLN G 38 -56.35 -19.54 -9.05
CA GLN G 38 -56.03 -20.00 -7.71
C GLN G 38 -54.59 -20.50 -7.69
N GLN G 39 -53.90 -20.31 -6.57
CA GLN G 39 -52.54 -20.83 -6.42
C GLN G 39 -52.34 -21.26 -4.98
N LYS G 40 -52.24 -22.57 -4.76
CA LYS G 40 -51.76 -23.08 -3.48
C LYS G 40 -50.25 -23.02 -3.45
N PRO G 41 -49.66 -22.76 -2.27
CA PRO G 41 -48.19 -22.68 -2.18
C PRO G 41 -47.52 -23.95 -2.66
N GLY G 42 -46.29 -23.81 -3.14
CA GLY G 42 -45.53 -24.92 -3.66
C GLY G 42 -46.02 -25.49 -4.98
N LYS G 43 -47.07 -24.91 -5.57
CA LYS G 43 -47.65 -25.42 -6.80
C LYS G 43 -47.90 -24.29 -7.79
N ALA G 44 -48.00 -24.66 -9.06
CA ALA G 44 -48.31 -23.72 -10.12
C ALA G 44 -49.72 -23.16 -9.94
N PRO G 45 -50.04 -22.03 -10.59
CA PRO G 45 -51.39 -21.47 -10.49
C PRO G 45 -52.44 -22.43 -11.05
N LYS G 46 -53.69 -22.15 -10.71
CA LYS G 46 -54.82 -22.99 -11.10
C LYS G 46 -55.96 -22.10 -11.57
N LEU G 47 -56.47 -22.36 -12.77
CA LEU G 47 -57.51 -21.51 -13.34
C LEU G 47 -58.86 -21.90 -12.77
N LEU G 48 -59.64 -20.88 -12.36
CA LEU G 48 -60.98 -21.08 -11.82
C LEU G 48 -62.08 -20.52 -12.71
N ILE G 49 -61.99 -19.26 -13.10
CA ILE G 49 -63.07 -18.59 -13.81
C ILE G 49 -62.52 -18.00 -15.10
N TYR G 50 -63.37 -17.92 -16.12
CA TYR G 50 -63.12 -17.09 -17.30
C TYR G 50 -64.44 -16.47 -17.73
N ARG G 51 -64.37 -15.49 -18.63
CA ARG G 51 -65.51 -14.66 -19.01
C ARG G 51 -66.16 -14.01 -17.79
N ALA G 52 -65.43 -14.01 -16.67
CA ALA G 52 -65.80 -13.42 -15.38
C ALA G 52 -66.91 -14.21 -14.69
N SER G 53 -67.53 -15.16 -15.40
CA SER G 53 -68.63 -15.94 -14.83
C SER G 53 -68.62 -17.41 -15.20
N THR G 54 -67.72 -17.87 -16.07
CA THR G 54 -67.76 -19.25 -16.56
C THR G 54 -66.87 -20.10 -15.66
N LEU G 55 -67.50 -20.92 -14.82
CA LEU G 55 -66.76 -21.84 -13.97
C LEU G 55 -66.03 -22.86 -14.83
N ALA G 56 -64.72 -23.00 -14.62
CA ALA G 56 -63.89 -23.83 -15.48
C ALA G 56 -64.15 -25.31 -15.22
N SER G 57 -63.43 -26.15 -15.94
CA SER G 57 -63.59 -27.59 -15.82
C SER G 57 -63.16 -28.08 -14.43
N GLY G 58 -63.90 -29.05 -13.91
CA GLY G 58 -63.56 -29.67 -12.64
C GLY G 58 -63.55 -28.73 -11.45
N VAL G 59 -64.17 -27.57 -11.59
CA VAL G 59 -64.19 -26.56 -10.53
C VAL G 59 -65.40 -26.78 -9.64
N PRO G 60 -65.24 -26.74 -8.31
CA PRO G 60 -66.40 -26.83 -7.42
C PRO G 60 -67.40 -25.71 -7.68
N SER G 61 -68.69 -26.06 -7.68
CA SER G 61 -69.75 -25.08 -7.93
C SER G 61 -69.95 -24.10 -6.78
N ARG G 62 -69.21 -24.25 -5.67
CA ARG G 62 -69.30 -23.29 -4.57
C ARG G 62 -68.71 -21.94 -4.95
N PHE G 63 -67.94 -21.87 -6.04
CA PHE G 63 -67.34 -20.64 -6.51
C PHE G 63 -68.28 -19.95 -7.51
N SER G 64 -68.26 -18.61 -7.47
CA SER G 64 -69.17 -17.82 -8.29
C SER G 64 -68.53 -16.46 -8.55
N GLY G 65 -68.13 -16.22 -9.79
CA GLY G 65 -67.54 -14.95 -10.18
C GLY G 65 -68.58 -14.05 -10.82
N SER G 66 -68.56 -12.78 -10.42
CA SER G 66 -69.54 -11.80 -10.87
C SER G 66 -68.83 -10.52 -11.25
N GLY G 67 -69.60 -9.53 -11.67
CA GLY G 67 -69.07 -8.22 -11.96
C GLY G 67 -69.01 -7.92 -13.46
N SER G 68 -68.85 -6.64 -13.76
CA SER G 68 -68.80 -6.15 -15.13
C SER G 68 -68.15 -4.79 -15.13
N GLY G 69 -67.64 -4.38 -16.29
CA GLY G 69 -66.98 -3.09 -16.38
C GLY G 69 -65.67 -3.03 -15.63
N THR G 70 -65.66 -2.34 -14.49
CA THR G 70 -64.43 -2.09 -13.74
C THR G 70 -64.26 -2.96 -12.51
N ASP G 71 -65.35 -3.49 -11.95
CA ASP G 71 -65.29 -4.23 -10.68
C ASP G 71 -65.69 -5.69 -10.90
N PHE G 72 -65.02 -6.59 -10.18
CA PHE G 72 -65.27 -8.02 -10.28
C PHE G 72 -65.12 -8.64 -8.90
N THR G 73 -65.88 -9.70 -8.63
CA THR G 73 -65.86 -10.35 -7.34
C THR G 73 -65.66 -11.85 -7.52
N LEU G 74 -65.04 -12.47 -6.51
CA LEU G 74 -64.96 -13.92 -6.39
C LEU G 74 -65.52 -14.29 -5.02
N THR G 75 -66.36 -15.33 -4.99
CA THR G 75 -67.08 -15.71 -3.78
C THR G 75 -67.00 -17.22 -3.57
N ILE G 76 -66.81 -17.62 -2.31
CA ILE G 76 -66.88 -19.01 -1.89
C ILE G 76 -68.01 -19.10 -0.89
N SER G 77 -69.15 -19.64 -1.33
CA SER G 77 -70.36 -19.64 -0.50
C SER G 77 -70.19 -20.52 0.74
N SER G 78 -69.55 -21.67 0.60
CA SER G 78 -69.23 -22.56 1.71
C SER G 78 -67.72 -22.77 1.71
N LEU G 79 -67.01 -21.88 2.40
CA LEU G 79 -65.55 -21.90 2.38
C LEU G 79 -65.03 -23.22 2.91
N GLN G 80 -64.38 -23.98 2.05
CA GLN G 80 -63.89 -25.29 2.44
C GLN G 80 -62.44 -25.20 2.91
N PRO G 81 -61.99 -26.14 3.76
CA PRO G 81 -60.57 -26.15 4.15
C PRO G 81 -59.62 -26.36 2.99
N GLU G 82 -60.01 -27.15 1.98
CA GLU G 82 -59.19 -27.35 0.79
C GLU G 82 -59.19 -26.14 -0.14
N ASP G 83 -59.82 -25.03 0.27
CA ASP G 83 -59.90 -23.82 -0.53
C ASP G 83 -59.05 -22.68 0.03
N PHE G 84 -58.07 -22.99 0.89
CA PHE G 84 -57.23 -21.97 1.51
C PHE G 84 -55.96 -21.80 0.68
N ALA G 85 -55.90 -20.71 -0.07
CA ALA G 85 -54.77 -20.41 -0.95
C ALA G 85 -54.83 -18.93 -1.32
N THR G 86 -54.01 -18.53 -2.28
CA THR G 86 -54.01 -17.18 -2.82
C THR G 86 -54.69 -17.19 -4.19
N TYR G 87 -55.45 -16.13 -4.48
CA TYR G 87 -56.22 -16.04 -5.71
C TYR G 87 -55.85 -14.76 -6.45
N TYR G 88 -55.61 -14.88 -7.76
CA TYR G 88 -55.27 -13.75 -8.60
C TYR G 88 -56.39 -13.50 -9.60
N CYS G 89 -56.55 -12.24 -9.99
CA CYS G 89 -57.38 -11.88 -11.14
C CYS G 89 -56.48 -11.44 -12.27
N GLN G 90 -56.78 -11.89 -13.48
CA GLN G 90 -55.96 -11.56 -14.65
C GLN G 90 -56.86 -11.17 -15.81
N GLN G 91 -56.44 -10.16 -16.56
CA GLN G 91 -57.18 -9.69 -17.72
C GLN G 91 -56.37 -9.94 -18.99
N SER G 92 -57.09 -10.14 -20.10
CA SER G 92 -56.49 -10.33 -21.42
C SER G 92 -57.12 -9.39 -22.45
N TYR G 93 -57.66 -8.27 -22.00
CA TYR G 93 -58.35 -7.33 -22.90
C TYR G 93 -57.35 -6.47 -23.67
N ASP G 94 -56.56 -5.67 -22.97
CA ASP G 94 -55.60 -4.75 -23.57
C ASP G 94 -54.19 -5.15 -23.17
N TRP G 95 -53.29 -5.20 -24.14
CA TRP G 95 -51.87 -5.45 -23.91
C TRP G 95 -51.07 -4.32 -24.57
N GLY G 96 -49.77 -4.32 -24.34
CA GLY G 96 -48.94 -3.26 -24.84
C GLY G 96 -48.98 -2.08 -23.89
N ASP G 97 -47.83 -1.65 -23.39
CA ASP G 97 -47.74 -0.68 -22.30
C ASP G 97 -48.63 -1.11 -21.13
N VAL G 98 -48.34 -2.31 -20.60
CA VAL G 98 -48.94 -2.82 -19.38
C VAL G 98 -47.85 -3.48 -18.55
N GLU G 99 -47.69 -3.04 -17.30
CA GLU G 99 -46.67 -3.63 -16.44
C GLU G 99 -47.04 -5.05 -16.05
N ASN G 100 -48.26 -5.24 -15.53
CA ASN G 100 -48.69 -6.57 -15.14
C ASN G 100 -50.18 -6.72 -15.43
N THR G 101 -50.57 -7.87 -15.97
CA THR G 101 -51.97 -8.20 -16.20
C THR G 101 -52.63 -8.77 -14.94
N PHE G 102 -51.87 -9.46 -14.10
CA PHE G 102 -52.41 -10.06 -12.90
C PHE G 102 -52.72 -8.99 -11.85
N GLY G 103 -53.46 -9.40 -10.81
CA GLY G 103 -53.71 -8.55 -9.67
C GLY G 103 -52.66 -8.74 -8.59
N GLY G 104 -52.75 -7.90 -7.55
CA GLY G 104 -51.79 -7.98 -6.46
C GLY G 104 -51.79 -9.33 -5.77
N GLY G 105 -52.91 -10.04 -5.79
CA GLY G 105 -53.02 -11.31 -5.11
C GLY G 105 -53.73 -11.20 -3.78
N THR G 106 -54.64 -12.15 -3.50
CA THR G 106 -55.37 -12.18 -2.24
C THR G 106 -55.13 -13.55 -1.62
N LYS G 107 -54.34 -13.59 -0.55
CA LYS G 107 -54.05 -14.82 0.16
C LYS G 107 -55.08 -14.99 1.27
N VAL G 108 -55.81 -16.11 1.24
CA VAL G 108 -56.86 -16.38 2.20
C VAL G 108 -56.24 -17.15 3.37
N GLU G 109 -56.19 -16.51 4.54
CA GLU G 109 -55.72 -17.15 5.76
C GLU G 109 -56.90 -17.73 6.51
N ILE G 110 -56.72 -18.91 7.09
CA ILE G 110 -57.78 -19.56 7.87
C ILE G 110 -57.71 -19.03 9.30
N LYS G 111 -58.87 -18.70 9.84
CA LYS G 111 -58.99 -18.16 11.23
C LYS G 111 -58.87 -19.32 12.22
N ARG G 112 -58.08 -19.15 13.26
CA ARG G 112 -57.88 -20.17 14.29
C ARG G 112 -57.90 -19.50 15.65
N THR G 113 -58.13 -20.30 16.68
CA THR G 113 -58.05 -19.82 18.05
C THR G 113 -56.64 -19.31 18.35
N VAL G 114 -56.54 -18.38 19.30
CA VAL G 114 -55.24 -17.82 19.67
C VAL G 114 -54.39 -18.88 20.35
N ALA G 115 -53.12 -18.97 19.94
CA ALA G 115 -52.16 -19.92 20.51
C ALA G 115 -50.87 -19.19 20.80
N ALA G 116 -50.44 -19.21 22.07
CA ALA G 116 -49.16 -18.65 22.44
C ALA G 116 -48.03 -19.55 21.89
N PRO G 117 -46.84 -18.99 21.68
CA PRO G 117 -45.76 -19.79 21.10
C PRO G 117 -45.01 -20.61 22.13
N SER G 118 -44.42 -21.71 21.64
CA SER G 118 -43.50 -22.52 22.43
C SER G 118 -42.07 -22.08 22.07
N VAL G 119 -41.44 -21.35 23.00
CA VAL G 119 -40.17 -20.67 22.72
C VAL G 119 -39.00 -21.59 23.03
N PHE G 120 -38.04 -21.67 22.11
CA PHE G 120 -36.84 -22.48 22.28
C PHE G 120 -35.64 -21.72 21.72
N ILE G 121 -34.45 -22.17 22.06
CA ILE G 121 -33.22 -21.48 21.65
C ILE G 121 -32.07 -22.48 21.67
N PHE G 122 -31.16 -22.35 20.69
CA PHE G 122 -30.04 -23.26 20.53
C PHE G 122 -28.74 -22.46 20.44
N PRO G 123 -27.76 -22.74 21.29
CA PRO G 123 -26.44 -22.11 21.14
C PRO G 123 -25.75 -22.59 19.89
N PRO G 124 -24.75 -21.86 19.38
CA PRO G 124 -24.04 -22.31 18.18
C PRO G 124 -23.26 -23.59 18.43
N SER G 125 -23.16 -24.42 17.40
CA SER G 125 -22.47 -25.70 17.51
C SER G 125 -20.96 -25.48 17.67
N ASP G 126 -20.27 -26.56 18.04
CA ASP G 126 -18.81 -26.50 18.17
C ASP G 126 -18.15 -26.43 16.79
N GLU G 127 -18.58 -27.30 15.86
CA GLU G 127 -17.94 -27.40 14.56
C GLU G 127 -18.12 -26.12 13.74
N GLN G 128 -19.25 -25.42 13.92
CA GLN G 128 -19.47 -24.18 13.19
C GLN G 128 -18.49 -23.10 13.62
N LEU G 129 -18.25 -22.98 14.94
CA LEU G 129 -17.33 -21.97 15.44
C LEU G 129 -15.92 -22.14 14.91
N LYS G 130 -15.56 -23.35 14.46
CA LYS G 130 -14.26 -23.57 13.85
C LYS G 130 -14.05 -22.70 12.60
N SER G 131 -15.14 -22.24 11.98
CA SER G 131 -15.07 -21.47 10.74
C SER G 131 -15.05 -19.97 10.97
N GLY G 132 -15.13 -19.51 12.21
CA GLY G 132 -15.09 -18.10 12.51
C GLY G 132 -16.41 -17.38 12.59
N THR G 133 -17.54 -18.10 12.55
CA THR G 133 -18.86 -17.51 12.65
C THR G 133 -19.72 -18.34 13.59
N ALA G 134 -20.67 -17.67 14.24
CA ALA G 134 -21.57 -18.30 15.20
C ALA G 134 -23.02 -17.96 14.84
N SER G 135 -23.85 -18.99 14.71
CA SER G 135 -25.28 -18.82 14.47
C SER G 135 -26.04 -19.18 15.73
N VAL G 136 -26.80 -18.22 16.27
CA VAL G 136 -27.65 -18.44 17.42
C VAL G 136 -29.09 -18.42 16.92
N VAL G 137 -29.83 -19.50 17.20
CA VAL G 137 -31.19 -19.67 16.71
C VAL G 137 -32.16 -19.61 17.89
N CYS G 138 -33.26 -18.90 17.70
CA CYS G 138 -34.38 -18.89 18.63
C CYS G 138 -35.60 -19.41 17.89
N LEU G 139 -36.23 -20.44 18.45
CA LEU G 139 -37.37 -21.10 17.82
C LEU G 139 -38.67 -20.66 18.47
N LEU G 140 -39.65 -20.31 17.64
CA LEU G 140 -41.02 -20.07 18.06
C LEU G 140 -41.91 -21.08 17.33
N ASN G 141 -42.60 -21.93 18.09
CA ASN G 141 -43.28 -23.09 17.54
C ASN G 141 -44.77 -23.06 17.87
N ASN G 142 -45.60 -23.25 16.85
CA ASN G 142 -47.04 -23.52 16.99
C ASN G 142 -47.75 -22.37 17.72
N PHE G 143 -47.78 -21.22 17.06
CA PHE G 143 -48.48 -20.06 17.59
C PHE G 143 -49.41 -19.48 16.53
N TYR G 144 -50.34 -18.65 17.00
CA TYR G 144 -51.33 -17.95 16.19
C TYR G 144 -51.63 -16.63 16.88
N PRO G 145 -51.75 -15.52 16.14
CA PRO G 145 -51.54 -15.45 14.68
C PRO G 145 -50.08 -15.31 14.27
N ARG G 146 -49.86 -14.83 13.04
CA ARG G 146 -48.50 -14.60 12.55
C ARG G 146 -47.76 -13.56 13.37
N GLU G 147 -48.48 -12.55 13.88
CA GLU G 147 -47.85 -11.42 14.56
C GLU G 147 -46.99 -11.88 15.73
N ALA G 148 -45.76 -11.38 15.76
CA ALA G 148 -44.80 -11.75 16.79
C ALA G 148 -43.72 -10.68 16.88
N LYS G 149 -42.99 -10.70 17.99
CA LYS G 149 -41.86 -9.78 18.20
C LYS G 149 -40.75 -10.55 18.87
N VAL G 150 -39.66 -10.81 18.14
CA VAL G 150 -38.48 -11.47 18.67
C VAL G 150 -37.40 -10.43 18.89
N GLN G 151 -36.83 -10.40 20.09
CA GLN G 151 -35.74 -9.50 20.44
C GLN G 151 -34.58 -10.31 20.99
N TRP G 152 -33.38 -10.02 20.52
CA TRP G 152 -32.17 -10.66 21.00
C TRP G 152 -31.47 -9.75 21.99
N LYS G 153 -31.01 -10.33 23.11
CA LYS G 153 -30.35 -9.57 24.16
C LYS G 153 -29.05 -10.25 24.53
N VAL G 154 -27.93 -9.57 24.28
CA VAL G 154 -26.60 -10.09 24.53
C VAL G 154 -26.04 -9.34 25.74
N ASP G 155 -25.91 -10.04 26.87
CA ASP G 155 -25.58 -9.41 28.15
C ASP G 155 -26.59 -8.31 28.48
N ASN G 156 -27.86 -8.60 28.22
CA ASN G 156 -28.99 -7.68 28.35
C ASN G 156 -28.89 -6.48 27.42
N ALA G 157 -28.00 -6.52 26.43
CA ALA G 157 -27.92 -5.46 25.42
C ALA G 157 -28.80 -5.83 24.24
N LEU G 158 -29.80 -5.00 23.97
CA LEU G 158 -30.74 -5.28 22.89
C LEU G 158 -30.03 -5.16 21.54
N GLN G 159 -30.05 -6.24 20.77
CA GLN G 159 -29.39 -6.29 19.48
C GLN G 159 -30.32 -5.76 18.38
N SER G 160 -29.71 -5.35 17.27
CA SER G 160 -30.46 -4.88 16.11
C SER G 160 -29.56 -4.90 14.89
N GLY G 161 -30.09 -5.41 13.77
CA GLY G 161 -29.39 -5.39 12.51
C GLY G 161 -28.45 -6.56 12.25
N ASN G 162 -28.48 -7.60 13.10
CA ASN G 162 -27.64 -8.76 12.92
C ASN G 162 -28.45 -10.06 12.94
N SER G 163 -29.76 -9.96 12.71
CA SER G 163 -30.64 -11.11 12.80
C SER G 163 -31.67 -11.05 11.67
N GLN G 164 -32.28 -12.20 11.40
CA GLN G 164 -33.34 -12.35 10.41
C GLN G 164 -34.41 -13.26 10.98
N GLU G 165 -35.64 -13.07 10.49
CA GLU G 165 -36.77 -13.91 10.89
C GLU G 165 -37.29 -14.67 9.68
N SER G 166 -37.76 -15.89 9.93
CA SER G 166 -38.36 -16.73 8.89
C SER G 166 -39.64 -17.35 9.45
N VAL G 167 -40.68 -17.41 8.63
CA VAL G 167 -41.99 -17.91 9.05
C VAL G 167 -42.44 -18.98 8.07
N THR G 168 -42.83 -20.14 8.61
CA THR G 168 -43.38 -21.23 7.81
C THR G 168 -44.83 -20.92 7.42
N GLU G 169 -45.37 -21.75 6.53
CA GLU G 169 -46.79 -21.66 6.20
C GLU G 169 -47.63 -22.28 7.31
N GLN G 170 -48.89 -21.84 7.36
CA GLN G 170 -49.82 -22.33 8.36
C GLN G 170 -50.02 -23.83 8.19
N ASP G 171 -49.67 -24.60 9.23
CA ASP G 171 -49.77 -26.06 9.15
C ASP G 171 -51.24 -26.48 8.97
N SER G 172 -51.49 -27.33 7.99
CA SER G 172 -52.86 -27.80 7.77
C SER G 172 -53.32 -28.78 8.86
N LYS G 173 -52.45 -29.16 9.78
CA LYS G 173 -52.81 -30.05 10.88
C LYS G 173 -53.45 -29.28 12.03
N ASP G 174 -52.74 -28.27 12.57
CA ASP G 174 -53.20 -27.49 13.71
C ASP G 174 -53.34 -26.00 13.40
N SER G 175 -53.21 -25.60 12.13
CA SER G 175 -53.43 -24.22 11.69
C SER G 175 -52.52 -23.22 12.41
N THR G 176 -51.29 -23.63 12.71
CA THR G 176 -50.34 -22.79 13.44
C THR G 176 -49.28 -22.22 12.53
N TYR G 177 -48.74 -21.06 12.93
CA TYR G 177 -47.53 -20.51 12.35
C TYR G 177 -46.34 -20.87 13.23
N SER G 178 -45.16 -20.95 12.62
CA SER G 178 -43.93 -21.15 13.36
C SER G 178 -42.87 -20.19 12.82
N LEU G 179 -42.00 -19.71 13.72
CA LEU G 179 -40.98 -18.73 13.37
C LEU G 179 -39.64 -19.14 13.95
N SER G 180 -38.58 -18.94 13.19
CA SER G 180 -37.21 -19.14 13.65
C SER G 180 -36.44 -17.84 13.44
N SER G 181 -36.00 -17.23 14.53
CA SER G 181 -35.14 -16.06 14.46
C SER G 181 -33.70 -16.51 14.62
N THR G 182 -32.82 -16.05 13.73
CA THR G 182 -31.42 -16.46 13.72
C THR G 182 -30.55 -15.23 13.96
N LEU G 183 -29.70 -15.31 14.98
CA LEU G 183 -28.76 -14.23 15.31
C LEU G 183 -27.38 -14.61 14.79
N THR G 184 -26.84 -13.80 13.89
CA THR G 184 -25.55 -14.07 13.25
C THR G 184 -24.50 -13.19 13.90
N LEU G 185 -23.54 -13.81 14.58
CA LEU G 185 -22.47 -13.12 15.27
C LEU G 185 -21.12 -13.70 14.86
N SER G 186 -20.11 -12.85 14.83
CA SER G 186 -18.75 -13.31 14.60
C SER G 186 -18.25 -14.11 15.80
N LYS G 187 -17.28 -14.98 15.54
CA LYS G 187 -16.78 -15.86 16.59
C LYS G 187 -16.16 -15.06 17.73
N ALA G 188 -15.28 -14.10 17.40
CA ALA G 188 -14.63 -13.31 18.44
C ALA G 188 -15.64 -12.54 19.28
N ASP G 189 -16.66 -11.97 18.64
CA ASP G 189 -17.72 -11.28 19.38
C ASP G 189 -18.66 -12.25 20.08
N TYR G 190 -18.65 -13.53 19.70
CA TYR G 190 -19.41 -14.53 20.45
C TYR G 190 -18.69 -14.92 21.73
N GLU G 191 -17.35 -15.04 21.67
CA GLU G 191 -16.57 -15.32 22.87
C GLU G 191 -16.45 -14.12 23.79
N LYS G 192 -16.75 -12.92 23.29
CA LYS G 192 -16.63 -11.69 24.06
C LYS G 192 -17.81 -11.44 24.99
N HIS G 193 -18.83 -12.31 24.97
CA HIS G 193 -20.01 -12.12 25.80
C HIS G 193 -20.47 -13.46 26.36
N LYS G 194 -21.35 -13.39 27.37
CA LYS G 194 -21.60 -14.54 28.24
C LYS G 194 -23.04 -15.03 28.21
N VAL G 195 -24.02 -14.14 28.31
CA VAL G 195 -25.43 -14.53 28.43
C VAL G 195 -26.18 -14.05 27.19
N TYR G 196 -26.93 -14.96 26.56
CA TYR G 196 -27.66 -14.68 25.33
C TYR G 196 -29.14 -14.93 25.57
N ALA G 197 -29.97 -13.90 25.38
CA ALA G 197 -31.39 -13.95 25.69
C ALA G 197 -32.21 -13.69 24.44
N CYS G 198 -33.34 -14.40 24.31
CA CYS G 198 -34.30 -14.23 23.23
C CYS G 198 -35.66 -13.93 23.86
N GLU G 199 -36.06 -12.66 23.85
CA GLU G 199 -37.31 -12.23 24.48
C GLU G 199 -38.40 -12.19 23.42
N VAL G 200 -39.40 -13.06 23.57
CA VAL G 200 -40.49 -13.20 22.61
C VAL G 200 -41.71 -12.45 23.13
N THR G 201 -42.25 -11.55 22.30
CA THR G 201 -43.49 -10.85 22.59
C THR G 201 -44.59 -11.37 21.68
N HIS G 202 -45.78 -11.54 22.23
CA HIS G 202 -46.91 -12.03 21.46
C HIS G 202 -48.20 -11.55 22.13
N GLN G 203 -49.29 -11.62 21.37
CA GLN G 203 -50.61 -11.38 21.94
C GLN G 203 -50.96 -12.41 23.01
N GLY G 204 -50.58 -13.67 22.78
CA GLY G 204 -50.85 -14.78 23.67
C GLY G 204 -49.95 -14.91 24.87
N LEU G 205 -49.08 -13.94 25.12
CA LEU G 205 -48.20 -13.98 26.29
C LEU G 205 -48.53 -12.80 27.19
N SER G 206 -48.96 -13.10 28.41
CA SER G 206 -49.16 -12.04 29.40
C SER G 206 -47.86 -11.32 29.71
N SER G 207 -46.77 -12.06 29.81
CA SER G 207 -45.42 -11.55 29.99
C SER G 207 -44.53 -12.04 28.86
N PRO G 208 -43.55 -11.23 28.43
CA PRO G 208 -42.64 -11.69 27.38
C PRO G 208 -41.83 -12.89 27.83
N VAL G 209 -41.91 -13.97 27.05
CA VAL G 209 -41.12 -15.18 27.34
C VAL G 209 -39.66 -14.87 27.02
N THR G 210 -38.84 -14.72 28.06
CA THR G 210 -37.41 -14.48 27.89
C THR G 210 -36.70 -15.80 28.21
N LYS G 211 -36.48 -16.61 27.18
CA LYS G 211 -35.68 -17.81 27.28
C LYS G 211 -34.24 -17.45 26.94
N SER G 212 -33.30 -18.05 27.65
CA SER G 212 -31.90 -17.66 27.52
C SER G 212 -31.00 -18.82 27.92
N PHE G 213 -29.70 -18.61 27.71
CA PHE G 213 -28.67 -19.54 28.15
C PHE G 213 -27.40 -18.75 28.46
N ASN G 214 -26.47 -19.41 29.14
CA ASN G 214 -25.17 -18.82 29.48
C ASN G 214 -24.10 -19.51 28.66
N ARG G 215 -23.18 -18.73 28.09
CA ARG G 215 -22.17 -19.27 27.19
C ARG G 215 -21.24 -20.21 27.94
N GLY G 216 -20.80 -21.27 27.25
CA GLY G 216 -19.88 -22.22 27.81
C GLY G 216 -20.56 -23.35 28.57
N GLU G 217 -21.05 -23.03 29.78
CA GLU G 217 -21.61 -24.07 30.63
C GLU G 217 -22.94 -24.58 30.08
N CYS G 218 -23.25 -25.82 30.43
CA CYS G 218 -24.53 -26.43 30.10
C CYS G 218 -25.50 -26.25 31.27
N GLU H 1 -5.05 -5.91 18.01
CA GLU H 1 -4.11 -6.20 16.94
C GLU H 1 -3.42 -7.55 17.13
N VAL H 2 -2.96 -8.14 16.04
CA VAL H 2 -2.25 -9.41 16.12
C VAL H 2 -0.81 -9.17 16.54
N GLN H 3 -0.20 -10.20 17.12
CA GLN H 3 1.15 -10.09 17.66
C GLN H 3 1.82 -11.46 17.57
N LEU H 4 3.07 -11.47 17.10
CA LEU H 4 3.85 -12.71 16.99
C LEU H 4 4.97 -12.65 18.03
N LEU H 5 4.90 -13.53 19.01
CA LEU H 5 5.89 -13.61 20.08
C LEU H 5 6.72 -14.88 19.91
N GLU H 6 8.04 -14.74 19.98
CA GLU H 6 8.97 -15.83 19.75
C GLU H 6 9.67 -16.22 21.04
N SER H 7 10.09 -17.49 21.10
CA SER H 7 10.82 -18.01 22.25
C SER H 7 11.55 -19.28 21.83
N GLY H 8 12.20 -19.91 22.81
CA GLY H 8 12.96 -21.13 22.56
C GLY H 8 14.41 -20.93 22.18
N GLY H 9 14.85 -19.68 22.02
CA GLY H 9 16.21 -19.42 21.59
C GLY H 9 17.20 -19.36 22.74
N GLY H 10 18.48 -19.47 22.39
CA GLY H 10 19.56 -19.41 23.37
C GLY H 10 20.76 -20.20 22.89
N LEU H 11 21.57 -20.65 23.85
CA LEU H 11 22.77 -21.43 23.54
C LEU H 11 22.41 -22.90 23.38
N VAL H 12 23.04 -23.54 22.40
CA VAL H 12 22.86 -24.97 22.17
C VAL H 12 24.13 -25.52 21.56
N GLN H 13 24.47 -26.76 21.93
CA GLN H 13 25.74 -27.35 21.54
C GLN H 13 25.67 -27.87 20.10
N PRO H 14 26.78 -27.82 19.37
CA PRO H 14 26.80 -28.39 18.03
C PRO H 14 26.36 -29.84 18.02
N GLY H 15 25.58 -30.21 17.01
CA GLY H 15 25.00 -31.53 16.93
C GLY H 15 23.73 -31.73 17.73
N GLY H 16 23.28 -30.71 18.46
CA GLY H 16 22.10 -30.81 19.30
C GLY H 16 20.80 -30.52 18.58
N SER H 17 19.75 -30.28 19.37
CA SER H 17 18.42 -29.97 18.84
C SER H 17 17.80 -28.84 19.63
N LEU H 18 16.90 -28.11 18.96
CA LEU H 18 16.28 -26.94 19.56
C LEU H 18 14.91 -26.72 18.94
N ARG H 19 14.01 -26.09 19.71
CA ARG H 19 12.66 -25.79 19.25
C ARG H 19 12.32 -24.34 19.57
N LEU H 20 12.08 -23.55 18.53
CA LEU H 20 11.54 -22.21 18.69
C LEU H 20 10.02 -22.26 18.72
N SER H 21 9.42 -21.33 19.47
CA SER H 21 7.98 -21.17 19.50
C SER H 21 7.62 -19.80 18.95
N CYS H 22 6.49 -19.75 18.25
CA CYS H 22 5.89 -18.50 17.77
C CYS H 22 4.44 -18.53 18.26
N ALA H 23 4.16 -17.80 19.32
CA ALA H 23 2.81 -17.71 19.87
C ALA H 23 2.12 -16.50 19.28
N ALA H 24 1.09 -16.74 18.46
CA ALA H 24 0.32 -15.67 17.83
C ALA H 24 -0.67 -15.11 18.85
N SER H 25 -0.33 -13.96 19.43
CA SER H 25 -1.18 -13.31 20.41
C SER H 25 -2.35 -12.63 19.71
N GLY H 26 -3.57 -12.96 20.11
CA GLY H 26 -4.74 -12.38 19.48
C GLY H 26 -4.82 -12.75 18.00
N ILE H 27 -5.83 -12.16 17.35
CA ILE H 27 -6.02 -12.34 15.91
C ILE H 27 -6.99 -11.26 15.43
N ASP H 28 -6.92 -10.96 14.14
CA ASP H 28 -7.89 -10.16 13.40
C ASP H 28 -8.49 -11.04 12.32
N PHE H 29 -9.24 -10.43 11.39
CA PHE H 29 -9.75 -11.21 10.27
C PHE H 29 -8.56 -11.70 9.43
N SER H 30 -8.20 -12.97 9.54
CA SER H 30 -7.34 -13.54 8.51
C SER H 30 -7.96 -14.79 7.93
N ASN H 31 -8.14 -15.80 8.79
CA ASN H 31 -8.79 -17.08 8.49
C ASN H 31 -8.03 -17.88 7.43
N HIS H 32 -7.03 -17.26 6.80
CA HIS H 32 -6.26 -17.88 5.72
C HIS H 32 -4.92 -17.16 5.67
N TYR H 33 -3.89 -17.78 6.26
CA TYR H 33 -2.59 -17.13 6.35
C TYR H 33 -1.52 -18.19 6.49
N TYR H 34 -0.30 -17.80 6.18
CA TYR H 34 0.89 -18.61 6.42
C TYR H 34 1.65 -18.09 7.63
N MET H 35 2.44 -18.98 8.21
CA MET H 35 3.44 -18.60 9.21
C MET H 35 4.79 -19.01 8.67
N TYR H 36 5.67 -18.03 8.45
CA TYR H 36 6.99 -18.28 7.90
C TYR H 36 8.03 -18.32 9.02
N TRP H 37 9.09 -19.10 8.79
CA TRP H 37 10.30 -19.04 9.61
C TRP H 37 11.43 -18.52 8.74
N VAL H 38 12.02 -17.40 9.15
CA VAL H 38 13.11 -16.75 8.42
C VAL H 38 14.25 -16.48 9.38
N ARG H 39 15.48 -16.71 8.93
CA ARG H 39 16.66 -16.47 9.74
C ARG H 39 17.63 -15.57 9.01
N GLN H 40 18.48 -14.89 9.79
CA GLN H 40 19.52 -14.02 9.25
C GLN H 40 20.82 -14.37 9.98
N ALA H 41 21.73 -15.05 9.27
CA ALA H 41 23.05 -15.29 9.80
C ALA H 41 23.78 -13.97 10.02
N PRO H 42 24.79 -13.95 10.90
CA PRO H 42 25.54 -12.70 11.13
C PRO H 42 26.08 -12.06 9.85
N GLY H 43 25.58 -10.87 9.54
CA GLY H 43 26.00 -10.14 8.36
C GLY H 43 25.51 -10.70 7.03
N LYS H 44 24.90 -11.88 7.02
CA LYS H 44 24.42 -12.49 5.78
C LYS H 44 22.98 -12.07 5.50
N GLY H 45 22.43 -12.55 4.38
CA GLY H 45 21.11 -12.14 3.97
C GLY H 45 19.99 -12.91 4.65
N LEU H 46 18.76 -12.48 4.35
CA LEU H 46 17.59 -13.18 4.87
C LEU H 46 17.47 -14.55 4.23
N GLU H 47 17.25 -15.58 5.05
CA GLU H 47 17.06 -16.94 4.58
C GLU H 47 15.66 -17.41 4.96
N TRP H 48 14.90 -17.84 3.96
CA TRP H 48 13.60 -18.44 4.18
C TRP H 48 13.78 -19.92 4.54
N ILE H 49 13.20 -20.32 5.67
CA ILE H 49 13.29 -21.71 6.12
C ILE H 49 12.08 -22.51 5.64
N GLY H 50 10.89 -22.00 5.91
CA GLY H 50 9.68 -22.69 5.51
C GLY H 50 8.46 -21.99 6.08
N SER H 51 7.30 -22.45 5.61
CA SER H 51 6.02 -21.90 6.03
C SER H 51 5.11 -23.03 6.47
N ILE H 52 4.02 -22.67 7.16
CA ILE H 52 2.95 -23.60 7.48
C ILE H 52 1.63 -22.89 7.24
N PHE H 53 0.68 -23.58 6.59
CA PHE H 53 -0.59 -22.99 6.23
C PHE H 53 -1.59 -23.15 7.38
N SER H 54 -2.47 -22.15 7.51
CA SER H 54 -3.40 -22.09 8.64
C SER H 54 -4.58 -23.04 8.52
N GLY H 55 -4.84 -23.59 7.34
CA GLY H 55 -5.98 -24.47 7.14
C GLY H 55 -5.84 -25.79 7.87
N ASP H 56 -6.86 -26.64 7.70
CA ASP H 56 -6.84 -27.96 8.33
C ASP H 56 -5.83 -28.88 7.67
N SER H 57 -5.54 -28.68 6.38
CA SER H 57 -4.48 -29.44 5.74
C SER H 57 -3.14 -29.23 6.43
N ALA H 58 -2.94 -28.04 7.02
CA ALA H 58 -1.68 -27.68 7.69
C ALA H 58 -0.48 -27.96 6.79
N SER H 59 -0.61 -27.60 5.52
CA SER H 59 0.45 -27.85 4.55
C SER H 59 1.74 -27.16 4.99
N THR H 60 2.85 -27.90 4.91
CA THR H 60 4.14 -27.39 5.30
C THR H 60 5.08 -27.45 4.11
N TYR H 61 5.78 -26.34 3.88
CA TYR H 61 6.76 -26.24 2.80
C TYR H 61 8.09 -25.81 3.42
N TYR H 62 9.19 -26.24 2.79
CA TYR H 62 10.51 -26.00 3.34
C TYR H 62 11.46 -25.58 2.23
N ALA H 63 12.52 -24.90 2.62
CA ALA H 63 13.60 -24.58 1.70
C ALA H 63 14.32 -25.87 1.30
N ASP H 64 15.13 -25.75 0.24
CA ASP H 64 15.97 -26.88 -0.17
C ASP H 64 16.97 -27.24 0.92
N SER H 65 17.59 -26.24 1.55
CA SER H 65 18.59 -26.50 2.57
C SER H 65 17.97 -27.14 3.81
N ALA H 66 16.75 -26.74 4.16
CA ALA H 66 16.15 -27.05 5.45
C ALA H 66 15.42 -28.38 5.50
N LYS H 67 15.19 -29.03 4.36
CA LYS H 67 14.49 -30.31 4.35
C LYS H 67 15.29 -31.35 5.13
N GLY H 68 14.58 -32.16 5.90
CA GLY H 68 15.22 -33.18 6.74
C GLY H 68 15.66 -32.71 8.10
N ARG H 69 16.40 -31.61 8.16
CA ARG H 69 16.94 -31.10 9.46
C ARG H 69 15.88 -30.28 10.21
N PHE H 70 15.10 -29.45 9.53
CA PHE H 70 14.11 -28.60 10.18
C PHE H 70 12.71 -29.15 9.97
N THR H 71 11.85 -28.93 10.97
CA THR H 71 10.47 -29.40 10.95
C THR H 71 9.58 -28.31 11.54
N ILE H 72 8.52 -27.95 10.83
CA ILE H 72 7.55 -26.96 11.28
C ILE H 72 6.26 -27.67 11.64
N SER H 73 5.73 -27.38 12.83
CA SER H 73 4.51 -28.00 13.33
C SER H 73 3.65 -26.93 14.00
N ARG H 74 2.46 -27.33 14.43
CA ARG H 74 1.51 -26.41 15.02
C ARG H 74 0.83 -27.06 16.22
N ASP H 75 0.56 -26.26 17.25
CA ASP H 75 -0.19 -26.69 18.43
C ASP H 75 -1.36 -25.72 18.60
N ASN H 76 -2.51 -26.07 18.01
CA ASN H 76 -3.70 -25.22 18.13
C ASN H 76 -4.19 -25.18 19.58
N SER H 77 -3.92 -26.22 20.36
CA SER H 77 -4.28 -26.23 21.77
C SER H 77 -3.73 -25.02 22.50
N LYS H 78 -2.60 -24.48 22.04
CA LYS H 78 -2.04 -23.24 22.57
C LYS H 78 -1.91 -22.14 21.52
N ASN H 79 -2.32 -22.40 20.28
CA ASN H 79 -2.17 -21.46 19.16
C ASN H 79 -0.71 -21.04 18.98
N THR H 80 0.20 -22.01 19.06
CA THR H 80 1.63 -21.75 18.97
C THR H 80 2.22 -22.52 17.78
N LEU H 81 3.11 -21.87 17.05
CA LEU H 81 3.84 -22.50 15.96
C LEU H 81 5.23 -22.91 16.45
N TYR H 82 5.73 -24.03 15.93
CA TYR H 82 6.99 -24.60 16.36
C TYR H 82 7.94 -24.76 15.19
N LEU H 83 9.23 -24.56 15.47
CA LEU H 83 10.30 -24.82 14.50
C LEU H 83 11.29 -25.76 15.16
N GLN H 84 11.21 -27.04 14.82
CA GLN H 84 12.12 -28.04 15.36
C GLN H 84 13.40 -28.06 14.54
N MET H 85 14.53 -27.79 15.19
CA MET H 85 15.83 -27.75 14.56
C MET H 85 16.66 -28.92 15.09
N ASN H 86 17.15 -29.76 14.18
CA ASN H 86 17.93 -30.94 14.55
C ASN H 86 19.33 -30.85 13.94
N SER H 87 20.25 -31.60 14.54
CA SER H 87 21.63 -31.74 14.01
C SER H 87 22.26 -30.39 13.75
N LEU H 88 22.14 -29.49 14.72
CA LEU H 88 22.57 -28.11 14.54
C LEU H 88 24.08 -28.03 14.38
N ARG H 89 24.52 -27.20 13.43
CA ARG H 89 25.92 -26.90 13.20
C ARG H 89 26.17 -25.42 13.48
N ALA H 90 27.46 -25.06 13.54
CA ALA H 90 27.82 -23.69 13.90
C ALA H 90 27.24 -22.68 12.91
N GLU H 91 27.23 -23.01 11.62
CA GLU H 91 26.72 -22.13 10.59
C GLU H 91 25.20 -21.95 10.64
N ASP H 92 24.58 -22.50 11.68
CA ASP H 92 23.14 -22.38 11.88
C ASP H 92 22.85 -21.23 12.84
N THR H 93 23.91 -20.62 13.38
CA THR H 93 23.76 -19.50 14.30
C THR H 93 23.19 -18.30 13.57
N ALA H 94 22.04 -17.80 14.01
CA ALA H 94 21.35 -16.72 13.33
C ALA H 94 20.25 -16.17 14.22
N VAL H 95 19.67 -15.05 13.80
CA VAL H 95 18.45 -14.53 14.42
C VAL H 95 17.26 -15.06 13.63
N TYR H 96 16.30 -15.64 14.33
CA TYR H 96 15.16 -16.32 13.73
C TYR H 96 13.89 -15.51 13.91
N TYR H 97 13.10 -15.40 12.84
CA TYR H 97 11.85 -14.66 12.84
C TYR H 97 10.71 -15.60 12.46
N CYS H 98 9.52 -15.27 12.94
CA CYS H 98 8.29 -15.83 12.38
C CYS H 98 7.44 -14.68 11.87
N ALA H 99 6.77 -14.92 10.74
CA ALA H 99 6.00 -13.87 10.06
C ALA H 99 4.67 -14.44 9.62
N ARG H 100 3.69 -13.55 9.46
CA ARG H 100 2.36 -13.93 9.00
C ARG H 100 2.05 -13.28 7.66
N GLY H 101 1.67 -14.09 6.68
CA GLY H 101 1.19 -13.58 5.41
C GLY H 101 -0.25 -13.98 5.13
N MET H 102 -1.15 -13.00 5.08
CA MET H 102 -2.56 -13.30 4.87
C MET H 102 -2.85 -13.52 3.38
N SER H 103 -3.95 -14.26 3.13
CA SER H 103 -4.36 -14.50 1.75
C SER H 103 -4.73 -13.20 1.04
N THR H 104 -5.31 -12.24 1.76
CA THR H 104 -5.75 -10.99 1.13
C THR H 104 -4.57 -10.15 0.64
N ASN H 105 -3.40 -10.29 1.28
CA ASN H 105 -2.19 -9.64 0.82
C ASN H 105 -1.39 -10.52 -0.13
N ASP H 106 -2.01 -11.57 -0.66
CA ASP H 106 -1.34 -12.56 -1.50
C ASP H 106 -0.06 -13.08 -0.83
N TRP H 107 -0.21 -13.46 0.44
CA TRP H 107 0.80 -14.16 1.24
C TRP H 107 2.01 -13.28 1.58
N ALA H 108 1.87 -11.96 1.52
CA ALA H 108 2.97 -11.09 1.91
C ALA H 108 3.02 -10.92 3.43
N SER H 109 4.24 -10.98 3.98
CA SER H 109 4.45 -10.90 5.42
C SER H 109 4.36 -9.46 5.87
N ASP H 110 3.17 -9.06 6.35
CA ASP H 110 3.00 -7.76 6.97
C ASP H 110 3.34 -7.77 8.45
N LEU H 111 3.14 -8.92 9.13
CA LEU H 111 3.45 -9.10 10.53
C LEU H 111 4.78 -9.83 10.69
N TRP H 112 5.68 -9.25 11.50
CA TRP H 112 6.97 -9.86 11.79
C TRP H 112 7.19 -9.90 13.30
N GLY H 113 7.83 -10.97 13.77
CA GLY H 113 8.21 -11.06 15.16
C GLY H 113 9.44 -10.25 15.47
N GLN H 114 9.74 -10.13 16.76
CA GLN H 114 10.93 -9.40 17.17
C GLN H 114 12.21 -10.08 16.71
N GLY H 115 12.21 -11.41 16.65
CA GLY H 115 13.41 -12.17 16.35
C GLY H 115 14.04 -12.71 17.60
N THR H 116 14.49 -13.97 17.56
CA THR H 116 15.20 -14.58 18.67
C THR H 116 16.52 -15.15 18.17
N LEU H 117 17.53 -15.09 19.01
CA LEU H 117 18.89 -15.47 18.64
C LEU H 117 19.19 -16.89 19.11
N VAL H 118 19.69 -17.71 18.20
CA VAL H 118 20.11 -19.08 18.51
C VAL H 118 21.61 -19.15 18.24
N THR H 119 22.40 -19.30 19.30
CA THR H 119 23.86 -19.36 19.20
C THR H 119 24.29 -20.80 19.38
N VAL H 120 24.86 -21.39 18.33
CA VAL H 120 25.30 -22.78 18.33
C VAL H 120 26.79 -22.78 18.67
N SER H 121 27.11 -23.09 19.93
CA SER H 121 28.50 -23.18 20.36
C SER H 121 28.59 -24.09 21.58
N SER H 122 29.72 -24.78 21.69
CA SER H 122 30.03 -25.53 22.90
C SER H 122 30.70 -24.64 23.95
N ALA H 123 30.10 -23.47 24.18
CA ALA H 123 30.62 -22.48 25.11
C ALA H 123 29.50 -22.04 26.04
N SER H 124 29.88 -21.54 27.21
CA SER H 124 28.94 -21.22 28.27
C SER H 124 28.60 -19.74 28.28
N THR H 125 27.46 -19.42 28.91
CA THR H 125 27.15 -18.03 29.20
C THR H 125 28.21 -17.42 30.11
N LYS H 126 28.56 -16.16 29.83
CA LYS H 126 29.43 -15.38 30.69
C LYS H 126 28.90 -13.96 30.74
N GLY H 127 28.81 -13.39 31.95
CA GLY H 127 28.38 -12.02 32.12
C GLY H 127 29.52 -11.04 31.91
N PRO H 128 29.20 -9.83 31.50
CA PRO H 128 30.23 -8.86 31.14
C PRO H 128 30.77 -8.11 32.35
N SER H 129 32.01 -7.64 32.22
CA SER H 129 32.60 -6.69 33.16
C SER H 129 32.50 -5.29 32.55
N VAL H 130 32.09 -4.31 33.35
CA VAL H 130 31.84 -2.96 32.87
C VAL H 130 32.89 -2.03 33.48
N PHE H 131 33.62 -1.31 32.63
CA PHE H 131 34.67 -0.39 33.05
C PHE H 131 34.42 1.00 32.47
N PRO H 132 34.72 2.05 33.23
CA PRO H 132 34.48 3.41 32.73
C PRO H 132 35.51 3.86 31.72
N LEU H 133 35.04 4.61 30.72
CA LEU H 133 35.90 5.35 29.81
C LEU H 133 35.89 6.80 30.28
N ALA H 134 36.70 7.07 31.29
CA ALA H 134 36.67 8.37 31.94
C ALA H 134 37.15 9.46 30.99
N PRO H 135 36.48 10.61 30.97
CA PRO H 135 36.97 11.74 30.16
C PRO H 135 38.17 12.38 30.84
N SER H 136 39.28 12.47 30.11
CA SER H 136 40.45 13.14 30.69
C SER H 136 40.15 14.62 30.88
N SER H 137 40.79 15.20 31.91
CA SER H 137 40.67 16.63 32.15
C SER H 137 41.12 17.46 30.95
N LYS H 138 41.84 16.83 30.02
CA LYS H 138 42.26 17.44 28.76
C LYS H 138 41.50 16.90 27.55
N SER H 139 40.75 15.81 27.71
CA SER H 139 40.03 15.16 26.60
C SER H 139 38.99 16.05 25.95
N THR H 140 38.63 17.17 26.58
CA THR H 140 37.61 18.06 26.04
C THR H 140 38.17 18.74 24.80
N SER H 141 37.88 18.17 23.62
CA SER H 141 38.37 18.70 22.35
C SER H 141 37.64 20.01 22.08
N GLY H 142 38.07 21.04 22.79
CA GLY H 142 37.36 22.32 22.82
C GLY H 142 36.25 22.31 23.87
N GLY H 143 35.00 22.38 23.40
CA GLY H 143 33.86 22.47 24.29
C GLY H 143 33.08 21.18 24.43
N THR H 144 33.36 20.20 23.57
CA THR H 144 32.73 18.89 23.66
C THR H 144 33.65 17.89 24.37
N ALA H 145 33.06 16.99 25.13
CA ALA H 145 33.78 15.96 25.86
C ALA H 145 33.18 14.60 25.57
N ALA H 146 34.02 13.57 25.57
CA ALA H 146 33.59 12.21 25.34
C ALA H 146 33.80 11.38 26.60
N LEU H 147 32.82 10.52 26.91
CA LEU H 147 32.99 9.52 27.95
C LEU H 147 32.15 8.31 27.57
N GLY H 148 32.38 7.21 28.26
CA GLY H 148 31.63 6.02 27.92
C GLY H 148 31.89 4.86 28.87
N CYS H 149 31.44 3.69 28.43
CA CYS H 149 31.57 2.45 29.17
C CYS H 149 32.20 1.38 28.29
N LEU H 150 32.99 0.51 28.91
CA LEU H 150 33.63 -0.60 28.23
C LEU H 150 33.00 -1.89 28.76
N VAL H 151 32.21 -2.54 27.93
CA VAL H 151 31.51 -3.78 28.25
C VAL H 151 32.32 -4.92 27.65
N LYS H 152 33.09 -5.61 28.48
CA LYS H 152 34.09 -6.56 28.02
C LYS H 152 33.80 -7.98 28.52
N ASP H 153 34.15 -8.96 27.68
CA ASP H 153 34.17 -10.38 28.05
C ASP H 153 32.79 -10.89 28.46
N TYR H 154 31.85 -10.87 27.51
CA TYR H 154 30.55 -11.48 27.70
C TYR H 154 30.28 -12.51 26.61
N PHE H 155 29.27 -13.36 26.85
CA PHE H 155 28.81 -14.37 25.91
C PHE H 155 27.48 -14.90 26.41
N PRO H 156 26.50 -15.11 25.52
CA PRO H 156 26.56 -14.69 24.12
C PRO H 156 25.96 -13.31 23.93
N GLU H 157 25.67 -12.98 22.67
CA GLU H 157 24.94 -11.77 22.36
C GLU H 157 23.49 -11.91 22.80
N PRO H 158 22.79 -10.78 23.02
CA PRO H 158 23.28 -9.40 22.98
C PRO H 158 23.37 -8.71 24.34
N VAL H 159 23.98 -7.54 24.39
CA VAL H 159 23.88 -6.65 25.53
C VAL H 159 23.18 -5.38 25.07
N THR H 160 22.49 -4.74 26.00
CA THR H 160 21.82 -3.46 25.76
C THR H 160 22.38 -2.44 26.73
N VAL H 161 22.83 -1.30 26.21
CA VAL H 161 23.46 -0.25 27.00
C VAL H 161 22.65 1.02 26.83
N SER H 162 22.06 1.50 27.93
CA SER H 162 21.39 2.79 27.98
C SER H 162 22.18 3.73 28.88
N TRP H 163 21.92 5.03 28.72
CA TRP H 163 22.60 6.06 29.49
C TRP H 163 21.59 6.83 30.33
N ASN H 164 21.91 6.99 31.61
CA ASN H 164 21.04 7.67 32.56
C ASN H 164 19.61 7.15 32.46
N SER H 165 19.50 5.82 32.53
CA SER H 165 18.21 5.13 32.56
C SER H 165 17.34 5.50 31.37
N GLY H 166 17.97 5.66 30.21
CA GLY H 166 17.26 5.98 28.99
C GLY H 166 17.01 7.46 28.75
N ALA H 167 17.51 8.33 29.62
CA ALA H 167 17.29 9.76 29.46
C ALA H 167 18.36 10.46 28.63
N LEU H 168 19.50 9.80 28.38
CA LEU H 168 20.57 10.36 27.55
C LEU H 168 20.63 9.56 26.25
N THR H 169 20.23 10.18 25.16
CA THR H 169 20.24 9.58 23.83
C THR H 169 21.06 10.37 22.82
N SER H 170 21.03 11.69 22.88
CA SER H 170 21.72 12.51 21.90
C SER H 170 23.22 12.42 22.10
N GLY H 171 23.94 12.08 21.02
CA GLY H 171 25.38 11.94 21.08
C GLY H 171 25.89 10.58 21.51
N VAL H 172 24.99 9.63 21.75
CA VAL H 172 25.38 8.29 22.22
C VAL H 172 25.70 7.43 21.01
N HIS H 173 26.80 6.67 21.10
CA HIS H 173 27.16 5.71 20.06
C HIS H 173 27.56 4.41 20.72
N THR H 174 26.72 3.39 20.62
CA THR H 174 27.05 2.03 21.08
C THR H 174 27.51 1.21 19.88
N PHE H 175 28.76 0.76 19.90
CA PHE H 175 29.35 0.08 18.76
C PHE H 175 28.89 -1.38 18.69
N PRO H 176 28.88 -1.96 17.49
CA PRO H 176 28.63 -3.41 17.38
C PRO H 176 29.66 -4.19 18.17
N ALA H 177 29.24 -5.34 18.70
CA ALA H 177 30.18 -6.22 19.37
C ALA H 177 31.16 -6.81 18.37
N VAL H 178 32.44 -6.87 18.78
CA VAL H 178 33.48 -7.56 18.03
C VAL H 178 33.90 -8.77 18.85
N LEU H 179 34.02 -9.93 18.19
CA LEU H 179 34.44 -11.15 18.87
C LEU H 179 35.95 -11.14 19.08
N GLN H 180 36.37 -11.36 20.33
CA GLN H 180 37.77 -11.29 20.70
C GLN H 180 38.46 -12.63 20.43
N SER H 181 39.78 -12.63 20.55
CA SER H 181 40.57 -13.84 20.34
C SER H 181 40.18 -14.97 21.29
N SER H 182 39.60 -14.64 22.45
CA SER H 182 39.22 -15.63 23.45
C SER H 182 37.84 -16.24 23.21
N GLY H 183 37.19 -15.89 22.11
CA GLY H 183 35.82 -16.33 21.89
C GLY H 183 34.78 -15.54 22.64
N LEU H 184 35.18 -14.54 23.43
CA LEU H 184 34.28 -13.66 24.17
C LEU H 184 34.08 -12.35 23.42
N TYR H 185 33.00 -11.66 23.78
CA TYR H 185 32.60 -10.42 23.11
C TYR H 185 33.06 -9.20 23.89
N SER H 186 33.18 -8.09 23.16
CA SER H 186 33.53 -6.81 23.75
C SER H 186 32.93 -5.69 22.90
N LEU H 187 32.50 -4.62 23.56
CA LEU H 187 32.05 -3.42 22.87
C LEU H 187 32.14 -2.23 23.81
N SER H 188 32.22 -1.04 23.22
CA SER H 188 32.18 0.20 23.97
C SER H 188 30.90 0.96 23.63
N SER H 189 30.39 1.68 24.61
CA SER H 189 29.31 2.63 24.42
C SER H 189 29.83 4.01 24.85
N VAL H 190 29.80 4.98 23.94
CA VAL H 190 30.32 6.31 24.20
C VAL H 190 29.21 7.33 24.04
N VAL H 191 29.48 8.55 24.49
CA VAL H 191 28.56 9.66 24.35
C VAL H 191 29.36 10.95 24.44
N THR H 192 29.02 11.90 23.57
CA THR H 192 29.64 13.21 23.56
C THR H 192 28.76 14.18 24.34
N VAL H 193 29.38 14.95 25.24
CA VAL H 193 28.65 15.88 26.11
C VAL H 193 29.43 17.19 26.20
N PRO H 194 28.73 18.28 26.52
CA PRO H 194 29.44 19.54 26.75
C PRO H 194 30.38 19.44 27.94
N SER H 195 31.60 19.97 27.79
CA SER H 195 32.57 19.93 28.87
C SER H 195 32.02 20.58 30.13
N SER H 196 31.17 21.60 29.97
CA SER H 196 30.56 22.28 31.10
C SER H 196 29.70 21.34 31.95
N SER H 197 29.26 20.22 31.39
CA SER H 197 28.33 19.32 32.07
C SER H 197 29.01 18.36 33.03
N LEU H 198 30.34 18.24 32.97
CA LEU H 198 31.05 17.33 33.87
C LEU H 198 30.96 17.75 35.33
N GLY H 199 30.54 18.98 35.61
CA GLY H 199 30.31 19.43 36.98
C GLY H 199 28.86 19.61 37.32
N THR H 200 27.98 19.53 36.32
CA THR H 200 26.55 19.62 36.54
C THR H 200 25.84 18.27 36.45
N GLN H 201 26.20 17.45 35.48
CA GLN H 201 25.48 16.20 35.22
C GLN H 201 26.28 15.00 35.72
N THR H 202 25.55 13.97 36.12
CA THR H 202 26.12 12.67 36.43
C THR H 202 25.80 11.70 35.29
N TYR H 203 26.80 10.91 34.89
CA TYR H 203 26.69 10.01 33.75
C TYR H 203 26.83 8.56 34.23
N ILE H 204 25.75 7.81 34.13
CA ILE H 204 25.71 6.41 34.55
C ILE H 204 25.30 5.58 33.34
N CYS H 205 26.13 4.62 32.97
CA CYS H 205 25.77 3.72 31.87
C CYS H 205 25.09 2.47 32.45
N ASN H 206 23.97 2.09 31.84
CA ASN H 206 23.17 0.96 32.30
C ASN H 206 23.37 -0.19 31.33
N VAL H 207 24.02 -1.25 31.79
CA VAL H 207 24.33 -2.42 30.96
C VAL H 207 23.42 -3.56 31.39
N ASN H 208 22.81 -4.23 30.42
CA ASN H 208 21.94 -5.39 30.65
C ASN H 208 22.37 -6.50 29.71
N HIS H 209 22.74 -7.65 30.28
CA HIS H 209 23.06 -8.85 29.52
C HIS H 209 22.05 -9.90 29.97
N LYS H 210 20.94 -10.00 29.24
CA LYS H 210 19.87 -10.92 29.63
C LYS H 210 20.34 -12.37 29.76
N PRO H 211 21.15 -12.94 28.85
CA PRO H 211 21.55 -14.35 29.01
C PRO H 211 22.14 -14.69 30.36
N SER H 212 22.79 -13.74 31.03
CA SER H 212 23.42 -13.97 32.32
C SER H 212 22.71 -13.27 33.47
N ASN H 213 21.56 -12.63 33.21
CA ASN H 213 20.85 -11.84 34.22
C ASN H 213 21.74 -10.80 34.87
N THR H 214 22.71 -10.27 34.11
CA THR H 214 23.61 -9.23 34.60
C THR H 214 23.00 -7.86 34.36
N LYS H 215 23.10 -6.98 35.36
CA LYS H 215 22.53 -5.64 35.24
C LYS H 215 23.44 -4.70 36.02
N VAL H 216 24.28 -3.95 35.31
CA VAL H 216 25.31 -3.11 35.91
C VAL H 216 24.97 -1.65 35.64
N ASP H 217 25.23 -0.80 36.64
CA ASP H 217 25.10 0.66 36.54
C ASP H 217 26.44 1.28 36.92
N LYS H 218 27.29 1.52 35.93
CA LYS H 218 28.59 2.14 36.17
C LYS H 218 28.44 3.66 36.02
N LYS H 219 28.87 4.38 37.04
CA LYS H 219 28.91 5.84 37.00
C LYS H 219 30.26 6.26 36.44
N VAL H 220 30.23 7.03 35.35
CA VAL H 220 31.44 7.56 34.73
C VAL H 220 31.65 8.98 35.25
N GLU H 221 32.79 9.21 35.89
CA GLU H 221 33.14 10.52 36.40
C GLU H 221 34.57 10.85 35.97
N PRO H 222 34.86 12.12 35.66
CA PRO H 222 36.23 12.50 35.34
C PRO H 222 37.20 12.09 36.44
N LYS H 223 38.28 11.41 36.04
CA LYS H 223 39.29 10.97 36.99
C LYS H 223 39.99 12.17 37.60
N SER H 224 39.89 12.29 38.93
CA SER H 224 40.37 13.49 39.64
C SER H 224 41.89 13.53 39.63
N CYS H 225 42.45 14.51 38.91
CA CYS H 225 43.90 14.68 38.85
C CYS H 225 44.33 16.02 39.43
N ASP I 1 14.93 -24.84 -9.38
CA ASP I 1 14.34 -23.97 -8.38
C ASP I 1 13.85 -22.68 -9.00
N ILE I 2 13.82 -21.63 -8.18
CA ILE I 2 13.55 -20.27 -8.64
C ILE I 2 14.51 -19.36 -7.90
N GLN I 3 15.51 -18.85 -8.62
CA GLN I 3 16.46 -17.90 -8.04
C GLN I 3 15.93 -16.48 -8.25
N MET I 4 15.78 -15.75 -7.14
CA MET I 4 15.45 -14.33 -7.18
C MET I 4 16.74 -13.52 -7.05
N THR I 5 17.06 -12.75 -8.09
CA THR I 5 18.30 -11.99 -8.14
C THR I 5 17.98 -10.50 -8.01
N GLN I 6 18.74 -9.81 -7.17
CA GLN I 6 18.65 -8.36 -7.01
C GLN I 6 19.91 -7.70 -7.54
N SER I 7 19.77 -6.42 -7.91
CA SER I 7 20.89 -5.64 -8.40
C SER I 7 20.55 -4.18 -8.17
N PRO I 8 21.51 -3.38 -7.68
CA PRO I 8 22.84 -3.87 -7.33
C PRO I 8 22.90 -4.47 -5.93
N SER I 9 24.04 -5.05 -5.55
CA SER I 9 24.23 -5.49 -4.17
C SER I 9 24.43 -4.29 -3.25
N SER I 10 25.36 -3.40 -3.62
CA SER I 10 25.62 -2.17 -2.89
C SER I 10 25.39 -0.98 -3.80
N LEU I 11 25.01 0.15 -3.21
CA LEU I 11 24.90 1.40 -3.95
C LEU I 11 25.09 2.55 -2.99
N SER I 12 25.62 3.65 -3.51
CA SER I 12 25.86 4.88 -2.77
C SER I 12 25.06 5.98 -3.46
N ALA I 13 24.04 6.50 -2.80
CA ALA I 13 23.21 7.56 -3.35
C ALA I 13 23.04 8.70 -2.35
N SER I 14 22.93 9.92 -2.87
CA SER I 14 22.84 11.09 -2.01
C SER I 14 21.38 11.37 -1.61
N VAL I 15 21.21 12.23 -0.62
CA VAL I 15 19.86 12.57 -0.16
C VAL I 15 19.16 13.41 -1.21
N GLY I 16 17.89 13.07 -1.48
CA GLY I 16 17.15 13.66 -2.57
C GLY I 16 17.24 12.90 -3.87
N ASP I 17 18.18 11.97 -3.98
CA ASP I 17 18.31 11.15 -5.17
C ASP I 17 17.08 10.28 -5.38
N ARG I 18 16.90 9.86 -6.62
CA ARG I 18 15.83 8.93 -7.00
C ARG I 18 16.50 7.60 -7.32
N VAL I 19 16.51 6.68 -6.36
CA VAL I 19 17.19 5.41 -6.52
C VAL I 19 16.18 4.37 -6.99
N THR I 20 16.65 3.40 -7.77
CA THR I 20 15.81 2.35 -8.33
C THR I 20 16.55 1.02 -8.17
N ILE I 21 15.94 0.09 -7.44
CA ILE I 21 16.47 -1.25 -7.22
C ILE I 21 15.72 -2.21 -8.13
N THR I 22 16.43 -3.22 -8.66
CA THR I 22 15.83 -4.20 -9.55
C THR I 22 15.84 -5.58 -8.92
N CYS I 23 14.81 -6.37 -9.23
CA CYS I 23 14.69 -7.74 -8.74
C CYS I 23 14.28 -8.63 -9.89
N GLN I 24 15.15 -9.59 -10.24
CA GLN I 24 14.91 -10.50 -11.35
C GLN I 24 14.53 -11.89 -10.87
N ALA I 25 13.77 -12.59 -11.69
CA ALA I 25 13.36 -13.96 -11.42
C ALA I 25 13.87 -14.89 -12.52
N SER I 26 14.23 -16.11 -12.14
CA SER I 26 14.69 -17.10 -13.11
C SER I 26 13.56 -17.56 -14.04
N GLU I 27 12.31 -17.35 -13.66
CA GLU I 27 11.17 -17.64 -14.51
C GLU I 27 10.02 -16.71 -14.15
N SER I 28 9.12 -16.51 -15.11
CA SER I 28 8.02 -15.57 -14.91
C SER I 28 7.19 -15.97 -13.69
N ILE I 29 6.83 -14.97 -12.88
CA ILE I 29 5.96 -15.17 -11.73
C ILE I 29 4.79 -14.21 -11.86
N ASN I 30 3.69 -14.54 -11.21
CA ASN I 30 2.55 -13.64 -11.15
C ASN I 30 2.93 -12.43 -10.29
N SER I 31 2.64 -11.23 -10.81
CA SER I 31 3.04 -10.01 -10.11
C SER I 31 2.43 -9.92 -8.71
N ILE I 32 1.28 -10.56 -8.50
CA ILE I 32 0.58 -10.41 -7.22
C ILE I 32 1.33 -11.08 -6.09
N TYR I 33 2.29 -11.96 -6.40
CA TYR I 33 3.03 -12.70 -5.38
C TYR I 33 4.44 -12.16 -5.17
N LEU I 34 4.67 -10.89 -5.49
CA LEU I 34 5.98 -10.27 -5.39
C LEU I 34 5.91 -9.11 -4.40
N ALA I 35 6.77 -9.14 -3.38
CA ALA I 35 6.76 -8.14 -2.33
C ALA I 35 8.17 -7.59 -2.11
N TRP I 36 8.23 -6.43 -1.45
CA TRP I 36 9.48 -5.75 -1.13
C TRP I 36 9.60 -5.53 0.36
N TYR I 37 10.81 -5.71 0.89
CA TYR I 37 11.05 -5.61 2.32
C TYR I 37 12.22 -4.67 2.59
N GLN I 38 12.09 -3.91 3.67
CA GLN I 38 13.14 -3.07 4.20
C GLN I 38 13.63 -3.66 5.51
N GLN I 39 14.94 -3.58 5.76
CA GLN I 39 15.52 -4.09 7.01
C GLN I 39 16.63 -3.13 7.46
N LYS I 40 16.27 -2.20 8.35
CA LYS I 40 17.29 -1.38 9.00
C LYS I 40 18.16 -2.28 9.88
N PRO I 41 19.42 -1.90 10.10
CA PRO I 41 20.37 -2.84 10.74
C PRO I 41 19.92 -3.25 12.13
N GLY I 42 19.96 -4.56 12.38
CA GLY I 42 19.59 -5.11 13.68
C GLY I 42 18.10 -5.17 13.97
N LYS I 43 17.26 -4.58 13.12
CA LYS I 43 15.81 -4.60 13.32
C LYS I 43 15.18 -5.75 12.55
N ALA I 44 13.90 -5.97 12.83
CA ALA I 44 13.15 -6.97 12.08
C ALA I 44 12.82 -6.42 10.69
N PRO I 45 12.64 -7.31 9.71
CA PRO I 45 12.20 -6.85 8.39
C PRO I 45 10.84 -6.16 8.44
N LYS I 46 10.52 -5.45 7.37
CA LYS I 46 9.32 -4.63 7.30
C LYS I 46 8.74 -4.70 5.88
N LEU I 47 7.43 -4.84 5.79
CA LEU I 47 6.77 -4.89 4.49
C LEU I 47 6.66 -3.50 3.90
N LEU I 48 7.18 -3.34 2.67
CA LEU I 48 7.08 -2.09 1.91
C LEU I 48 6.02 -2.16 0.81
N ILE I 49 6.12 -3.13 -0.08
CA ILE I 49 5.23 -3.26 -1.22
C ILE I 49 4.74 -4.70 -1.27
N TYR I 50 3.49 -4.89 -1.68
CA TYR I 50 2.99 -6.21 -2.04
C TYR I 50 2.22 -6.09 -3.34
N ARG I 51 2.04 -7.23 -4.01
CA ARG I 51 1.52 -7.29 -5.38
C ARG I 51 2.37 -6.50 -6.36
N ALA I 52 3.63 -6.29 -5.98
CA ALA I 52 4.68 -5.66 -6.78
C ALA I 52 4.49 -4.16 -6.94
N SER I 53 3.31 -3.63 -6.60
CA SER I 53 3.05 -2.20 -6.78
C SER I 53 2.27 -1.53 -5.66
N THR I 54 1.78 -2.26 -4.65
CA THR I 54 0.85 -1.71 -3.67
C THR I 54 1.60 -1.30 -2.40
N LEU I 55 1.53 -0.02 -2.08
CA LEU I 55 2.10 0.49 -0.84
C LEU I 55 1.38 -0.10 0.36
N ALA I 56 2.14 -0.41 1.42
CA ALA I 56 1.59 -1.01 2.62
C ALA I 56 1.34 0.04 3.68
N SER I 57 0.59 -0.34 4.71
CA SER I 57 0.17 0.60 5.74
C SER I 57 1.38 1.19 6.45
N GLY I 58 1.36 2.51 6.65
CA GLY I 58 2.44 3.17 7.35
C GLY I 58 3.74 3.27 6.60
N VAL I 59 3.75 2.97 5.30
CA VAL I 59 4.94 3.08 4.47
C VAL I 59 4.97 4.45 3.82
N PRO I 60 6.09 5.19 3.88
CA PRO I 60 6.14 6.52 3.27
C PRO I 60 5.81 6.49 1.78
N SER I 61 5.24 7.60 1.29
CA SER I 61 4.78 7.66 -0.09
C SER I 61 5.94 7.63 -1.09
N ARG I 62 7.12 8.10 -0.68
CA ARG I 62 8.28 8.11 -1.57
C ARG I 62 8.67 6.73 -2.07
N PHE I 63 8.07 5.67 -1.52
CA PHE I 63 8.32 4.30 -1.98
C PHE I 63 7.32 3.92 -3.06
N SER I 64 7.79 3.17 -4.06
CA SER I 64 6.94 2.66 -5.13
C SER I 64 7.62 1.45 -5.76
N GLY I 65 6.80 0.59 -6.35
CA GLY I 65 7.30 -0.56 -7.09
C GLY I 65 6.47 -0.83 -8.32
N SER I 66 7.12 -1.39 -9.34
CA SER I 66 6.44 -1.77 -10.56
C SER I 66 7.14 -2.97 -11.16
N GLY I 67 6.56 -3.51 -12.22
CA GLY I 67 7.16 -4.63 -12.92
C GLY I 67 6.19 -5.77 -13.17
N SER I 68 6.56 -6.67 -14.08
CA SER I 68 5.71 -7.81 -14.42
C SER I 68 6.58 -8.89 -15.02
N GLY I 69 6.17 -10.14 -14.82
CA GLY I 69 6.91 -11.26 -15.36
C GLY I 69 8.21 -11.57 -14.64
N THR I 70 9.34 -11.25 -15.28
CA THR I 70 10.65 -11.60 -14.75
C THR I 70 11.39 -10.45 -14.09
N ASP I 71 10.99 -9.20 -14.34
CA ASP I 71 11.72 -8.03 -13.86
C ASP I 71 10.79 -7.15 -13.04
N PHE I 72 11.29 -6.70 -11.88
CA PHE I 72 10.57 -5.82 -10.99
C PHE I 72 11.53 -4.74 -10.47
N THR I 73 10.96 -3.60 -10.09
CA THR I 73 11.75 -2.49 -9.56
C THR I 73 11.15 -1.99 -8.27
N LEU I 74 12.00 -1.39 -7.44
CA LEU I 74 11.60 -0.59 -6.29
C LEU I 74 12.26 0.76 -6.41
N THR I 75 11.49 1.84 -6.26
CA THR I 75 11.98 3.20 -6.49
C THR I 75 11.75 4.05 -5.25
N ILE I 76 12.79 4.78 -4.84
CA ILE I 76 12.72 5.77 -3.78
C ILE I 76 12.83 7.15 -4.44
N SER I 77 11.71 7.88 -4.50
CA SER I 77 11.65 9.12 -5.29
C SER I 77 12.46 10.25 -4.68
N SER I 78 12.56 10.32 -3.34
CA SER I 78 13.35 11.35 -2.64
C SER I 78 14.06 10.68 -1.47
N LEU I 79 15.29 10.23 -1.71
CA LEU I 79 16.01 9.42 -0.73
C LEU I 79 16.28 10.22 0.55
N GLN I 80 16.11 9.56 1.70
CA GLN I 80 16.25 10.16 3.01
C GLN I 80 17.36 9.49 3.80
N PRO I 81 18.00 10.20 4.73
CA PRO I 81 19.11 9.58 5.47
C PRO I 81 18.72 8.32 6.22
N GLU I 82 17.46 8.23 6.65
CA GLU I 82 16.97 7.06 7.39
C GLU I 82 16.73 5.87 6.49
N ASP I 83 16.61 6.08 5.18
CA ASP I 83 16.42 5.00 4.22
C ASP I 83 17.65 4.12 4.06
N PHE I 84 18.72 4.41 4.78
CA PHE I 84 19.85 3.51 4.88
C PHE I 84 19.36 2.19 5.45
N ALA I 85 19.40 1.13 4.63
CA ALA I 85 18.90 -0.19 4.99
C ALA I 85 19.32 -1.16 3.89
N THR I 86 18.97 -2.44 4.05
CA THR I 86 19.12 -3.43 3.00
C THR I 86 17.74 -3.89 2.58
N TYR I 87 17.50 -3.97 1.28
CA TYR I 87 16.17 -4.20 0.71
C TYR I 87 16.11 -5.56 0.05
N TYR I 88 15.06 -6.31 0.36
CA TYR I 88 14.87 -7.65 -0.18
C TYR I 88 13.55 -7.72 -0.96
N CYS I 89 13.60 -8.36 -2.13
CA CYS I 89 12.38 -8.77 -2.79
C CYS I 89 12.12 -10.24 -2.45
N GLN I 90 10.84 -10.61 -2.46
CA GLN I 90 10.48 -11.98 -2.11
C GLN I 90 9.25 -12.38 -2.93
N GLN I 91 9.17 -13.67 -3.23
CA GLN I 91 8.07 -14.22 -4.00
C GLN I 91 7.31 -15.27 -3.18
N SER I 92 6.00 -15.33 -3.41
CA SER I 92 5.16 -16.37 -2.82
C SER I 92 4.50 -17.23 -3.89
N TYR I 93 5.09 -17.29 -5.09
CA TYR I 93 4.51 -18.02 -6.20
C TYR I 93 4.83 -19.51 -6.13
N ASP I 94 6.12 -19.86 -6.20
CA ASP I 94 6.55 -21.26 -6.20
C ASP I 94 7.48 -21.51 -5.02
N TRP I 95 7.08 -22.41 -4.14
CA TRP I 95 7.91 -22.98 -3.10
C TRP I 95 8.26 -24.42 -3.49
N GLY I 96 9.05 -25.07 -2.64
CA GLY I 96 9.33 -26.47 -2.88
C GLY I 96 10.43 -26.59 -3.92
N ASP I 97 11.50 -27.30 -3.57
CA ASP I 97 12.70 -27.35 -4.41
C ASP I 97 13.22 -25.95 -4.70
N VAL I 98 13.04 -25.03 -3.75
CA VAL I 98 13.49 -23.64 -3.86
C VAL I 98 14.44 -23.38 -2.69
N GLU I 99 15.62 -22.83 -3.00
CA GLU I 99 16.60 -22.53 -1.94
C GLU I 99 16.14 -21.37 -1.06
N ASN I 100 15.77 -20.26 -1.67
CA ASN I 100 15.36 -19.08 -0.92
C ASN I 100 14.32 -18.33 -1.71
N THR I 101 13.22 -17.97 -1.05
CA THR I 101 12.24 -17.09 -1.68
C THR I 101 12.72 -15.65 -1.75
N PHE I 102 13.80 -15.31 -1.04
CA PHE I 102 14.32 -13.95 -0.99
C PHE I 102 15.40 -13.75 -2.05
N GLY I 103 15.57 -12.49 -2.46
CA GLY I 103 16.73 -12.09 -3.20
C GLY I 103 17.94 -11.90 -2.31
N GLY I 104 19.09 -11.67 -2.94
CA GLY I 104 20.31 -11.51 -2.19
C GLY I 104 20.31 -10.32 -1.26
N GLY I 105 19.59 -9.27 -1.61
CA GLY I 105 19.55 -8.03 -0.86
C GLY I 105 20.23 -6.91 -1.62
N THR I 106 19.83 -5.68 -1.31
CA THR I 106 20.45 -4.47 -1.87
C THR I 106 20.76 -3.52 -0.73
N LYS I 107 22.03 -3.35 -0.42
CA LYS I 107 22.46 -2.46 0.65
C LYS I 107 22.57 -1.05 0.10
N VAL I 108 21.77 -0.13 0.65
CA VAL I 108 21.75 1.28 0.24
C VAL I 108 22.51 2.10 1.27
N GLU I 109 23.59 2.76 0.83
CA GLU I 109 24.40 3.63 1.67
C GLU I 109 24.21 5.09 1.25
N ILE I 110 24.20 5.99 2.22
CA ILE I 110 23.90 7.40 1.95
C ILE I 110 25.21 8.14 1.70
N LYS I 111 25.38 8.65 0.47
CA LYS I 111 26.52 9.49 0.18
C LYS I 111 26.32 10.87 0.80
N ARG I 112 27.44 11.54 1.09
CA ARG I 112 27.41 12.66 2.04
C ARG I 112 28.64 13.54 1.80
N THR I 113 28.52 14.81 2.21
CA THR I 113 29.70 15.66 2.23
C THR I 113 30.68 15.14 3.29
N VAL I 114 31.98 15.37 3.04
CA VAL I 114 33.02 14.85 3.93
C VAL I 114 32.92 15.48 5.32
N ALA I 115 33.32 14.72 6.33
CA ALA I 115 33.28 15.17 7.72
C ALA I 115 34.50 14.64 8.44
N ALA I 116 35.32 15.54 8.97
CA ALA I 116 36.51 15.12 9.71
C ALA I 116 36.09 14.50 11.05
N PRO I 117 36.80 13.49 11.52
CA PRO I 117 36.45 12.89 12.81
C PRO I 117 36.97 13.69 13.99
N SER I 118 36.21 13.65 15.08
CA SER I 118 36.69 14.13 16.38
C SER I 118 37.32 12.96 17.11
N VAL I 119 38.63 13.06 17.41
CA VAL I 119 39.39 11.96 17.97
C VAL I 119 39.54 12.13 19.48
N PHE I 120 39.39 11.03 20.22
CA PHE I 120 39.52 11.00 21.67
C PHE I 120 40.36 9.79 22.06
N ILE I 121 40.81 9.77 23.31
CA ILE I 121 41.58 8.65 23.85
C ILE I 121 41.17 8.40 25.30
N PHE I 122 41.18 7.13 25.69
CA PHE I 122 40.74 6.71 27.02
C PHE I 122 41.77 5.75 27.60
N PRO I 123 42.37 6.06 28.75
CA PRO I 123 43.31 5.13 29.38
C PRO I 123 42.58 3.99 30.07
N PRO I 124 43.28 2.92 30.43
CA PRO I 124 42.63 1.86 31.21
C PRO I 124 42.22 2.37 32.58
N SER I 125 41.11 1.83 33.09
CA SER I 125 40.68 2.17 34.43
C SER I 125 41.48 1.35 35.46
N ASP I 126 41.55 1.89 36.69
CA ASP I 126 42.20 1.15 37.76
C ASP I 126 41.47 -0.16 38.06
N GLU I 127 40.17 -0.21 37.75
CA GLU I 127 39.40 -1.43 37.99
C GLU I 127 39.80 -2.54 37.04
N GLN I 128 40.14 -2.20 35.79
CA GLN I 128 40.53 -3.21 34.82
C GLN I 128 41.95 -3.69 35.03
N LEU I 129 42.84 -2.84 35.56
CA LEU I 129 44.21 -3.26 35.83
C LEU I 129 44.26 -4.33 36.92
N LYS I 130 43.34 -4.26 37.89
CA LYS I 130 43.23 -5.30 38.90
C LYS I 130 42.99 -6.68 38.29
N SER I 131 42.44 -6.74 37.09
CA SER I 131 42.26 -7.99 36.36
C SER I 131 43.49 -8.40 35.57
N GLY I 132 44.53 -7.57 35.57
CA GLY I 132 45.76 -7.87 34.85
C GLY I 132 45.75 -7.53 33.38
N THR I 133 44.68 -6.90 32.88
CA THR I 133 44.57 -6.53 31.47
C THR I 133 44.41 -5.01 31.36
N ALA I 134 44.90 -4.46 30.26
CA ALA I 134 44.78 -3.04 29.97
C ALA I 134 44.10 -2.88 28.62
N SER I 135 42.99 -2.14 28.59
CA SER I 135 42.31 -1.82 27.35
C SER I 135 42.35 -0.31 27.15
N VAL I 136 42.95 0.12 26.04
CA VAL I 136 43.07 1.53 25.70
C VAL I 136 42.21 1.79 24.47
N VAL I 137 41.27 2.72 24.60
CA VAL I 137 40.28 2.97 23.56
C VAL I 137 40.55 4.32 22.89
N CYS I 138 40.39 4.33 21.56
CA CYS I 138 40.46 5.54 20.76
C CYS I 138 39.13 5.70 20.04
N LEU I 139 38.54 6.89 20.12
CA LEU I 139 37.21 7.14 19.58
C LEU I 139 37.29 8.10 18.39
N LEU I 140 36.74 7.69 17.26
CA LEU I 140 36.55 8.54 16.10
C LEU I 140 35.06 8.80 15.97
N ASN I 141 34.66 10.07 16.10
CA ASN I 141 33.26 10.42 16.26
C ASN I 141 32.77 11.18 15.04
N ASN I 142 31.71 10.66 14.41
CA ASN I 142 30.91 11.38 13.40
C ASN I 142 31.75 11.83 12.21
N PHE I 143 32.25 10.84 11.46
CA PHE I 143 33.04 11.10 10.27
C PHE I 143 32.41 10.44 9.04
N TYR I 144 32.83 10.93 7.86
CA TYR I 144 32.48 10.39 6.55
C TYR I 144 33.65 10.72 5.64
N PRO I 145 34.10 9.79 4.78
CA PRO I 145 33.62 8.41 4.56
C PRO I 145 34.03 7.42 5.65
N ARG I 146 33.69 6.15 5.43
CA ARG I 146 33.98 5.08 6.39
C ARG I 146 35.47 4.80 6.48
N GLU I 147 36.21 5.04 5.40
CA GLU I 147 37.64 4.70 5.35
C GLU I 147 38.43 5.60 6.29
N ALA I 148 39.09 5.00 7.28
CA ALA I 148 39.99 5.70 8.17
C ALA I 148 41.17 4.81 8.48
N LYS I 149 42.25 5.41 8.95
CA LYS I 149 43.48 4.70 9.28
C LYS I 149 43.83 5.05 10.72
N VAL I 150 43.70 4.08 11.63
CA VAL I 150 44.03 4.26 13.04
C VAL I 150 45.23 3.40 13.37
N GLN I 151 46.34 4.03 13.75
CA GLN I 151 47.57 3.33 14.10
C GLN I 151 47.90 3.60 15.56
N TRP I 152 48.13 2.53 16.30
CA TRP I 152 48.49 2.63 17.71
C TRP I 152 50.00 2.75 17.87
N LYS I 153 50.41 3.49 18.90
CA LYS I 153 51.82 3.66 19.22
C LYS I 153 51.99 3.66 20.73
N VAL I 154 52.97 2.88 21.22
CA VAL I 154 53.29 2.80 22.64
C VAL I 154 54.76 3.16 22.79
N ASP I 155 55.03 4.31 23.41
CA ASP I 155 56.39 4.86 23.50
C ASP I 155 57.05 4.90 22.13
N ASN I 156 56.33 5.46 21.16
CA ASN I 156 56.72 5.64 19.78
C ASN I 156 56.86 4.31 19.03
N ALA I 157 56.58 3.18 19.66
CA ALA I 157 56.67 1.89 19.01
C ALA I 157 55.36 1.58 18.29
N LEU I 158 55.46 1.30 16.99
CA LEU I 158 54.27 1.04 16.19
C LEU I 158 53.74 -0.36 16.50
N GLN I 159 52.46 -0.45 16.84
CA GLN I 159 51.85 -1.70 17.30
C GLN I 159 51.15 -2.42 16.16
N SER I 160 50.97 -3.73 16.33
CA SER I 160 50.21 -4.52 15.37
C SER I 160 49.76 -5.82 16.03
N GLY I 161 48.60 -6.31 15.61
CA GLY I 161 48.08 -7.59 16.07
C GLY I 161 47.40 -7.59 17.42
N ASN I 162 47.23 -6.41 18.05
CA ASN I 162 46.66 -6.32 19.40
C ASN I 162 45.57 -5.25 19.50
N SER I 163 44.88 -4.94 18.40
CA SER I 163 43.81 -3.96 18.43
C SER I 163 42.67 -4.44 17.54
N GLN I 164 41.46 -3.99 17.86
CA GLN I 164 40.27 -4.34 17.11
C GLN I 164 39.40 -3.10 16.91
N GLU I 165 38.80 -3.00 15.73
CA GLU I 165 37.95 -1.87 15.39
C GLU I 165 36.49 -2.29 15.29
N SER I 166 35.62 -1.48 15.86
CA SER I 166 34.18 -1.60 15.64
C SER I 166 33.70 -0.32 14.97
N VAL I 167 32.83 -0.47 13.96
CA VAL I 167 32.31 0.65 13.20
C VAL I 167 30.80 0.69 13.37
N THR I 168 30.25 1.88 13.60
CA THR I 168 28.80 2.00 13.74
C THR I 168 28.14 1.92 12.38
N GLU I 169 26.82 1.77 12.39
CA GLU I 169 26.07 1.93 11.15
C GLU I 169 25.95 3.41 10.81
N GLN I 170 25.62 3.69 9.55
CA GLN I 170 25.43 5.07 9.12
C GLN I 170 24.33 5.71 9.95
N ASP I 171 24.61 6.88 10.50
CA ASP I 171 23.64 7.55 11.37
C ASP I 171 22.43 8.01 10.57
N SER I 172 21.24 7.67 11.06
CA SER I 172 20.00 7.88 10.33
C SER I 172 19.65 9.35 10.11
N LYS I 173 20.47 10.28 10.60
CA LYS I 173 20.22 11.70 10.37
C LYS I 173 21.33 12.38 9.58
N ASP I 174 22.58 12.27 10.01
CA ASP I 174 23.69 12.93 9.34
C ASP I 174 24.55 11.98 8.52
N SER I 175 24.20 10.69 8.49
CA SER I 175 24.85 9.71 7.62
C SER I 175 26.35 9.60 7.90
N THR I 176 26.77 9.80 9.14
CA THR I 176 28.17 9.72 9.53
C THR I 176 28.47 8.37 10.19
N TYR I 177 29.75 8.09 10.36
CA TYR I 177 30.22 6.88 11.03
C TYR I 177 30.96 7.26 12.31
N SER I 178 31.08 6.28 13.21
CA SER I 178 31.93 6.38 14.38
C SER I 178 32.70 5.07 14.53
N LEU I 179 33.97 5.18 14.90
CA LEU I 179 34.86 4.03 14.95
C LEU I 179 35.56 3.98 16.29
N SER I 180 35.75 2.76 16.81
CA SER I 180 36.45 2.54 18.07
C SER I 180 37.56 1.54 17.83
N SER I 181 38.80 1.95 18.10
CA SER I 181 39.95 1.05 18.11
C SER I 181 40.31 0.78 19.57
N THR I 182 40.24 -0.49 19.97
CA THR I 182 40.52 -0.88 21.34
C THR I 182 41.83 -1.65 21.38
N LEU I 183 42.81 -1.12 22.10
CA LEU I 183 44.14 -1.70 22.23
C LEU I 183 44.20 -2.50 23.52
N THR I 184 44.42 -3.81 23.40
CA THR I 184 44.42 -4.72 24.54
C THR I 184 45.84 -5.15 24.85
N LEU I 185 46.31 -4.80 26.05
CA LEU I 185 47.63 -5.18 26.54
C LEU I 185 47.49 -5.77 27.94
N SER I 186 48.51 -6.51 28.36
CA SER I 186 48.58 -6.98 29.74
C SER I 186 48.96 -5.83 30.66
N LYS I 187 48.60 -5.97 31.94
CA LYS I 187 49.02 -4.98 32.93
C LYS I 187 50.53 -4.87 33.00
N ALA I 188 51.23 -5.96 32.71
CA ALA I 188 52.69 -5.92 32.67
C ALA I 188 53.18 -4.92 31.62
N ASP I 189 52.84 -5.17 30.36
CA ASP I 189 53.29 -4.29 29.27
C ASP I 189 52.74 -2.88 29.41
N TYR I 190 51.55 -2.74 29.98
CA TYR I 190 50.99 -1.41 30.16
C TYR I 190 51.81 -0.60 31.16
N GLU I 191 52.27 -1.23 32.23
CA GLU I 191 53.13 -0.54 33.20
C GLU I 191 54.58 -0.50 32.76
N LYS I 192 54.90 -1.04 31.58
CA LYS I 192 56.24 -1.03 31.03
C LYS I 192 56.52 0.20 30.17
N HIS I 193 55.55 1.11 30.02
CA HIS I 193 55.71 2.28 29.16
C HIS I 193 54.94 3.45 29.76
N LYS I 194 55.09 4.63 29.14
CA LYS I 194 54.52 5.87 29.67
C LYS I 194 53.55 6.56 28.72
N VAL I 195 53.86 6.63 27.42
CA VAL I 195 53.04 7.39 26.46
C VAL I 195 52.36 6.41 25.51
N TYR I 196 51.03 6.54 25.40
CA TYR I 196 50.21 5.75 24.50
C TYR I 196 49.53 6.69 23.51
N ALA I 197 49.87 6.57 22.24
CA ALA I 197 49.39 7.49 21.22
C ALA I 197 48.44 6.77 20.27
N CYS I 198 47.46 7.52 19.79
CA CYS I 198 46.52 7.10 18.76
C CYS I 198 46.64 8.09 17.61
N GLU I 199 47.18 7.64 16.48
CA GLU I 199 47.37 8.50 15.31
C GLU I 199 46.30 8.17 14.27
N VAL I 200 45.49 9.17 13.93
CA VAL I 200 44.33 8.99 13.06
C VAL I 200 44.59 9.69 11.74
N THR I 201 44.35 8.98 10.64
CA THR I 201 44.48 9.52 9.29
C THR I 201 43.13 9.44 8.59
N HIS I 202 42.65 10.58 8.09
CA HIS I 202 41.35 10.65 7.44
C HIS I 202 41.41 11.60 6.26
N GLN I 203 40.43 11.45 5.36
CA GLN I 203 40.34 12.35 4.21
C GLN I 203 40.03 13.77 4.66
N GLY I 204 39.10 13.93 5.62
CA GLY I 204 38.73 15.25 6.10
C GLY I 204 39.80 15.98 6.87
N LEU I 205 40.93 15.34 7.16
CA LEU I 205 42.03 15.94 7.90
C LEU I 205 43.19 16.22 6.94
N SER I 206 43.63 17.48 6.88
CA SER I 206 44.77 17.82 6.02
C SER I 206 46.03 17.11 6.47
N SER I 207 46.24 17.00 7.78
CA SER I 207 47.35 16.27 8.38
C SER I 207 46.81 15.36 9.48
N PRO I 208 47.48 14.23 9.75
CA PRO I 208 46.93 13.27 10.71
C PRO I 208 46.77 13.87 12.10
N VAL I 209 45.80 13.35 12.86
CA VAL I 209 45.56 13.76 14.24
C VAL I 209 46.13 12.69 15.16
N THR I 210 46.88 13.13 16.17
CA THR I 210 47.49 12.24 17.16
C THR I 210 46.96 12.60 18.54
N LYS I 211 46.34 11.63 19.19
CA LYS I 211 45.89 11.78 20.57
C LYS I 211 46.71 10.84 21.44
N SER I 212 47.33 11.39 22.48
CA SER I 212 48.20 10.62 23.35
C SER I 212 47.97 11.05 24.80
N PHE I 213 48.17 10.10 25.71
CA PHE I 213 48.14 10.35 27.13
C PHE I 213 49.38 9.75 27.76
N ASN I 214 49.96 10.44 28.73
CA ASN I 214 51.08 9.93 29.49
C ASN I 214 50.55 9.12 30.67
N ARG I 215 51.07 7.89 30.83
CA ARG I 215 50.50 6.94 31.78
C ARG I 215 50.48 7.50 33.21
N GLY I 216 49.35 7.32 33.89
CA GLY I 216 49.25 7.70 35.28
C GLY I 216 49.12 9.19 35.51
N GLU I 217 50.03 9.97 34.92
CA GLU I 217 50.01 11.41 35.07
C GLU I 217 48.93 12.04 34.20
N CYS I 218 48.69 13.33 34.43
CA CYS I 218 47.78 14.11 33.60
C CYS I 218 48.53 15.25 32.92
N PRO J 2 20.21 39.60 -30.84
CA PRO J 2 21.18 38.56 -31.15
C PRO J 2 20.48 37.30 -31.66
N LEU J 3 19.29 37.05 -31.11
CA LEU J 3 18.44 35.97 -31.59
C LEU J 3 17.52 36.54 -32.66
N PRO J 4 17.69 36.18 -33.94
CA PRO J 4 16.86 36.78 -34.98
C PRO J 4 15.41 36.41 -34.81
N LYS J 5 14.52 37.34 -35.14
CA LYS J 5 13.13 37.01 -34.91
C LYS J 5 12.62 36.06 -35.99
N PRO J 6 11.76 35.10 -35.62
CA PRO J 6 11.29 34.11 -36.58
C PRO J 6 10.36 34.70 -37.62
N THR J 7 10.26 34.02 -38.76
CA THR J 7 9.28 34.32 -39.78
C THR J 7 8.19 33.25 -39.74
N LEU J 8 6.93 33.69 -39.77
CA LEU J 8 5.79 32.79 -39.65
C LEU J 8 4.85 32.99 -40.84
N TRP J 9 4.44 31.89 -41.46
CA TRP J 9 3.53 31.96 -42.60
C TRP J 9 2.77 30.65 -42.72
N ALA J 10 1.71 30.65 -43.53
CA ALA J 10 0.87 29.48 -43.73
C ALA J 10 0.89 29.06 -45.18
N GLU J 11 0.79 27.75 -45.40
CA GLU J 11 0.74 27.18 -46.75
C GLU J 11 -0.49 26.30 -46.86
N PRO J 12 -1.24 26.37 -47.96
CA PRO J 12 -0.99 27.21 -49.15
C PRO J 12 -1.19 28.71 -48.92
N GLY J 13 -1.92 29.09 -47.89
CA GLY J 13 -2.12 30.51 -47.63
C GLY J 13 -2.82 30.74 -46.32
N SER J 14 -2.95 32.03 -45.98
CA SER J 14 -3.53 32.46 -44.72
C SER J 14 -5.03 32.22 -44.62
N VAL J 15 -5.74 32.26 -45.75
CA VAL J 15 -7.21 32.17 -45.77
C VAL J 15 -7.62 30.87 -46.47
N ILE J 16 -8.29 30.00 -45.72
CA ILE J 16 -8.56 28.62 -46.13
C ILE J 16 -10.04 28.31 -45.95
N SER J 17 -10.62 27.55 -46.88
CA SER J 17 -12.02 27.19 -46.75
C SER J 17 -12.19 26.03 -45.77
N TRP J 18 -13.44 25.77 -45.41
CA TRP J 18 -13.74 24.71 -44.43
C TRP J 18 -13.39 23.34 -45.00
N GLY J 19 -12.70 22.53 -44.21
CA GLY J 19 -12.35 21.17 -44.58
C GLY J 19 -11.00 21.01 -45.22
N ASN J 20 -10.41 22.06 -45.78
CA ASN J 20 -9.14 21.93 -46.47
C ASN J 20 -7.97 21.93 -45.48
N SER J 21 -6.81 21.52 -45.99
CA SER J 21 -5.59 21.42 -45.19
C SER J 21 -4.79 22.72 -45.27
N VAL J 22 -4.20 23.09 -44.13
CA VAL J 22 -3.29 24.22 -44.05
C VAL J 22 -2.16 23.82 -43.12
N THR J 23 -0.93 24.22 -43.46
CA THR J 23 0.25 23.88 -42.69
C THR J 23 0.96 25.17 -42.30
N ILE J 24 1.07 25.43 -41.00
CA ILE J 24 1.73 26.63 -40.51
C ILE J 24 3.21 26.36 -40.34
N TRP J 25 4.03 27.21 -40.95
CA TRP J 25 5.48 27.07 -40.92
C TRP J 25 6.09 28.18 -40.09
N CYS J 26 7.05 27.83 -39.26
CA CYS J 26 7.84 28.80 -38.52
C CYS J 26 9.30 28.53 -38.81
N GLN J 27 10.06 29.59 -39.08
CA GLN J 27 11.48 29.47 -39.38
C GLN J 27 12.28 30.22 -38.32
N GLY J 28 13.15 29.51 -37.61
CA GLY J 28 14.02 30.10 -36.62
C GLY J 28 15.48 29.99 -37.00
N THR J 29 16.32 29.49 -36.10
CA THR J 29 17.74 29.33 -36.35
C THR J 29 18.09 27.84 -36.41
N LEU J 30 19.29 27.55 -36.92
CA LEU J 30 19.76 26.17 -36.97
C LEU J 30 20.04 25.61 -35.60
N GLU J 31 20.12 26.45 -34.57
CA GLU J 31 20.35 26.03 -33.19
C GLU J 31 19.05 25.85 -32.41
N ALA J 32 17.90 26.15 -33.00
CA ALA J 32 16.63 26.05 -32.29
C ALA J 32 16.43 24.65 -31.71
N ARG J 33 15.90 24.61 -30.50
CA ARG J 33 15.68 23.33 -29.83
C ARG J 33 14.23 22.87 -29.90
N GLU J 34 13.28 23.80 -29.88
CA GLU J 34 11.88 23.47 -30.12
C GLU J 34 11.15 24.76 -30.48
N TYR J 35 9.99 24.60 -31.11
CA TYR J 35 9.16 25.71 -31.55
C TYR J 35 7.81 25.64 -30.86
N ARG J 36 7.17 26.79 -30.73
CA ARG J 36 5.83 26.85 -30.16
C ARG J 36 4.98 27.86 -30.92
N LEU J 37 3.67 27.79 -30.69
CA LEU J 37 2.71 28.67 -31.33
C LEU J 37 1.79 29.23 -30.25
N ASP J 38 1.70 30.55 -30.18
CA ASP J 38 0.82 31.26 -29.24
C ASP J 38 -0.35 31.86 -30.01
N LYS J 39 -1.55 31.33 -29.76
CA LYS J 39 -2.77 31.81 -30.40
C LYS J 39 -3.41 32.86 -29.52
N GLU J 40 -3.74 34.01 -30.10
CA GLU J 40 -4.37 35.09 -29.33
C GLU J 40 -5.67 34.61 -28.70
N GLU J 41 -5.87 35.01 -27.44
CA GLU J 41 -7.05 34.68 -26.64
C GLU J 41 -7.16 33.18 -26.36
N SER J 42 -6.04 32.45 -26.44
CA SER J 42 -5.98 31.05 -26.03
C SER J 42 -4.85 30.87 -25.01
N PRO J 43 -4.98 29.90 -24.10
CA PRO J 43 -3.91 29.67 -23.12
C PRO J 43 -2.62 29.24 -23.80
N ALA J 44 -1.57 30.04 -23.61
CA ALA J 44 -0.28 29.72 -24.22
C ALA J 44 0.36 28.53 -23.50
N PRO J 45 1.06 27.65 -24.23
CA PRO J 45 1.20 27.71 -25.69
C PRO J 45 0.10 26.92 -26.40
N TRP J 46 -0.31 27.39 -27.58
CA TRP J 46 -1.36 26.71 -28.33
C TRP J 46 -0.91 25.33 -28.80
N ASP J 47 0.34 25.21 -29.20
CA ASP J 47 0.94 23.95 -29.63
C ASP J 47 2.45 24.15 -29.71
N ARG J 48 3.21 23.08 -29.54
CA ARG J 48 4.65 23.15 -29.70
C ARG J 48 5.17 21.87 -30.33
N GLN J 49 6.21 22.01 -31.16
CA GLN J 49 6.73 20.94 -31.98
C GLN J 49 8.26 20.93 -31.91
N ASN J 50 8.85 19.73 -32.08
CA ASN J 50 10.29 19.67 -32.24
C ASN J 50 10.68 20.15 -33.64
N PRO J 51 11.90 20.65 -33.80
CA PRO J 51 12.30 21.15 -35.12
C PRO J 51 12.38 20.03 -36.14
N LEU J 52 12.41 20.43 -37.41
CA LEU J 52 12.65 19.53 -38.52
C LEU J 52 14.15 19.28 -38.66
N GLU J 53 14.58 18.65 -39.74
CA GLU J 53 16.01 18.51 -40.04
C GLU J 53 16.29 19.15 -41.38
N PRO J 54 17.10 20.23 -41.44
CA PRO J 54 17.70 20.87 -40.26
C PRO J 54 16.69 21.64 -39.40
N LYS J 55 17.13 22.05 -38.19
CA LYS J 55 16.32 22.75 -37.18
C LYS J 55 15.91 24.15 -37.59
N ASN J 56 16.26 24.49 -38.84
CA ASN J 56 15.87 25.76 -39.43
C ASN J 56 14.40 26.08 -39.22
N LYS J 57 13.53 25.07 -39.19
CA LYS J 57 12.10 25.34 -39.14
C LYS J 57 11.32 24.16 -38.58
N ALA J 58 10.09 24.45 -38.19
CA ALA J 58 9.12 23.45 -37.77
C ALA J 58 7.80 23.71 -38.50
N ARG J 59 6.91 22.72 -38.45
CA ARG J 59 5.61 22.84 -39.10
C ARG J 59 4.50 22.44 -38.14
N PHE J 60 3.38 23.14 -38.23
CA PHE J 60 2.18 22.86 -37.46
C PHE J 60 1.05 22.59 -38.45
N SER J 61 0.67 21.33 -38.62
CA SER J 61 -0.24 20.91 -39.68
C SER J 61 -1.67 20.92 -39.18
N ILE J 62 -2.56 21.51 -39.96
CA ILE J 62 -4.00 21.46 -39.72
C ILE J 62 -4.61 20.70 -40.89
N PRO J 63 -4.93 19.41 -40.72
CA PRO J 63 -5.44 18.63 -41.86
C PRO J 63 -6.81 19.07 -42.35
N SER J 64 -7.69 19.48 -41.44
CA SER J 64 -9.03 19.91 -41.80
C SER J 64 -9.31 21.23 -41.09
N MET J 65 -9.51 22.29 -41.87
CA MET J 65 -9.67 23.62 -41.30
C MET J 65 -11.06 23.80 -40.70
N THR J 66 -11.12 24.09 -39.40
CA THR J 66 -12.34 24.43 -38.70
C THR J 66 -12.19 25.83 -38.08
N GLU J 67 -13.25 26.28 -37.40
CA GLU J 67 -13.19 27.57 -36.73
C GLU J 67 -12.32 27.54 -35.49
N ASP J 68 -12.09 26.36 -34.91
CA ASP J 68 -11.23 26.24 -33.74
C ASP J 68 -9.80 26.69 -34.07
N TYR J 69 -9.38 26.54 -35.33
CA TYR J 69 -8.03 26.89 -35.73
C TYR J 69 -7.92 28.29 -36.31
N ALA J 70 -9.05 28.97 -36.51
CA ALA J 70 -9.02 30.33 -37.05
C ALA J 70 -8.66 31.32 -35.96
N GLY J 71 -7.83 32.30 -36.30
CA GLY J 71 -7.45 33.35 -35.37
C GLY J 71 -6.08 33.91 -35.68
N ARG J 72 -5.43 34.46 -34.66
CA ARG J 72 -4.10 35.03 -34.79
C ARG J 72 -3.06 34.13 -34.11
N TYR J 73 -1.91 33.96 -34.76
CA TYR J 73 -0.85 33.09 -34.26
C TYR J 73 0.47 33.84 -34.19
N ARG J 74 1.24 33.51 -33.15
CA ARG J 74 2.60 34.06 -32.89
C ARG J 74 3.53 32.86 -32.66
N CYS J 75 4.70 32.83 -33.29
CA CYS J 75 5.60 31.70 -33.14
C CYS J 75 6.86 32.11 -32.37
N TYR J 76 7.36 31.18 -31.57
CA TYR J 76 8.62 31.33 -30.84
C TYR J 76 9.46 30.09 -31.04
N TYR J 77 10.77 30.26 -31.15
CA TYR J 77 11.69 29.14 -31.12
C TYR J 77 12.55 29.22 -29.87
N ARG J 78 13.04 28.06 -29.42
CA ARG J 78 13.85 27.96 -28.20
C ARG J 78 15.31 27.75 -28.58
N SER J 79 16.14 28.75 -28.32
CA SER J 79 17.58 28.65 -28.50
C SER J 79 18.18 27.89 -27.32
N PRO J 80 19.49 27.62 -27.33
CA PRO J 80 20.13 27.07 -26.12
C PRO J 80 20.06 28.02 -24.92
N VAL J 81 19.65 29.26 -25.11
CA VAL J 81 19.61 30.25 -24.03
C VAL J 81 18.20 30.48 -23.52
N GLY J 82 17.23 30.58 -24.42
CA GLY J 82 15.86 30.81 -24.03
C GLY J 82 15.00 31.13 -25.24
N TRP J 83 13.74 31.42 -24.97
CA TRP J 83 12.81 31.72 -26.05
C TRP J 83 13.15 33.06 -26.70
N SER J 84 12.79 33.17 -27.98
CA SER J 84 13.06 34.36 -28.77
C SER J 84 11.90 35.34 -28.68
N GLN J 85 12.04 36.46 -29.36
CA GLN J 85 10.94 37.41 -29.50
C GLN J 85 9.92 36.85 -30.49
N PRO J 86 8.67 37.28 -30.40
CA PRO J 86 7.64 36.71 -31.27
C PRO J 86 7.78 37.16 -32.73
N SER J 87 7.28 36.30 -33.62
CA SER J 87 7.16 36.65 -35.03
C SER J 87 6.01 37.63 -35.24
N ASP J 88 5.98 38.24 -36.42
CA ASP J 88 4.81 39.01 -36.80
C ASP J 88 3.58 38.10 -36.78
N PRO J 89 2.43 38.60 -36.33
CA PRO J 89 1.24 37.73 -36.23
C PRO J 89 0.84 37.16 -37.58
N LEU J 90 0.15 36.02 -37.53
CA LEU J 90 -0.37 35.36 -38.74
C LEU J 90 -1.86 35.16 -38.55
N GLU J 91 -2.66 35.95 -39.25
CA GLU J 91 -4.11 35.78 -39.23
C GLU J 91 -4.49 34.56 -40.06
N LEU J 92 -5.17 33.61 -39.45
CA LEU J 92 -5.68 32.43 -40.14
C LEU J 92 -7.20 32.59 -40.29
N VAL J 93 -7.67 32.72 -41.53
CA VAL J 93 -9.06 33.02 -41.82
C VAL J 93 -9.71 31.80 -42.46
N MET J 94 -10.94 31.50 -42.05
CA MET J 94 -11.74 30.46 -42.67
C MET J 94 -12.89 31.09 -43.44
N THR J 95 -13.23 30.48 -44.58
CA THR J 95 -14.34 30.93 -45.42
C THR J 95 -15.41 29.85 -45.54
N PRO K 2 -49.52 -2.03 -40.21
CA PRO K 2 -49.34 -3.39 -39.71
C PRO K 2 -50.67 -4.09 -39.44
N LEU K 3 -51.52 -3.46 -38.65
CA LEU K 3 -52.81 -4.03 -38.29
C LEU K 3 -53.68 -4.17 -39.53
N PRO K 4 -53.91 -5.37 -40.03
CA PRO K 4 -54.60 -5.51 -41.33
C PRO K 4 -56.03 -4.97 -41.27
N LYS K 5 -56.44 -4.32 -42.34
CA LYS K 5 -57.74 -3.67 -42.30
C LYS K 5 -58.86 -4.70 -42.50
N PRO K 6 -59.98 -4.53 -41.80
CA PRO K 6 -61.07 -5.49 -41.90
C PRO K 6 -61.84 -5.36 -43.21
N THR K 7 -62.69 -6.34 -43.47
CA THR K 7 -63.58 -6.32 -44.63
C THR K 7 -65.02 -6.31 -44.17
N LEU K 8 -65.87 -5.64 -44.95
CA LEU K 8 -67.25 -5.41 -44.57
C LEU K 8 -68.16 -5.74 -45.74
N TRP K 9 -69.19 -6.56 -45.48
CA TRP K 9 -70.19 -6.90 -46.48
C TRP K 9 -71.49 -7.26 -45.79
N ALA K 10 -72.53 -7.45 -46.59
CA ALA K 10 -73.87 -7.76 -46.10
C ALA K 10 -74.41 -9.01 -46.78
N GLU K 11 -75.15 -9.80 -46.00
CA GLU K 11 -75.82 -10.99 -46.50
C GLU K 11 -77.30 -10.88 -46.16
N PRO K 12 -78.21 -11.16 -47.11
CA PRO K 12 -77.95 -11.65 -48.47
C PRO K 12 -77.39 -10.58 -49.42
N GLY K 13 -77.63 -9.31 -49.11
CA GLY K 13 -77.20 -8.25 -50.00
C GLY K 13 -77.21 -6.90 -49.31
N SER K 14 -76.63 -5.91 -49.99
CA SER K 14 -76.55 -4.55 -49.48
C SER K 14 -77.81 -3.75 -49.73
N VAL K 15 -78.63 -4.13 -50.70
CA VAL K 15 -79.91 -3.49 -50.99
C VAL K 15 -81.02 -4.47 -50.61
N ILE K 16 -81.84 -4.08 -49.63
CA ILE K 16 -82.81 -4.97 -49.00
C ILE K 16 -84.15 -4.26 -48.90
N SER K 17 -85.22 -4.94 -49.29
CA SER K 17 -86.54 -4.34 -49.21
C SER K 17 -86.99 -4.26 -47.75
N TRP K 18 -88.06 -3.48 -47.52
CA TRP K 18 -88.54 -3.21 -46.18
C TRP K 18 -88.99 -4.48 -45.48
N GLY K 19 -88.69 -4.56 -44.17
CA GLY K 19 -89.10 -5.67 -43.34
C GLY K 19 -88.26 -6.92 -43.46
N ASN K 20 -87.47 -7.06 -44.52
CA ASN K 20 -86.62 -8.24 -44.69
C ASN K 20 -85.42 -8.16 -43.75
N SER K 21 -84.59 -9.21 -43.79
CA SER K 21 -83.47 -9.35 -42.88
C SER K 21 -82.16 -9.22 -43.65
N VAL K 22 -81.22 -8.48 -43.05
CA VAL K 22 -79.86 -8.36 -43.55
C VAL K 22 -78.92 -8.52 -42.38
N THR K 23 -77.80 -9.20 -42.60
CA THR K 23 -76.79 -9.45 -41.58
C THR K 23 -75.47 -8.85 -42.04
N ILE K 24 -74.98 -7.86 -41.29
CA ILE K 24 -73.72 -7.20 -41.61
C ILE K 24 -72.57 -8.01 -41.04
N TRP K 25 -71.62 -8.38 -41.88
CA TRP K 25 -70.49 -9.21 -41.50
C TRP K 25 -69.20 -8.40 -41.57
N CYS K 26 -68.36 -8.56 -40.56
CA CYS K 26 -67.07 -7.89 -40.51
C CYS K 26 -66.01 -8.89 -40.10
N GLN K 27 -64.93 -8.95 -40.88
CA GLN K 27 -63.85 -9.91 -40.65
C GLN K 27 -62.57 -9.18 -40.25
N GLY K 28 -62.11 -9.44 -39.03
CA GLY K 28 -60.85 -8.88 -38.56
C GLY K 28 -59.74 -9.91 -38.56
N THR K 29 -59.20 -10.22 -37.38
CA THR K 29 -58.17 -11.24 -37.23
C THR K 29 -58.52 -12.12 -36.04
N LEU K 30 -57.83 -13.26 -35.95
CA LEU K 30 -58.09 -14.21 -34.86
C LEU K 30 -57.74 -13.65 -33.49
N GLU K 31 -56.89 -12.62 -33.43
CA GLU K 31 -56.50 -11.99 -32.18
C GLU K 31 -57.46 -10.88 -31.77
N ALA K 32 -58.55 -10.69 -32.50
CA ALA K 32 -59.47 -9.59 -32.23
C ALA K 32 -60.11 -9.75 -30.85
N ARG K 33 -60.24 -8.62 -30.15
CA ARG K 33 -60.85 -8.60 -28.82
C ARG K 33 -62.33 -8.23 -28.87
N GLU K 34 -62.69 -7.27 -29.72
CA GLU K 34 -64.09 -6.91 -29.90
C GLU K 34 -64.22 -6.10 -31.18
N TYR K 35 -65.43 -6.06 -31.72
CA TYR K 35 -65.70 -5.35 -32.96
C TYR K 35 -66.67 -4.20 -32.71
N ARG K 36 -66.72 -3.29 -33.67
CA ARG K 36 -67.65 -2.17 -33.62
C ARG K 36 -67.94 -1.71 -35.05
N LEU K 37 -69.04 -0.99 -35.20
CA LEU K 37 -69.52 -0.55 -36.50
C LEU K 37 -69.89 0.93 -36.39
N ASP K 38 -69.28 1.75 -37.25
CA ASP K 38 -69.52 3.19 -37.26
C ASP K 38 -70.37 3.56 -38.47
N LYS K 39 -71.50 4.20 -38.22
CA LYS K 39 -72.40 4.68 -39.26
C LYS K 39 -72.28 6.19 -39.38
N GLU K 40 -72.15 6.68 -40.61
CA GLU K 40 -72.17 8.12 -40.83
C GLU K 40 -73.52 8.69 -40.41
N GLU K 41 -73.52 9.99 -40.07
CA GLU K 41 -74.68 10.73 -39.58
C GLU K 41 -75.19 10.22 -38.25
N SER K 42 -74.43 9.38 -37.55
CA SER K 42 -74.85 8.84 -36.27
C SER K 42 -73.75 8.99 -35.25
N PRO K 43 -74.10 9.16 -33.97
CA PRO K 43 -73.08 9.20 -32.91
C PRO K 43 -72.27 7.92 -32.88
N ALA K 44 -70.96 8.03 -33.11
CA ALA K 44 -70.10 6.85 -33.15
C ALA K 44 -69.88 6.30 -31.74
N PRO K 45 -69.94 4.97 -31.56
CA PRO K 45 -70.23 3.98 -32.60
C PRO K 45 -71.70 3.58 -32.68
N TRP K 46 -72.07 2.90 -33.79
CA TRP K 46 -73.46 2.51 -33.98
C TRP K 46 -73.84 1.33 -33.09
N ASP K 47 -72.98 0.31 -33.03
CA ASP K 47 -73.12 -0.78 -32.07
C ASP K 47 -71.80 -1.53 -32.01
N ARG K 48 -71.48 -2.04 -30.82
CA ARG K 48 -70.30 -2.85 -30.61
C ARG K 48 -70.71 -4.29 -30.32
N GLN K 49 -69.97 -5.24 -30.88
CA GLN K 49 -70.26 -6.66 -30.72
C GLN K 49 -68.98 -7.40 -30.37
N ASN K 50 -69.10 -8.39 -29.47
CA ASN K 50 -67.99 -9.29 -29.20
C ASN K 50 -67.72 -10.16 -30.43
N PRO K 51 -66.51 -10.69 -30.56
CA PRO K 51 -66.21 -11.55 -31.71
C PRO K 51 -66.85 -12.92 -31.55
N LEU K 52 -67.07 -13.57 -32.69
CA LEU K 52 -67.58 -14.94 -32.72
C LEU K 52 -66.45 -15.90 -32.36
N GLU K 53 -66.68 -17.19 -32.54
CA GLU K 53 -65.64 -18.20 -32.29
C GLU K 53 -65.43 -19.00 -33.56
N PRO K 54 -64.30 -18.86 -34.26
CA PRO K 54 -63.13 -18.03 -33.91
C PRO K 54 -63.40 -16.53 -33.97
N LYS K 55 -62.50 -15.74 -33.37
CA LYS K 55 -62.65 -14.29 -33.31
C LYS K 55 -62.48 -13.61 -34.66
N ASN K 56 -62.31 -14.38 -35.74
CA ASN K 56 -62.09 -13.82 -37.06
C ASN K 56 -63.18 -12.84 -37.48
N LYS K 57 -64.43 -13.17 -37.18
CA LYS K 57 -65.57 -12.42 -37.73
C LYS K 57 -66.48 -11.97 -36.61
N ALA K 58 -67.14 -10.83 -36.83
CA ALA K 58 -68.26 -10.38 -36.02
C ALA K 58 -69.49 -10.22 -36.89
N ARG K 59 -70.65 -10.34 -36.26
CA ARG K 59 -71.93 -10.34 -36.96
C ARG K 59 -72.82 -9.25 -36.41
N PHE K 60 -73.39 -8.44 -37.30
CA PHE K 60 -74.31 -7.36 -36.94
C PHE K 60 -75.62 -7.65 -37.66
N SER K 61 -76.57 -8.24 -36.94
CA SER K 61 -77.80 -8.77 -37.53
C SER K 61 -78.94 -7.75 -37.43
N ILE K 62 -79.60 -7.51 -38.55
CA ILE K 62 -80.79 -6.65 -38.60
C ILE K 62 -81.99 -7.55 -38.88
N PRO K 63 -82.81 -7.88 -37.87
CA PRO K 63 -83.92 -8.82 -38.12
C PRO K 63 -84.93 -8.29 -39.12
N SER K 64 -85.45 -7.10 -38.89
CA SER K 64 -86.41 -6.47 -39.79
C SER K 64 -85.81 -5.16 -40.29
N MET K 65 -85.54 -5.09 -41.60
CA MET K 65 -84.91 -3.91 -42.19
C MET K 65 -85.89 -2.74 -42.22
N THR K 66 -85.52 -1.64 -41.56
CA THR K 66 -86.21 -0.36 -41.64
C THR K 66 -85.37 0.62 -42.44
N GLU K 67 -85.83 1.87 -42.50
CA GLU K 67 -85.04 2.93 -43.13
C GLU K 67 -84.07 3.60 -42.17
N ASP K 68 -84.20 3.34 -40.87
CA ASP K 68 -83.19 3.80 -39.91
C ASP K 68 -81.83 3.18 -40.20
N TYR K 69 -81.81 1.89 -40.56
CA TYR K 69 -80.58 1.14 -40.80
C TYR K 69 -79.96 1.46 -42.15
N ALA K 70 -80.64 2.20 -43.02
CA ALA K 70 -80.07 2.58 -44.29
C ALA K 70 -78.92 3.57 -44.11
N GLY K 71 -77.95 3.51 -45.01
CA GLY K 71 -76.83 4.43 -44.97
C GLY K 71 -75.48 3.82 -45.28
N ARG K 72 -74.43 4.36 -44.67
CA ARG K 72 -73.07 3.91 -44.89
C ARG K 72 -72.44 3.47 -43.58
N TYR K 73 -71.73 2.34 -43.63
CA TYR K 73 -71.16 1.72 -42.44
C TYR K 73 -69.65 1.51 -42.63
N ARG K 74 -68.94 1.63 -41.51
CA ARG K 74 -67.48 1.42 -41.42
C ARG K 74 -67.21 0.50 -40.22
N CYS K 75 -66.43 -0.55 -40.38
CA CYS K 75 -66.18 -1.49 -39.29
C CYS K 75 -64.77 -1.32 -38.75
N TYR K 76 -64.65 -1.45 -37.43
CA TYR K 76 -63.37 -1.45 -36.73
C TYR K 76 -63.28 -2.69 -35.86
N TYR K 77 -62.06 -3.21 -35.70
CA TYR K 77 -61.81 -4.24 -34.71
C TYR K 77 -60.68 -3.80 -33.80
N ARG K 78 -60.65 -4.41 -32.62
CA ARG K 78 -59.74 -4.02 -31.55
C ARG K 78 -58.77 -5.17 -31.29
N SER K 79 -57.53 -5.02 -31.76
CA SER K 79 -56.46 -5.92 -31.37
C SER K 79 -56.14 -5.68 -29.89
N PRO K 80 -55.34 -6.55 -29.26
CA PRO K 80 -54.93 -6.27 -27.88
C PRO K 80 -54.17 -4.95 -27.73
N VAL K 81 -53.67 -4.39 -28.82
CA VAL K 81 -52.95 -3.11 -28.79
C VAL K 81 -53.91 -1.94 -28.89
N GLY K 82 -54.83 -1.98 -29.85
CA GLY K 82 -55.78 -0.90 -30.00
C GLY K 82 -56.70 -1.13 -31.18
N TRP K 83 -57.44 -0.09 -31.54
CA TRP K 83 -58.37 -0.16 -32.66
C TRP K 83 -57.63 -0.02 -33.99
N SER K 84 -58.19 -0.64 -35.02
CA SER K 84 -57.55 -0.70 -36.33
C SER K 84 -58.07 0.41 -37.22
N GLN K 85 -57.51 0.49 -38.42
CA GLN K 85 -58.02 1.38 -39.45
C GLN K 85 -59.41 0.92 -39.88
N PRO K 86 -60.20 1.81 -40.49
CA PRO K 86 -61.54 1.41 -40.93
C PRO K 86 -61.51 0.60 -42.21
N SER K 87 -62.46 -0.33 -42.30
CA SER K 87 -62.69 -1.07 -43.53
C SER K 87 -63.19 -0.13 -44.62
N ASP K 88 -63.26 -0.64 -45.85
CA ASP K 88 -63.93 0.08 -46.91
C ASP K 88 -65.39 0.34 -46.50
N PRO K 89 -66.02 1.39 -47.04
CA PRO K 89 -67.41 1.67 -46.65
C PRO K 89 -68.38 0.67 -47.23
N LEU K 90 -69.46 0.43 -46.49
CA LEU K 90 -70.55 -0.45 -46.94
C LEU K 90 -71.84 0.34 -46.97
N GLU K 91 -72.39 0.53 -48.17
CA GLU K 91 -73.67 1.21 -48.33
C GLU K 91 -74.80 0.21 -48.17
N LEU K 92 -75.81 0.58 -47.39
CA LEU K 92 -76.97 -0.26 -47.11
C LEU K 92 -78.21 0.47 -47.57
N VAL K 93 -78.77 0.07 -48.72
CA VAL K 93 -79.91 0.75 -49.33
C VAL K 93 -81.17 -0.03 -49.05
N MET K 94 -82.29 0.68 -48.91
CA MET K 94 -83.60 0.08 -48.72
C MET K 94 -84.48 0.32 -49.95
N THR K 95 -85.25 -0.70 -50.31
CA THR K 95 -86.16 -0.60 -51.44
C THR K 95 -87.56 -1.10 -51.08
N PRO L 2 3.35 21.10 52.42
CA PRO L 2 2.93 20.13 51.40
C PRO L 2 3.99 19.97 50.33
N LEU L 3 4.67 21.07 50.01
CA LEU L 3 5.84 21.03 49.16
C LEU L 3 7.07 20.84 50.05
N PRO L 4 7.62 19.62 50.11
CA PRO L 4 8.62 19.32 51.13
C PRO L 4 9.88 20.16 51.00
N LYS L 5 10.53 20.41 52.13
CA LYS L 5 11.74 21.26 52.16
C LYS L 5 12.96 20.49 51.63
N PRO L 6 13.78 21.13 50.78
CA PRO L 6 14.96 20.43 50.26
C PRO L 6 16.05 20.29 51.32
N THR L 7 16.98 19.39 51.02
CA THR L 7 18.17 19.16 51.84
C THR L 7 19.40 19.58 51.05
N LEU L 8 20.38 20.16 51.74
CA LEU L 8 21.56 20.73 51.11
C LEU L 8 22.79 20.29 51.88
N TRP L 9 23.71 19.60 51.20
CA TRP L 9 24.97 19.18 51.80
C TRP L 9 26.10 19.40 50.81
N ALA L 10 27.33 19.27 51.29
CA ALA L 10 28.52 19.49 50.49
C ALA L 10 29.39 18.24 50.48
N GLU L 11 30.31 18.20 49.51
CA GLU L 11 31.21 17.09 49.30
C GLU L 11 32.56 17.67 48.89
N PRO L 12 33.65 17.35 49.60
CA PRO L 12 33.67 16.42 50.74
C PRO L 12 33.13 17.00 52.05
N GLY L 13 33.16 18.31 52.21
CA GLY L 13 32.70 18.91 53.46
C GLY L 13 32.56 20.41 53.35
N SER L 14 31.92 20.98 54.38
CA SER L 14 31.64 22.41 54.43
C SER L 14 32.90 23.25 54.60
N VAL L 15 34.04 22.64 54.90
CA VAL L 15 35.32 23.33 55.01
C VAL L 15 36.20 22.85 53.87
N ILE L 16 36.63 23.78 53.02
CA ILE L 16 37.38 23.47 51.81
C ILE L 16 38.63 24.35 51.76
N SER L 17 39.79 23.73 51.60
CA SER L 17 41.02 24.49 51.44
C SER L 17 41.08 25.14 50.07
N TRP L 18 41.89 26.19 49.96
CA TRP L 18 42.01 26.93 48.71
C TRP L 18 42.57 26.05 47.61
N GLY L 19 41.92 26.07 46.44
CA GLY L 19 42.36 25.33 45.29
C GLY L 19 41.63 24.01 45.06
N ASN L 20 41.11 23.40 46.11
CA ASN L 20 40.44 22.11 45.97
C ASN L 20 39.02 22.28 45.44
N SER L 21 38.50 21.19 44.87
CA SER L 21 37.14 21.17 44.33
C SER L 21 36.15 20.76 45.40
N VAL L 22 35.00 21.43 45.40
CA VAL L 22 33.88 21.08 46.27
C VAL L 22 32.63 20.98 45.40
N THR L 23 31.80 19.97 45.67
CA THR L 23 30.58 19.71 44.94
C THR L 23 29.40 19.89 45.89
N ILE L 24 28.49 20.81 45.55
CA ILE L 24 27.31 21.06 46.36
C ILE L 24 26.15 20.24 45.79
N TRP L 25 25.52 19.43 46.64
CA TRP L 25 24.36 18.64 46.27
C TRP L 25 23.12 19.17 46.97
N CYS L 26 22.02 19.23 46.24
CA CYS L 26 20.72 19.55 46.79
C CYS L 26 19.74 18.47 46.38
N GLN L 27 18.78 18.17 47.26
CA GLN L 27 17.80 17.11 47.00
C GLN L 27 16.39 17.63 47.20
N GLY L 28 15.54 17.43 46.19
CA GLY L 28 14.14 17.80 46.25
C GLY L 28 13.21 16.62 46.00
N THR L 29 12.24 16.79 45.11
CA THR L 29 11.31 15.72 44.76
C THR L 29 11.64 15.17 43.38
N LEU L 30 11.02 14.03 43.05
CA LEU L 30 11.14 13.46 41.71
C LEU L 30 10.38 14.25 40.67
N GLU L 31 9.60 15.25 41.07
CA GLU L 31 8.85 16.09 40.15
C GLU L 31 9.49 17.46 39.93
N ALA L 32 10.68 17.67 40.49
CA ALA L 32 11.33 18.98 40.39
C ALA L 32 11.66 19.31 38.95
N ARG L 33 11.31 20.53 38.52
CA ARG L 33 11.60 20.94 37.16
C ARG L 33 13.01 21.47 37.00
N GLU L 34 13.54 22.13 38.03
CA GLU L 34 14.88 22.68 38.02
C GLU L 34 15.25 23.10 39.43
N TYR L 35 16.55 23.30 39.66
CA TYR L 35 17.07 23.68 40.95
C TYR L 35 17.80 25.00 40.87
N ARG L 36 17.97 25.66 42.01
CA ARG L 36 18.72 26.90 42.06
C ARG L 36 19.40 27.03 43.42
N LEU L 37 20.41 27.89 43.46
CA LEU L 37 21.16 28.18 44.67
C LEU L 37 21.10 29.69 44.89
N ASP L 38 20.66 30.09 46.08
CA ASP L 38 20.61 31.50 46.46
C ASP L 38 21.65 31.74 47.55
N LYS L 39 22.61 32.60 47.24
CA LYS L 39 23.71 32.91 48.16
C LYS L 39 23.45 34.24 48.85
N GLU L 40 23.70 34.27 50.16
CA GLU L 40 23.51 35.49 50.92
C GLU L 40 24.53 36.55 50.53
N GLU L 41 24.12 37.82 50.66
CA GLU L 41 24.89 39.01 50.31
C GLU L 41 25.13 39.12 48.82
N SER L 42 24.64 38.17 48.02
CA SER L 42 24.73 38.18 46.57
C SER L 42 23.33 38.17 45.97
N PRO L 43 23.15 38.78 44.79
CA PRO L 43 21.83 38.81 44.17
C PRO L 43 21.29 37.40 43.93
N ALA L 44 19.95 37.29 43.86
CA ALA L 44 19.43 35.98 43.55
C ALA L 44 19.00 35.91 42.10
N PRO L 45 19.13 34.74 41.44
CA PRO L 45 19.77 33.54 41.98
C PRO L 45 21.28 33.46 41.71
N TRP L 46 22.00 32.71 42.55
CA TRP L 46 23.44 32.56 42.38
C TRP L 46 23.76 31.62 41.21
N ASP L 47 23.05 30.50 41.12
CA ASP L 47 23.14 29.61 39.97
C ASP L 47 21.85 28.79 39.94
N ARG L 48 21.37 28.49 38.74
CA ARG L 48 20.24 27.58 38.56
C ARG L 48 20.69 26.39 37.72
N GLN L 49 20.24 25.20 38.09
CA GLN L 49 20.64 23.96 37.43
C GLN L 49 19.44 23.09 37.11
N ASN L 50 19.57 22.29 36.05
CA ASN L 50 18.57 21.31 35.68
C ASN L 50 18.67 20.09 36.59
N PRO L 51 17.58 19.35 36.76
CA PRO L 51 17.62 18.15 37.61
C PRO L 51 18.52 17.07 37.03
N LEU L 52 19.13 16.31 37.93
CA LEU L 52 19.87 15.11 37.57
C LEU L 52 18.88 14.01 37.16
N GLU L 53 19.39 12.81 36.90
CA GLU L 53 18.52 11.67 36.66
C GLU L 53 18.80 10.59 37.69
N PRO L 54 17.85 10.26 38.56
CA PRO L 54 16.51 10.86 38.65
C PRO L 54 16.47 12.31 39.17
N LYS L 55 15.29 12.94 39.06
CA LYS L 55 15.09 14.34 39.44
C LYS L 55 15.25 14.60 40.95
N ASN L 56 15.55 13.57 41.75
CA ASN L 56 15.66 13.74 43.20
C ASN L 56 16.58 14.87 43.58
N LYS L 57 17.69 15.05 42.85
CA LYS L 57 18.75 15.92 43.29
C LYS L 57 19.37 16.66 42.10
N ALA L 58 20.17 17.67 42.43
CA ALA L 58 20.92 18.47 41.46
C ALA L 58 22.35 18.60 41.94
N ARG L 59 23.20 19.11 41.05
CA ARG L 59 24.64 19.14 41.26
C ARG L 59 25.17 20.53 40.96
N PHE L 60 25.95 21.07 41.89
CA PHE L 60 26.64 22.34 41.72
C PHE L 60 28.11 22.13 42.05
N SER L 61 29.01 22.37 41.10
CA SER L 61 30.42 22.09 41.27
C SER L 61 31.23 23.39 41.33
N ILE L 62 32.17 23.43 42.27
CA ILE L 62 33.18 24.47 42.36
C ILE L 62 34.55 23.82 42.22
N PRO L 63 35.16 23.87 41.04
CA PRO L 63 36.38 23.08 40.81
C PRO L 63 37.59 23.59 41.56
N SER L 64 37.71 24.89 41.78
CA SER L 64 38.83 25.46 42.52
C SER L 64 38.24 26.48 43.49
N MET L 65 38.25 26.16 44.79
CA MET L 65 37.68 27.05 45.80
C MET L 65 38.39 28.38 45.81
N THR L 66 37.62 29.46 45.81
CA THR L 66 38.13 30.82 45.96
C THR L 66 37.38 31.51 47.10
N GLU L 67 37.73 32.78 47.33
CA GLU L 67 37.06 33.54 48.40
C GLU L 67 35.64 33.94 48.03
N ASP L 68 35.36 34.07 46.73
CA ASP L 68 34.01 34.45 46.30
C ASP L 68 33.00 33.39 46.69
N TYR L 69 33.35 32.10 46.51
CA TYR L 69 32.44 31.00 46.80
C TYR L 69 32.24 30.78 48.30
N ALA L 70 32.90 31.57 49.15
CA ALA L 70 32.67 31.49 50.58
C ALA L 70 31.36 32.17 50.94
N GLY L 71 30.69 31.64 51.97
CA GLY L 71 29.45 32.22 52.46
C GLY L 71 28.40 31.14 52.67
N ARG L 72 27.15 31.58 52.76
CA ARG L 72 26.03 30.70 53.05
C ARG L 72 25.18 30.51 51.80
N TYR L 73 24.68 29.28 51.61
CA TYR L 73 23.88 28.93 50.45
C TYR L 73 22.58 28.27 50.88
N ARG L 74 21.53 28.51 50.12
CA ARG L 74 20.27 27.81 50.29
C ARG L 74 19.80 27.31 48.94
N CYS L 75 19.10 26.18 48.96
CA CYS L 75 18.65 25.54 47.75
C CYS L 75 17.13 25.56 47.67
N TYR L 76 16.61 25.78 46.46
CA TYR L 76 15.19 25.68 46.17
C TYR L 76 15.03 24.78 44.96
N TYR L 77 13.91 24.07 44.88
CA TYR L 77 13.54 23.36 43.68
C TYR L 77 12.18 23.84 43.20
N ARG L 78 11.95 23.67 41.91
CA ARG L 78 10.76 24.16 41.24
C ARG L 78 9.85 22.97 40.93
N SER L 79 8.73 22.88 41.65
CA SER L 79 7.71 21.89 41.34
C SER L 79 6.92 22.36 40.13
N PRO L 80 6.05 21.51 39.56
CA PRO L 80 5.14 22.00 38.51
C PRO L 80 4.25 23.14 38.99
N VAL L 81 4.16 23.39 40.30
CA VAL L 81 3.28 24.40 40.85
C VAL L 81 4.04 25.68 41.20
N GLY L 82 5.27 25.56 41.66
CA GLY L 82 6.04 26.75 41.98
C GLY L 82 7.30 26.38 42.74
N TRP L 83 8.01 27.41 43.17
CA TRP L 83 9.27 27.20 43.88
C TRP L 83 9.04 26.68 45.30
N SER L 84 9.92 25.77 45.72
CA SER L 84 9.82 25.19 47.05
C SER L 84 10.14 26.24 48.10
N GLN L 85 10.15 25.81 49.35
CA GLN L 85 10.63 26.63 50.44
C GLN L 85 12.14 26.46 50.58
N PRO L 86 12.82 27.44 51.17
CA PRO L 86 14.29 27.35 51.26
C PRO L 86 14.75 26.22 52.18
N SER L 87 15.91 25.66 51.85
CA SER L 87 16.54 24.64 52.68
C SER L 87 17.33 25.29 53.82
N ASP L 88 17.78 24.45 54.75
CA ASP L 88 18.71 24.91 55.77
C ASP L 88 20.00 25.40 55.12
N PRO L 89 20.55 26.52 55.57
CA PRO L 89 21.74 27.07 54.94
C PRO L 89 22.92 26.10 55.01
N LEU L 90 23.90 26.32 54.13
CA LEU L 90 25.14 25.56 54.14
C LEU L 90 26.28 26.56 54.02
N GLU L 91 26.95 26.82 55.15
CA GLU L 91 28.08 27.75 55.14
C GLU L 91 29.28 27.07 54.51
N LEU L 92 29.89 27.77 53.56
CA LEU L 92 31.06 27.26 52.84
C LEU L 92 32.25 28.11 53.27
N VAL L 93 33.17 27.50 54.02
CA VAL L 93 34.30 28.19 54.61
C VAL L 93 35.57 27.75 53.91
N MET L 94 36.49 28.68 53.68
CA MET L 94 37.75 28.41 53.01
C MET L 94 38.90 28.53 54.00
N THR L 95 39.88 27.64 53.86
CA THR L 95 41.09 27.68 54.67
C THR L 95 42.30 28.06 53.81
#